data_5YTZ
# 
_entry.id   5YTZ 
# 
_audit_conform.dict_name       mmcif_pdbx.dic 
_audit_conform.dict_version    5.380 
_audit_conform.dict_location   http://mmcif.pdb.org/dictionaries/ascii/mmcif_pdbx.dic 
# 
loop_
_database_2.database_id 
_database_2.database_code 
_database_2.pdbx_database_accession 
_database_2.pdbx_DOI 
PDB   5YTZ         pdb_00005ytz 10.2210/pdb5ytz/pdb 
WWPDB D_1300005914 ?            ?                   
# 
_pdbx_database_status.status_code                     REL 
_pdbx_database_status.status_code_sf                  REL 
_pdbx_database_status.status_code_mr                  ? 
_pdbx_database_status.entry_id                        5YTZ 
_pdbx_database_status.recvd_initial_deposition_date   2017-11-20 
_pdbx_database_status.SG_entry                        N 
_pdbx_database_status.deposit_site                    PDBJ 
_pdbx_database_status.process_site                    PDBJ 
_pdbx_database_status.status_code_cs                  ? 
_pdbx_database_status.methods_development_category    ? 
_pdbx_database_status.pdb_format_compatible           Y 
_pdbx_database_status.status_code_nmr_data            ? 
# 
loop_
_audit_author.name 
_audit_author.pdbx_ordinal 
_audit_author.identifier_ORCID 
'Hou, M.H.' 1 ? 
'Wu, P.C.'  2 ? 
'Kao, Y.F.' 3 ? 
# 
_citation.abstract                  ? 
_citation.abstract_id_CAS           ? 
_citation.book_id_ISBN              ? 
_citation.book_publisher            ? 
_citation.book_publisher_city       ? 
_citation.book_title                ? 
_citation.coordinate_linkage        ? 
_citation.country                   UK 
_citation.database_id_Medline       ? 
_citation.details                   ? 
_citation.id                        primary 
_citation.journal_abbrev            'Nucleic Acids Res.' 
_citation.journal_id_ASTM           NARHAD 
_citation.journal_id_CSD            0389 
_citation.journal_id_ISSN           1362-4962 
_citation.journal_full              ? 
_citation.journal_issue             ? 
_citation.journal_volume            46 
_citation.language                  ? 
_citation.page_first                7396 
_citation.page_last                 7404 
_citation.title                     
'Cooperative recognition of T:T mismatch by echinomycin causes structural distortions in DNA duplex' 
_citation.year                      2018 
_citation.database_id_CSD           ? 
_citation.pdbx_database_id_DOI      10.1093/nar/gky345 
_citation.pdbx_database_id_PubMed   29741655 
_citation.unpublished_flag          ? 
# 
loop_
_citation_author.citation_id 
_citation_author.name 
_citation_author.ordinal 
_citation_author.identifier_ORCID 
primary 'Wu, P.C.'     1 ? 
primary 'Tzeng, S.L.'  2 ? 
primary 'Chang, C.K.'  3 ? 
primary 'Kao, Y.F.'    4 ? 
primary 'Waring, M.J.' 5 ? 
primary 'Hou, M.H.'    6 ? 
# 
_cell.entry_id           5YTZ 
_cell.length_a           41.759 
_cell.length_b           41.759 
_cell.length_c           138.415 
_cell.angle_alpha        90.00 
_cell.angle_beta         90.00 
_cell.angle_gamma        90.00 
_cell.Z_PDB              32 
_cell.pdbx_unique_axis   ? 
# 
_symmetry.entry_id                         5YTZ 
_symmetry.space_group_name_H-M             'I 41 2 2' 
_symmetry.pdbx_full_space_group_name_H-M   ? 
_symmetry.cell_setting                     ? 
_symmetry.Int_Tables_number                98 
# 
loop_
_entity.id 
_entity.type 
_entity.src_method 
_entity.pdbx_description 
_entity.formula_weight 
_entity.pdbx_number_of_molecules 
_entity.pdbx_ec 
_entity.pdbx_mutation 
_entity.pdbx_fragment 
_entity.details 
1 polymer     syn 
;DNA (5'-D(P*AP*CP*GP*TP*CP*GP*(UD))-3')
;
2178.280 2   ? ? ? ? 
2 polymer     nat Echinomycin                               809.008  2   ? ? ? ? 
3 non-polymer syn 'MANGANESE (II) ION'                      54.938   2   ? ? ? ? 
4 non-polymer syn 2-CARBOXYQUINOXALINE                      174.156  4   ? ? ? ? 
5 non-polymer syn 'POTASSIUM ION'                           39.098   1   ? ? ? ? 
6 water       nat water                                     18.015   100 ? ? ? ? 
# 
loop_
_entity_poly.entity_id 
_entity_poly.type 
_entity_poly.nstd_linkage 
_entity_poly.nstd_monomer 
_entity_poly.pdbx_seq_one_letter_code 
_entity_poly.pdbx_seq_one_letter_code_can 
_entity_poly.pdbx_strand_id 
_entity_poly.pdbx_target_identifier 
1 polydeoxyribonucleotide no yes '(DA)(DC)(DG)(DT)(DC)(DG)(BRU)'    ACGTCGU  A,B ? 
2 'polypeptide(L)'        no yes '(DSN)A(N2C)(MVA)(DSN)A(NCY)(MVA)' SAXVSAXV D,F ? 
# 
loop_
_entity_poly_seq.entity_id 
_entity_poly_seq.num 
_entity_poly_seq.mon_id 
_entity_poly_seq.hetero 
1 1 DA  n 
1 2 DC  n 
1 3 DG  n 
1 4 DT  n 
1 5 DC  n 
1 6 DG  n 
1 7 BRU n 
2 1 DSN n 
2 2 ALA n 
2 3 N2C n 
2 4 MVA n 
2 5 DSN n 
2 6 ALA n 
2 7 NCY n 
2 8 MVA n 
# 
_entity_src_nat.entity_id                  2 
_entity_src_nat.pdbx_src_id                1 
_entity_src_nat.pdbx_alt_source_flag       sample 
_entity_src_nat.pdbx_beg_seq_num           1 
_entity_src_nat.pdbx_end_seq_num           8 
_entity_src_nat.common_name                ? 
_entity_src_nat.pdbx_organism_scientific   'Streptomyces echinatus' 
_entity_src_nat.pdbx_ncbi_taxonomy_id      67293 
_entity_src_nat.genus                      ? 
_entity_src_nat.species                    ? 
_entity_src_nat.strain                     ? 
_entity_src_nat.tissue                     ? 
_entity_src_nat.tissue_fraction            ? 
_entity_src_nat.pdbx_secretion             ? 
_entity_src_nat.pdbx_fragment              ? 
_entity_src_nat.pdbx_variant               ? 
_entity_src_nat.pdbx_cell_line             ? 
_entity_src_nat.pdbx_atcc                  ? 
_entity_src_nat.pdbx_cellular_location     ? 
_entity_src_nat.pdbx_organ                 ? 
_entity_src_nat.pdbx_organelle             ? 
_entity_src_nat.pdbx_cell                  ? 
_entity_src_nat.pdbx_plasmid_name          ? 
_entity_src_nat.pdbx_plasmid_details       ? 
_entity_src_nat.details                    ? 
# 
_pdbx_entity_src_syn.entity_id              1 
_pdbx_entity_src_syn.pdbx_src_id            1 
_pdbx_entity_src_syn.pdbx_alt_source_flag   sample 
_pdbx_entity_src_syn.pdbx_beg_seq_num       1 
_pdbx_entity_src_syn.pdbx_end_seq_num       7 
_pdbx_entity_src_syn.organism_scientific    unidentified 
_pdbx_entity_src_syn.organism_common_name   ? 
_pdbx_entity_src_syn.ncbi_taxonomy_id       32644 
_pdbx_entity_src_syn.details                ? 
# 
loop_
_struct_ref.id 
_struct_ref.db_name 
_struct_ref.db_code 
_struct_ref.pdbx_db_accession 
_struct_ref.pdbx_db_isoform 
_struct_ref.entity_id 
_struct_ref.pdbx_seq_one_letter_code 
_struct_ref.pdbx_align_begin 
1 PDB 5YTZ 5YTZ     ? 1 ? 1 
2 NOR 5YTZ NOR01126 ? 2 ? 1 
# 
loop_
_struct_ref_seq.align_id 
_struct_ref_seq.ref_id 
_struct_ref_seq.pdbx_PDB_id_code 
_struct_ref_seq.pdbx_strand_id 
_struct_ref_seq.seq_align_beg 
_struct_ref_seq.pdbx_seq_align_beg_ins_code 
_struct_ref_seq.seq_align_end 
_struct_ref_seq.pdbx_seq_align_end_ins_code 
_struct_ref_seq.pdbx_db_accession 
_struct_ref_seq.db_align_beg 
_struct_ref_seq.pdbx_db_align_beg_ins_code 
_struct_ref_seq.db_align_end 
_struct_ref_seq.pdbx_db_align_end_ins_code 
_struct_ref_seq.pdbx_auth_seq_align_beg 
_struct_ref_seq.pdbx_auth_seq_align_end 
1 1 5YTZ A 1 ? 7 ? 5YTZ 1 ? 7 ? 1 7 
2 1 5YTZ B 1 ? 7 ? 5YTZ 1 ? 7 ? 1 7 
3 2 5YTZ D 1 ? 8 ? 5YTZ 1 ? 8 ? 1 8 
4 2 5YTZ F 1 ? 8 ? 5YTZ 1 ? 8 ? 1 8 
# 
loop_
_chem_comp.id 
_chem_comp.type 
_chem_comp.mon_nstd_flag 
_chem_comp.name 
_chem_comp.pdbx_synonyms 
_chem_comp.formula 
_chem_comp.formula_weight 
ALA 'L-peptide linking' y ALANINE                                    ? 'C3 H7 N O2'        89.093  
BRU 'DNA linking'       n "5-BROMO-2'-DEOXYURIDINE-5'-MONOPHOSPHATE" ? 'C9 H12 Br N2 O8 P' 387.078 
DA  'DNA linking'       y "2'-DEOXYADENOSINE-5'-MONOPHOSPHATE"       ? 'C10 H14 N5 O6 P'   331.222 
DC  'DNA linking'       y "2'-DEOXYCYTIDINE-5'-MONOPHOSPHATE"        ? 'C9 H14 N3 O7 P'    307.197 
DG  'DNA linking'       y "2'-DEOXYGUANOSINE-5'-MONOPHOSPHATE"       ? 'C10 H14 N5 O7 P'   347.221 
DSN 'D-peptide linking' . D-SERINE                                   ? 'C3 H7 N O3'        105.093 
DT  'DNA linking'       y "THYMIDINE-5'-MONOPHOSPHATE"               ? 'C10 H15 N2 O8 P'   322.208 
HOH non-polymer         . WATER                                      ? 'H2 O'              18.015  
K   non-polymer         . 'POTASSIUM ION'                            ? 'K 1'               39.098  
MN  non-polymer         . 'MANGANESE (II) ION'                       ? 'Mn 2'              54.938  
MVA 'L-peptide linking' n N-METHYLVALINE                             ? 'C6 H13 N O2'       131.173 
N2C 'L-peptide linking' . N,S-DIMETHYLCYSTEINE                       ? 'C5 H11 N O2 S'     149.211 
NCY 'L-peptide linking' . N-METHYLCYSTEINE                           ? 'C4 H9 N O2 S'      135.185 
QUI non-polymer         . 2-CARBOXYQUINOXALINE                       ? 'C9 H6 N2 O2'       174.156 
# 
_exptl.absorpt_coefficient_mu     ? 
_exptl.absorpt_correction_T_max   ? 
_exptl.absorpt_correction_T_min   ? 
_exptl.absorpt_correction_type    ? 
_exptl.absorpt_process_details    ? 
_exptl.entry_id                   5YTZ 
_exptl.crystals_number            1 
_exptl.details                    ? 
_exptl.method                     'X-RAY DIFFRACTION' 
_exptl.method_details             ? 
# 
_exptl_crystal.colour                      ? 
_exptl_crystal.density_diffrn              ? 
_exptl_crystal.density_Matthews            2.33 
_exptl_crystal.density_method              ? 
_exptl_crystal.density_percent_sol         52.86 
_exptl_crystal.description                 ? 
_exptl_crystal.F_000                       ? 
_exptl_crystal.id                          1 
_exptl_crystal.preparation                 ? 
_exptl_crystal.size_max                    ? 
_exptl_crystal.size_mid                    ? 
_exptl_crystal.size_min                    ? 
_exptl_crystal.size_rad                    ? 
_exptl_crystal.colour_lustre               ? 
_exptl_crystal.colour_modifier             ? 
_exptl_crystal.colour_primary              ? 
_exptl_crystal.density_meas                ? 
_exptl_crystal.density_meas_esd            ? 
_exptl_crystal.density_meas_gt             ? 
_exptl_crystal.density_meas_lt             ? 
_exptl_crystal.density_meas_temp           ? 
_exptl_crystal.density_meas_temp_esd       ? 
_exptl_crystal.density_meas_temp_gt        ? 
_exptl_crystal.density_meas_temp_lt        ? 
_exptl_crystal.pdbx_crystal_image_url      ? 
_exptl_crystal.pdbx_crystal_image_format   ? 
_exptl_crystal.pdbx_mosaicity              ? 
_exptl_crystal.pdbx_mosaicity_esd          ? 
# 
_exptl_crystal_grow.apparatus       ? 
_exptl_crystal_grow.atmosphere      ? 
_exptl_crystal_grow.crystal_id      1 
_exptl_crystal_grow.details         ? 
_exptl_crystal_grow.method          'VAPOR DIFFUSION, SITTING DROP' 
_exptl_crystal_grow.method_ref      ? 
_exptl_crystal_grow.pH              ? 
_exptl_crystal_grow.pressure        ? 
_exptl_crystal_grow.pressure_esd    ? 
_exptl_crystal_grow.seeding         ? 
_exptl_crystal_grow.seeding_ref     ? 
_exptl_crystal_grow.temp            293 
_exptl_crystal_grow.temp_details    ? 
_exptl_crystal_grow.temp_esd        ? 
_exptl_crystal_grow.time            ? 
_exptl_crystal_grow.pdbx_details    
;20mM MES (pH 6.0), 10mM MgCl2, 2mM spermine 4HCl, 2% 2-methyl-2,4-pentanediol (MPD), 10mM MnSO4 and 10mM KBr by equilibrating against 500 ul of 30% MPD reservoir solution.
;
_exptl_crystal_grow.pdbx_pH_range   ? 
# 
_diffrn.ambient_environment    ? 
_diffrn.ambient_temp           100 
_diffrn.ambient_temp_details   ? 
_diffrn.ambient_temp_esd       ? 
_diffrn.crystal_id             1 
_diffrn.crystal_support        ? 
_diffrn.crystal_treatment      ? 
_diffrn.details                ? 
_diffrn.id                     1 
_diffrn.ambient_pressure       ? 
_diffrn.ambient_pressure_esd   ? 
_diffrn.ambient_pressure_gt    ? 
_diffrn.ambient_pressure_lt    ? 
_diffrn.ambient_temp_gt        ? 
_diffrn.ambient_temp_lt        ? 
# 
_diffrn_detector.details                      ? 
_diffrn_detector.detector                     CCD 
_diffrn_detector.diffrn_id                    1 
_diffrn_detector.type                         'RAYONIX MX300-HS' 
_diffrn_detector.area_resol_mean              ? 
_diffrn_detector.dtime                        ? 
_diffrn_detector.pdbx_frames_total            ? 
_diffrn_detector.pdbx_collection_time_total   ? 
_diffrn_detector.pdbx_collection_date         2016-11-04 
# 
_diffrn_radiation.collimation                      ? 
_diffrn_radiation.diffrn_id                        1 
_diffrn_radiation.filter_edge                      ? 
_diffrn_radiation.inhomogeneity                    ? 
_diffrn_radiation.monochromator                    ? 
_diffrn_radiation.polarisn_norm                    ? 
_diffrn_radiation.polarisn_ratio                   ? 
_diffrn_radiation.probe                            ? 
_diffrn_radiation.type                             ? 
_diffrn_radiation.xray_symbol                      ? 
_diffrn_radiation.wavelength_id                    1 
_diffrn_radiation.pdbx_monochromatic_or_laue_m_l   M 
_diffrn_radiation.pdbx_wavelength_list             ? 
_diffrn_radiation.pdbx_wavelength                  ? 
_diffrn_radiation.pdbx_diffrn_protocol             'SINGLE WAVELENGTH' 
_diffrn_radiation.pdbx_analyzer                    ? 
_diffrn_radiation.pdbx_scattering_type             x-ray 
# 
_diffrn_radiation_wavelength.id           1 
_diffrn_radiation_wavelength.wavelength   0.92014 
_diffrn_radiation_wavelength.wt           1.0 
# 
_diffrn_source.current                     ? 
_diffrn_source.details                     ? 
_diffrn_source.diffrn_id                   1 
_diffrn_source.power                       ? 
_diffrn_source.size                        ? 
_diffrn_source.source                      SYNCHROTRON 
_diffrn_source.target                      ? 
_diffrn_source.type                        'NSRRC BEAMLINE TPS 05A' 
_diffrn_source.voltage                     ? 
_diffrn_source.take-off_angle              ? 
_diffrn_source.pdbx_wavelength_list        0.92014 
_diffrn_source.pdbx_wavelength             ? 
_diffrn_source.pdbx_synchrotron_beamline   'TPS 05A' 
_diffrn_source.pdbx_synchrotron_site       NSRRC 
# 
_reflns.pdbx_diffrn_id               1 
_reflns.pdbx_ordinal                 1 
_reflns.entry_id                     5YTZ 
_reflns.observed_criterion_sigma_I   ? 
_reflns.observed_criterion_sigma_F   ? 
_reflns.d_resolution_low             30.000 
_reflns.d_resolution_high            1.550 
_reflns.number_obs                   16665 
_reflns.number_all                   ? 
_reflns.percent_possible_obs         99.9 
_reflns.pdbx_Rmerge_I_obs            0.037 
_reflns.pdbx_Rsym_value              0.037 
_reflns.pdbx_netI_over_sigmaI        12.9000 
_reflns.B_iso_Wilson_estimate        9.93 
_reflns.pdbx_redundancy              17.30 
_reflns.pdbx_CC_half                 ? 
_reflns.pdbx_Rpim_I_all              ? 
_reflns.pdbx_Rrim_I_all              ? 
# 
_reflns_shell.pdbx_diffrn_id         1 
_reflns_shell.pdbx_ordinal           1 
_reflns_shell.d_res_high             1.55 
_reflns_shell.d_res_low              1.61 
_reflns_shell.percent_possible_all   99.9 
_reflns_shell.Rmerge_I_obs           0.141 
_reflns_shell.pdbx_Rsym_value        0.141 
_reflns_shell.meanI_over_sigI_obs    ? 
_reflns_shell.pdbx_redundancy        12.50 
_reflns_shell.number_measured_obs    ? 
_reflns_shell.number_unique_all      ? 
_reflns_shell.number_unique_obs      908 
_reflns_shell.pdbx_CC_half           ? 
_reflns_shell.pdbx_Rpim_I_all        ? 
_reflns_shell.pdbx_Rrim_I_all        ? 
# 
_refine.pdbx_refine_id                           'X-RAY DIFFRACTION' 
_refine.entry_id                                 5YTZ 
_refine.pdbx_diffrn_id                           1 
_refine.pdbx_TLS_residual_ADP_flag               ? 
_refine.ls_number_reflns_obs                     16665 
_refine.ls_number_reflns_all                     ? 
_refine.pdbx_ls_sigma_I                          ? 
_refine.pdbx_ls_sigma_F                          1.383 
_refine.pdbx_data_cutoff_high_absF               ? 
_refine.pdbx_data_cutoff_low_absF                ? 
_refine.pdbx_data_cutoff_high_rms_absF           ? 
_refine.ls_d_res_low                             27.16 
_refine.ls_d_res_high                            1.55 
_refine.ls_percent_reflns_obs                    98.4 
_refine.ls_R_factor_obs                          0.209 
_refine.ls_R_factor_all                          ? 
_refine.ls_R_factor_R_work                       0.206 
_refine.ls_R_factor_R_free                       0.235 
_refine.ls_R_factor_R_free_error                 ? 
_refine.ls_R_factor_R_free_error_details         ? 
_refine.ls_percent_reflns_R_free                 9.895 
_refine.ls_number_reflns_R_free                  1649 
_refine.ls_number_parameters                     ? 
_refine.ls_number_restraints                     ? 
_refine.occupancy_min                            ? 
_refine.occupancy_max                            ? 
_refine.correlation_coeff_Fo_to_Fc               ? 
_refine.correlation_coeff_Fo_to_Fc_free          ? 
_refine.B_iso_mean                               22.55 
_refine.aniso_B[1][1]                            ? 
_refine.aniso_B[2][2]                            ? 
_refine.aniso_B[3][3]                            ? 
_refine.aniso_B[1][2]                            ? 
_refine.aniso_B[1][3]                            ? 
_refine.aniso_B[2][3]                            ? 
_refine.solvent_model_details                    ? 
_refine.solvent_model_param_ksol                 ? 
_refine.solvent_model_param_bsol                 ? 
_refine.pdbx_solvent_vdw_probe_radii             1.11 
_refine.pdbx_solvent_ion_probe_radii             ? 
_refine.pdbx_solvent_shrinkage_radii             0.90 
_refine.pdbx_ls_cross_valid_method               'FREE R-VALUE' 
_refine.details                                  ? 
_refine.pdbx_starting_model                      3go3 
_refine.pdbx_method_to_determine_struct          'MOLECULAR REPLACEMENT' 
_refine.pdbx_isotropic_thermal_model             ? 
_refine.pdbx_stereochemistry_target_values       ? 
_refine.pdbx_stereochem_target_val_spec_case     ? 
_refine.pdbx_R_Free_selection_details            ? 
_refine.pdbx_overall_ESU_R                       ? 
_refine.pdbx_overall_ESU_R_Free                  ? 
_refine.overall_SU_ML                            0.139 
_refine.pdbx_overall_phase_error                 24.757 
_refine.overall_SU_B                             ? 
_refine.overall_SU_R_Cruickshank_DPI             ? 
_refine.pdbx_overall_SU_R_free_Cruickshank_DPI   ? 
_refine.pdbx_overall_SU_R_Blow_DPI               ? 
_refine.pdbx_overall_SU_R_free_Blow_DPI          ? 
# 
_refine_hist.pdbx_refine_id                   'X-RAY DIFFRACTION' 
_refine_hist.cycle_id                         LAST 
_refine_hist.pdbx_number_atoms_protein        106 
_refine_hist.pdbx_number_atoms_nucleic_acid   286 
_refine_hist.pdbx_number_atoms_ligand         51 
_refine_hist.number_atoms_solvent             100 
_refine_hist.number_atoms_total               543 
_refine_hist.d_res_high                       1.55 
_refine_hist.d_res_low                        27.16 
# 
loop_
_refine_ls_restr.type 
_refine_ls_restr.dev_ideal 
_refine_ls_restr.dev_ideal_target 
_refine_ls_restr.weight 
_refine_ls_restr.number 
_refine_ls_restr.pdbx_refine_id 
_refine_ls_restr.pdbx_restraint_function 
f_bond_d           0.008  ? ? 482 'X-RAY DIFFRACTION' ? 
f_angle_d          1.344  ? ? 680 'X-RAY DIFFRACTION' ? 
f_dihedral_angle_d 34.649 ? ? 178 'X-RAY DIFFRACTION' ? 
f_chiral_restr     0.079  ? ? 68  'X-RAY DIFFRACTION' ? 
f_plane_restr      0.007  ? ? 30  'X-RAY DIFFRACTION' ? 
# 
loop_
_refine_ls_shell.pdbx_refine_id 
_refine_ls_shell.pdbx_total_number_of_bins_used 
_refine_ls_shell.d_res_high 
_refine_ls_shell.d_res_low 
_refine_ls_shell.number_reflns_R_work 
_refine_ls_shell.R_factor_R_work 
_refine_ls_shell.percent_reflns_obs 
_refine_ls_shell.R_factor_R_free 
_refine_ls_shell.R_factor_R_free_error 
_refine_ls_shell.percent_reflns_R_free 
_refine_ls_shell.number_reflns_R_free 
_refine_ls_shell.number_reflns_all 
_refine_ls_shell.R_factor_all 
_refine_ls_shell.R_factor_obs 
_refine_ls_shell.number_reflns_obs 
'X-RAY DIFFRACTION' . 1.5517 1.5974  1112 0.2471 87.00  0.2714 . . 120 . . . . 
'X-RAY DIFFRACTION' . 1.5974 1.6489  1220 0.2332 95.00  0.2886 . . 136 . . . . 
'X-RAY DIFFRACTION' . 1.6489 1.7078  1240 0.2111 100.00 0.2348 . . 141 . . . . 
'X-RAY DIFFRACTION' . 1.7078 1.7762  1281 0.2427 100.00 0.2518 . . 131 . . . . 
'X-RAY DIFFRACTION' . 1.7762 1.8570  1270 0.2095 100.00 0.2307 . . 144 . . . . 
'X-RAY DIFFRACTION' . 1.8570 1.9549  1260 0.2166 100.00 0.2520 . . 148 . . . . 
'X-RAY DIFFRACTION' . 1.9549 2.0774  1280 0.2136 100.00 0.2298 . . 143 . . . . 
'X-RAY DIFFRACTION' . 2.0774 2.2377  1264 0.2128 100.00 0.2186 . . 134 . . . . 
'X-RAY DIFFRACTION' . 2.2377 2.4627  1283 0.2118 100.00 0.2644 . . 137 . . . . 
'X-RAY DIFFRACTION' . 2.4627 2.8188  1270 0.2078 100.00 0.2513 . . 139 . . . . 
'X-RAY DIFFRACTION' . 2.8188 3.5501  1260 0.1847 99.00  0.2222 . . 136 . . . . 
'X-RAY DIFFRACTION' . 3.5501 27.1635 1276 0.1884 100.00 0.2139 . . 140 . . . . 
# 
_struct.entry_id                     5YTZ 
_struct.title                        'Crystal structure of echinomycin-d(ACGTCGT)2 complex' 
_struct.pdbx_model_details           ? 
_struct.pdbx_formula_weight          ? 
_struct.pdbx_formula_weight_method   ? 
_struct.pdbx_model_type_details      ? 
_struct.pdbx_CASP_flag               N 
# 
_struct_keywords.entry_id        5YTZ 
_struct_keywords.text            
;Echinomycin, DNA intercalator, antibiotic, Echinomycin-DNA complex, mismatched base pairs, T-T mismatch, pyrimidine-pyrimidine base pairing, DNA mismatch repair (MMR), non-canonical duplex structure, ANTIBIOTIC-DNA complex
;
_struct_keywords.pdbx_keywords   ANTIBIOTIC/DNA 
# 
loop_
_struct_asym.id 
_struct_asym.pdbx_blank_PDB_chainid_flag 
_struct_asym.pdbx_modified 
_struct_asym.entity_id 
_struct_asym.details 
A N N 1 ? 
B N N 1 ? 
C N N 2 ? 
D N N 2 ? 
E N N 3 ? 
F N N 3 ? 
G N N 4 ? 
H N N 4 ? 
I N N 5 ? 
J N N 4 ? 
K N N 4 ? 
L N N 6 ? 
M N N 6 ? 
N N N 6 ? 
O N N 6 ? 
# 
loop_
_struct_conn.id 
_struct_conn.conn_type_id 
_struct_conn.pdbx_leaving_atom_flag 
_struct_conn.pdbx_PDB_id 
_struct_conn.ptnr1_label_asym_id 
_struct_conn.ptnr1_label_comp_id 
_struct_conn.ptnr1_label_seq_id 
_struct_conn.ptnr1_label_atom_id 
_struct_conn.pdbx_ptnr1_label_alt_id 
_struct_conn.pdbx_ptnr1_PDB_ins_code 
_struct_conn.pdbx_ptnr1_standard_comp_id 
_struct_conn.ptnr1_symmetry 
_struct_conn.ptnr2_label_asym_id 
_struct_conn.ptnr2_label_comp_id 
_struct_conn.ptnr2_label_seq_id 
_struct_conn.ptnr2_label_atom_id 
_struct_conn.pdbx_ptnr2_label_alt_id 
_struct_conn.pdbx_ptnr2_PDB_ins_code 
_struct_conn.ptnr1_auth_asym_id 
_struct_conn.ptnr1_auth_comp_id 
_struct_conn.ptnr1_auth_seq_id 
_struct_conn.ptnr2_auth_asym_id 
_struct_conn.ptnr2_auth_comp_id 
_struct_conn.ptnr2_auth_seq_id 
_struct_conn.ptnr2_symmetry 
_struct_conn.pdbx_ptnr3_label_atom_id 
_struct_conn.pdbx_ptnr3_label_seq_id 
_struct_conn.pdbx_ptnr3_label_comp_id 
_struct_conn.pdbx_ptnr3_label_asym_id 
_struct_conn.pdbx_ptnr3_label_alt_id 
_struct_conn.pdbx_ptnr3_PDB_ins_code 
_struct_conn.details 
_struct_conn.pdbx_dist_value 
_struct_conn.pdbx_value_order 
_struct_conn.pdbx_role 
covale1  covale both ? A DG  6 "O3'" ? ? ? 1_555 A BRU 7 P  ? ? A DG  6   A BRU 7   1_555  ? ? ? ? ? ? ?            1.606 ? ? 
covale2  covale both ? B DG  6 "O3'" ? ? ? 1_555 B BRU 7 P  ? ? B DG  6   B BRU 7   1_555  ? ? ? ? ? ? ?            1.604 ? ? 
covale3  covale both ? C DSN 1 C     ? ? ? 1_555 C ALA 2 N  ? ? D DSN 1   D ALA 2   1_555  ? ? ? ? ? ? ?            1.329 ? ? 
covale4  covale one  ? C DSN 1 OG    ? ? ? 1_555 C MVA 8 C  ? ? D DSN 1   D MVA 8   1_555  ? ? ? ? ? ? ?            1.376 ? ? 
covale5  covale both ? C DSN 1 N     ? ? ? 1_555 G QUI . C  ? ? D DSN 1   D QUI 101 1_555  ? ? ? ? ? ? ?            1.429 ? ? 
covale6  covale both ? C ALA 2 C     ? ? ? 1_555 C N2C 3 N  ? ? D ALA 2   D N2C 3   1_555  ? ? ? ? ? ? ?            1.312 ? ? 
covale7  covale both ? C N2C 3 C     ? ? ? 1_555 C MVA 4 N  ? ? D N2C 3   D MVA 4   1_555  ? ? ? ? ? ? ?            1.327 ? ? 
covale8  covale both ? C N2C 3 CB    ? ? ? 1_555 C NCY 7 SG ? ? D N2C 3   D NCY 7   1_555  ? ? ? ? ? ? ?            1.808 ? ? 
covale9  covale one  ? C MVA 4 C     ? ? ? 1_555 C DSN 5 OG ? ? D MVA 4   D DSN 5   1_555  ? ? ? ? ? ? ?            1.372 ? ? 
covale10 covale both ? C DSN 5 C     ? ? ? 1_555 C ALA 6 N  ? ? D DSN 5   D ALA 6   1_555  ? ? ? ? ? ? ?            1.331 ? ? 
covale11 covale both ? C DSN 5 N     ? ? ? 1_555 H QUI . C  ? ? D DSN 5   D QUI 102 1_555  ? ? ? ? ? ? ?            1.431 ? ? 
covale12 covale both ? C ALA 6 C     ? ? ? 1_555 C NCY 7 N  ? ? D ALA 6   D NCY 7   1_555  ? ? ? ? ? ? ?            1.369 ? ? 
covale13 covale both ? C NCY 7 C     ? ? ? 1_555 C MVA 8 N  ? ? D NCY 7   D MVA 8   1_555  ? ? ? ? ? ? ?            1.334 ? ? 
covale14 covale both ? D DSN 1 C     ? ? ? 1_555 D ALA 2 N  ? ? F DSN 1   F ALA 2   1_555  ? ? ? ? ? ? ?            1.325 ? ? 
covale15 covale one  ? D DSN 1 OG    ? ? ? 1_555 D MVA 8 C  ? ? F DSN 1   F MVA 8   1_555  ? ? ? ? ? ? ?            1.370 ? ? 
covale16 covale both ? D DSN 1 N     ? ? ? 1_555 J QUI . C  ? ? F DSN 1   F QUI 101 1_555  ? ? ? ? ? ? ?            1.429 ? ? 
covale17 covale both ? D ALA 2 C     ? ? ? 1_555 D N2C 3 N  ? ? F ALA 2   F N2C 3   1_555  ? ? ? ? ? ? ?            1.390 ? ? 
covale18 covale both ? D N2C 3 C     ? ? ? 1_555 D MVA 4 N  ? ? F N2C 3   F MVA 4   1_555  ? ? ? ? ? ? ?            1.337 ? ? 
covale19 covale both ? D N2C 3 CB    ? ? ? 1_555 D NCY 7 SG ? ? F N2C 3   F NCY 7   1_555  ? ? ? ? ? ? ?            1.807 ? ? 
covale20 covale one  ? D MVA 4 C     ? ? ? 1_555 D DSN 5 OG ? ? F MVA 4   F DSN 5   1_555  ? ? ? ? ? ? ?            1.370 ? ? 
covale21 covale both ? D DSN 5 C     ? ? ? 1_555 D ALA 6 N  ? ? F DSN 5   F ALA 6   1_555  ? ? ? ? ? ? ?            1.333 ? ? 
covale22 covale both ? D DSN 5 N     ? ? ? 1_555 K QUI . C  ? ? F DSN 5   F QUI 102 1_555  ? ? ? ? ? ? ?            1.429 ? ? 
covale23 covale both ? D ALA 6 C     ? ? ? 1_555 D NCY 7 N  ? ? F ALA 6   F NCY 7   1_555  ? ? ? ? ? ? ?            1.351 ? ? 
covale24 covale both ? D NCY 7 C     ? ? ? 1_555 D MVA 8 N  ? ? F NCY 7   F MVA 8   1_555  ? ? ? ? ? ? ?            1.332 ? ? 
metalc1  metalc ?    ? A DG  3 N7    ? ? ? 1_555 E MN  . MN ? ? A DG  3   A MN  101 1_555  ? ? ? ? ? ? ?            2.296 ? ? 
metalc2  metalc ?    ? A DG  3 N7    ? ? ? 1_555 E MN  . MN ? ? A DG  3   A MN  101 10_565 ? ? ? ? ? ? ?            2.295 ? ? 
metalc3  metalc ?    ? E MN  . MN    ? ? ? 1_555 L HOH . O  ? ? A MN  101 A HOH 205 1_555  ? ? ? ? ? ? ?            2.229 ? ? 
metalc4  metalc ?    ? E MN  . MN    ? ? ? 1_555 L HOH . O  ? ? A MN  101 A HOH 205 10_565 ? ? ? ? ? ? ?            2.228 ? ? 
metalc5  metalc ?    ? E MN  . MN    ? ? ? 1_555 L HOH . O  ? ? A MN  101 A HOH 210 1_555  ? ? ? ? ? ? ?            2.176 ? ? 
metalc6  metalc ?    ? E MN  . MN    ? ? ? 1_555 L HOH . O  ? ? A MN  101 A HOH 210 10_565 ? ? ? ? ? ? ?            2.176 ? ? 
metalc7  metalc ?    ? E MN  . MN    ? ? ? 1_555 L HOH . O  ? ? A MN  101 A HOH 221 1_555  ? ? ? ? ? ? ?            2.208 ? ? 
metalc8  metalc ?    ? E MN  . MN    ? ? ? 1_555 L HOH . O  ? ? A MN  101 A HOH 221 10_565 ? ? ? ? ? ? ?            2.208 ? ? 
metalc9  metalc ?    ? B DG  3 N7    ? ? ? 1_555 F MN  . MN ? ? B DG  3   B MN  101 1_555  ? ? ? ? ? ? ?            2.242 ? ? 
metalc10 metalc ?    ? B DG  3 N7    ? ? ? 1_555 F MN  . MN ? ? B DG  3   B MN  101 10_565 ? ? ? ? ? ? ?            2.241 ? ? 
metalc11 metalc ?    ? F MN  . MN    ? ? ? 1_555 M HOH . O  ? ? B MN  101 B HOH 214 1_555  ? ? ? ? ? ? ?            2.208 ? ? 
metalc12 metalc ?    ? F MN  . MN    ? ? ? 1_555 M HOH . O  ? ? B MN  101 B HOH 214 10_565 ? ? ? ? ? ? ?            2.208 ? ? 
metalc13 metalc ?    ? F MN  . MN    ? ? ? 1_555 O HOH . O  ? ? B MN  101 F HOH 206 1_555  ? ? ? ? ? ? ?            2.268 ? ? 
metalc14 metalc ?    ? F MN  . MN    ? ? ? 1_555 O HOH . O  ? ? B MN  101 F HOH 206 10_565 ? ? ? ? ? ? ?            2.268 ? ? 
metalc15 metalc ?    ? C N2C 3 O     ? ? ? 1_555 I K   . K  ? ? D N2C 3   D K   103 1_555  ? ? ? ? ? ? ?            2.801 ? ? 
metalc16 metalc ?    ? C N2C 3 O     ? ? ? 1_555 I K   . K  ? ? D N2C 3   D K   103 8_555  ? ? ? ? ? ? ?            2.801 ? ? 
metalc17 metalc ?    ? C MVA 4 O     ? ? ? 1_555 I K   . K  ? ? D MVA 4   D K   103 1_555  ? ? ? ? ? ? ?            2.751 ? ? 
metalc18 metalc ?    ? C MVA 4 O     ? ? ? 1_555 I K   . K  ? ? D MVA 4   D K   103 8_555  ? ? ? ? ? ? ?            2.751 ? ? 
metalc19 metalc ?    ? I K   . K     ? ? ? 1_555 N HOH . O  ? ? D K   103 D HOH 202 1_555  ? ? ? ? ? ? ?            3.196 ? ? 
metalc20 metalc ?    ? I K   . K     ? ? ? 1_555 N HOH . O  ? ? D K   103 D HOH 202 8_555  ? ? ? ? ? ? ?            3.196 ? ? 
metalc21 metalc ?    ? I K   . K     ? ? ? 1_555 N HOH . O  ? ? D K   103 D HOH 205 1_555  ? ? ? ? ? ? ?            2.907 ? ? 
metalc22 metalc ?    ? I K   . K     ? ? ? 1_555 N HOH . O  ? ? D K   103 D HOH 205 8_555  ? ? ? ? ? ? ?            2.907 ? ? 
hydrog1  hydrog ?    ? A DA  1 N1    ? ? ? 1_555 B BRU 7 N3 ? ? A DA  1   B BRU 7   1_555  ? ? ? ? ? ? WATSON-CRICK ?     ? ? 
hydrog2  hydrog ?    ? A DA  1 N6    ? ? ? 1_555 B BRU 7 O4 ? ? A DA  1   B BRU 7   1_555  ? ? ? ? ? ? WATSON-CRICK ?     ? ? 
hydrog3  hydrog ?    ? A DC  2 N3    ? ? ? 1_555 B DG  6 N1 ? ? A DC  2   B DG  6   1_555  ? ? ? ? ? ? WATSON-CRICK ?     ? ? 
hydrog4  hydrog ?    ? A DC  2 N4    ? ? ? 1_555 B DG  6 O6 ? ? A DC  2   B DG  6   1_555  ? ? ? ? ? ? WATSON-CRICK ?     ? ? 
hydrog5  hydrog ?    ? A DC  2 O2    ? ? ? 1_555 B DG  6 N2 ? ? A DC  2   B DG  6   1_555  ? ? ? ? ? ? WATSON-CRICK ?     ? ? 
hydrog6  hydrog ?    ? A DG  3 N1    ? ? ? 1_555 B DC  5 N3 ? ? A DG  3   B DC  5   1_555  ? ? ? ? ? ? WATSON-CRICK ?     ? ? 
hydrog7  hydrog ?    ? A DG  3 N2    ? ? ? 1_555 B DC  5 O2 ? ? A DG  3   B DC  5   1_555  ? ? ? ? ? ? WATSON-CRICK ?     ? ? 
hydrog8  hydrog ?    ? A DG  3 O6    ? ? ? 1_555 B DC  5 N4 ? ? A DG  3   B DC  5   1_555  ? ? ? ? ? ? WATSON-CRICK ?     ? ? 
hydrog9  hydrog ?    ? A DT  4 N3    ? ? ? 1_555 B DT  4 O2 ? ? A DT  4   B DT  4   1_555  ? ? ? ? ? ? TYPE_16_PAIR ?     ? ? 
hydrog10 hydrog ?    ? A DT  4 O4    ? ? ? 1_555 B DT  4 N3 ? ? A DT  4   B DT  4   1_555  ? ? ? ? ? ? TYPE_16_PAIR ?     ? ? 
hydrog11 hydrog ?    ? A DC  5 N3    ? ? ? 1_555 B DG  3 N1 ? ? A DC  5   B DG  3   1_555  ? ? ? ? ? ? WATSON-CRICK ?     ? ? 
hydrog12 hydrog ?    ? A DC  5 N4    ? ? ? 1_555 B DG  3 O6 ? ? A DC  5   B DG  3   1_555  ? ? ? ? ? ? WATSON-CRICK ?     ? ? 
hydrog13 hydrog ?    ? A DC  5 O2    ? ? ? 1_555 B DG  3 N2 ? ? A DC  5   B DG  3   1_555  ? ? ? ? ? ? WATSON-CRICK ?     ? ? 
hydrog14 hydrog ?    ? A DG  6 N1    ? ? ? 1_555 B DC  2 N3 ? ? A DG  6   B DC  2   1_555  ? ? ? ? ? ? WATSON-CRICK ?     ? ? 
hydrog15 hydrog ?    ? A DG  6 N2    ? ? ? 1_555 B DC  2 O2 ? ? A DG  6   B DC  2   1_555  ? ? ? ? ? ? WATSON-CRICK ?     ? ? 
hydrog16 hydrog ?    ? A DG  6 O6    ? ? ? 1_555 B DC  2 N4 ? ? A DG  6   B DC  2   1_555  ? ? ? ? ? ? WATSON-CRICK ?     ? ? 
hydrog17 hydrog ?    ? A BRU 7 N3    ? ? ? 1_555 B DA  1 N1 ? ? A BRU 7   B DA  1   1_555  ? ? ? ? ? ? WATSON-CRICK ?     ? ? 
hydrog18 hydrog ?    ? A BRU 7 O4    ? ? ? 1_555 B DA  1 N6 ? ? A BRU 7   B DA  1   1_555  ? ? ? ? ? ? WATSON-CRICK ?     ? ? 
# 
loop_
_struct_conn_type.id 
_struct_conn_type.criteria 
_struct_conn_type.reference 
covale ? ? 
metalc ? ? 
hydrog ? ? 
# 
loop_
_struct_site.id 
_struct_site.pdbx_evidence_code 
_struct_site.pdbx_auth_asym_id 
_struct_site.pdbx_auth_comp_id 
_struct_site.pdbx_auth_seq_id 
_struct_site.pdbx_auth_ins_code 
_struct_site.pdbx_num_residues 
_struct_site.details 
AC1 Software A MN  101 ? 8  'binding site for residue MN A 101'                 
AC2 Software B MN  101 ? 6  'binding site for residue MN B 101'                 
AC3 Software D K   103 ? 6  'binding site for residue K D 103'                  
AC4 Software D DSN 1   ? 10 'binding site for Di-peptide DSN D 1 and ALA D 2'   
AC5 Software D DSN 1   ? 10 'binding site for Di-peptide DSN D 1 and MVA D 8'   
AC6 Software D ALA 2   ? 14 'binding site for Di-peptide ALA D 2 and N2C D 3'   
AC7 Software D N2C 3   ? 13 'binding site for residues N2C D 3 and NCY D 7'     
AC8 Software D N2C 3   ? 13 'binding site for residues N2C D 3 and MVA D 4'     
AC9 Software D MVA 4   ? 13 'binding site for Di-peptide MVA D 4 and DSN D 5'   
AD1 Software D DSN 5   ? 10 'binding site for Di-peptide DSN D 5 and ALA D 6'   
AD2 Software D ALA 6   ? 10 'binding site for Di-peptide ALA D 6 and NCY D 7'   
AD3 Software D NCY 7   ? 8  'binding site for residues NCY D 7 and MVA D 8'     
AD4 Software D QUI 101 ? 11 'binding site for Di-peptide QUI D 101 and DSN D 1' 
AD5 Software D QUI 102 ? 10 'binding site for Di-peptide QUI D 102 and DSN D 5' 
AD6 Software F DSN 1   ? 11 'binding site for Di-peptide DSN F 1 and ALA F 2'   
AD7 Software F DSN 1   ? 13 'binding site for Di-peptide DSN F 1 and MVA F 8'   
AD8 Software F ALA 2   ? 10 'binding site for Di-peptide ALA F 2 and N2C F 3'   
AD9 Software F N2C 3   ? 10 'binding site for residues N2C F 3 and NCY F 7'     
AE1 Software F N2C 3   ? 8  'binding site for residues N2C F 3 and MVA F 4'     
AE2 Software F MVA 4   ? 10 'binding site for Di-peptide MVA F 4 and DSN F 5'   
AE3 Software F DSN 5   ? 11 'binding site for Di-peptide DSN F 5 and ALA F 6'   
AE4 Software F ALA 6   ? 12 'binding site for Di-peptide ALA F 6 and NCY F 7'   
AE5 Software F NCY 7   ? 13 'binding site for residues NCY F 7 and MVA F 8'     
AE6 Software F QUI 101 ? 10 'binding site for Di-peptide QUI F 101 and DSN F 1' 
AE7 Software F QUI 102 ? 10 'binding site for Di-peptide QUI F 102 and DSN F 5' 
# 
loop_
_struct_site_gen.id 
_struct_site_gen.site_id 
_struct_site_gen.pdbx_num_res 
_struct_site_gen.label_comp_id 
_struct_site_gen.label_asym_id 
_struct_site_gen.label_seq_id 
_struct_site_gen.pdbx_auth_ins_code 
_struct_site_gen.auth_comp_id 
_struct_site_gen.auth_asym_id 
_struct_site_gen.auth_seq_id 
_struct_site_gen.label_atom_id 
_struct_site_gen.label_alt_id 
_struct_site_gen.symmetry 
_struct_site_gen.details 
1   AC1 8  DG  A 3 ? DG  A 3   . ? 1_555  ? 
2   AC1 8  DG  A 3 ? DG  A 3   . ? 10_565 ? 
3   AC1 8  HOH L . ? HOH A 205 . ? 10_565 ? 
4   AC1 8  HOH L . ? HOH A 205 . ? 1_555  ? 
5   AC1 8  HOH L . ? HOH A 210 . ? 1_555  ? 
6   AC1 8  HOH L . ? HOH A 210 . ? 10_565 ? 
7   AC1 8  HOH L . ? HOH A 221 . ? 10_565 ? 
8   AC1 8  HOH L . ? HOH A 221 . ? 1_555  ? 
9   AC2 6  DG  B 3 ? DG  B 3   . ? 1_555  ? 
10  AC2 6  DG  B 3 ? DG  B 3   . ? 10_565 ? 
11  AC2 6  HOH M . ? HOH B 214 . ? 1_555  ? 
12  AC2 6  HOH M . ? HOH B 214 . ? 10_565 ? 
13  AC2 6  HOH O . ? HOH F 206 . ? 10_565 ? 
14  AC2 6  HOH O . ? HOH F 206 . ? 1_555  ? 
15  AC3 6  N2C C 3 ? N2C D 3   . ? 1_555  ? 
16  AC3 6  N2C C 3 ? N2C D 3   . ? 8_555  ? 
17  AC3 6  MVA C 4 ? MVA D 4   . ? 1_555  ? 
18  AC3 6  MVA C 4 ? MVA D 4   . ? 8_555  ? 
19  AC3 6  HOH N . ? HOH D 205 . ? 8_555  ? 
20  AC3 6  HOH N . ? HOH D 205 . ? 1_555  ? 
21  AC4 10 DG  B 6 ? DG  B 6   . ? 1_555  ? 
22  AC4 10 BRU B 7 ? BRU B 7   . ? 1_555  ? 
23  AC4 10 N2C C 3 ? N2C D 3   . ? 1_555  ? 
24  AC4 10 MVA C 4 ? MVA D 4   . ? 1_555  ? 
25  AC4 10 ALA C 6 ? ALA D 6   . ? 1_555  ? 
26  AC4 10 NCY C 7 ? NCY D 7   . ? 1_555  ? 
27  AC4 10 MVA C 8 ? MVA D 8   . ? 1_555  ? 
28  AC4 10 QUI G . ? QUI D 101 . ? 1_555  ? 
29  AC4 10 HOH N . ? HOH D 206 . ? 1_555  ? 
30  AC4 10 N2C D 3 ? N2C F 3   . ? 8_555  ? 
31  AC5 10 DC  A 2 ? DC  A 2   . ? 1_555  ? 
32  AC5 10 DG  B 6 ? DG  B 6   . ? 1_555  ? 
33  AC5 10 BRU B 7 ? BRU B 7   . ? 1_555  ? 
34  AC5 10 ALA C 2 ? ALA D 2   . ? 1_555  ? 
35  AC5 10 N2C C 3 ? N2C D 3   . ? 1_555  ? 
36  AC5 10 ALA C 6 ? ALA D 6   . ? 1_555  ? 
37  AC5 10 NCY C 7 ? NCY D 7   . ? 1_555  ? 
38  AC5 10 QUI G . ? QUI D 101 . ? 1_555  ? 
39  AC5 10 HOH N . ? HOH D 206 . ? 1_555  ? 
40  AC5 10 N2C D 3 ? N2C F 3   . ? 8_555  ? 
41  AC6 14 DG  B 6 ? DG  B 6   . ? 1_555  ? 
42  AC6 14 DSN C 1 ? DSN D 1   . ? 1_555  ? 
43  AC6 14 MVA C 4 ? MVA D 4   . ? 1_555  ? 
44  AC6 14 MVA C 4 ? MVA D 4   . ? 8_555  ? 
45  AC6 14 DSN C 5 ? DSN D 5   . ? 1_555  ? 
46  AC6 14 ALA C 6 ? ALA D 6   . ? 1_555  ? 
47  AC6 14 NCY C 7 ? NCY D 7   . ? 1_555  ? 
48  AC6 14 MVA C 8 ? MVA D 8   . ? 1_555  ? 
49  AC6 14 QUI G . ? QUI D 101 . ? 1_555  ? 
50  AC6 14 K   I . ? K   D 103 . ? 8_555  ? 
51  AC6 14 K   I . ? K   D 103 . ? 1_555  ? 
52  AC6 14 DSN D 1 ? DSN F 1   . ? 8_555  ? 
53  AC6 14 NCY D 7 ? NCY F 7   . ? 8_555  ? 
54  AC6 14 MVA D 8 ? MVA F 8   . ? 8_555  ? 
55  AC7 13 DSN C 1 ? DSN D 1   . ? 1_555  ? 
56  AC7 13 ALA C 2 ? ALA D 2   . ? 1_555  ? 
57  AC7 13 MVA C 4 ? MVA D 4   . ? 1_555  ? 
58  AC7 13 MVA C 4 ? MVA D 4   . ? 8_555  ? 
59  AC7 13 DSN C 5 ? DSN D 5   . ? 1_555  ? 
60  AC7 13 ALA C 6 ? ALA D 6   . ? 1_555  ? 
61  AC7 13 MVA C 8 ? MVA D 8   . ? 1_555  ? 
62  AC7 13 K   I . ? K   D 103 . ? 1_555  ? 
63  AC7 13 K   I . ? K   D 103 . ? 8_555  ? 
64  AC7 13 HOH N . ? HOH D 201 . ? 1_555  ? 
65  AC7 13 DSN D 1 ? DSN F 1   . ? 8_555  ? 
66  AC7 13 NCY D 7 ? NCY F 7   . ? 8_555  ? 
67  AC7 13 MVA D 8 ? MVA F 8   . ? 8_555  ? 
68  AC8 13 DT  B 4 ? DT  B 4   . ? 1_555  ? 
69  AC8 13 DSN C 1 ? DSN D 1   . ? 1_555  ? 
70  AC8 13 ALA C 2 ? ALA D 2   . ? 1_555  ? 
71  AC8 13 DSN C 5 ? DSN D 5   . ? 1_555  ? 
72  AC8 13 ALA C 6 ? ALA D 6   . ? 1_555  ? 
73  AC8 13 NCY C 7 ? NCY D 7   . ? 1_555  ? 
74  AC8 13 K   I . ? K   D 103 . ? 8_555  ? 
75  AC8 13 K   I . ? K   D 103 . ? 1_555  ? 
76  AC8 13 HOH N . ? HOH D 202 . ? 1_555  ? 
77  AC8 13 DSN D 1 ? DSN F 1   . ? 8_555  ? 
78  AC8 13 NCY D 7 ? NCY F 7   . ? 8_555  ? 
79  AC8 13 MVA D 8 ? MVA F 8   . ? 1_555  ? 
80  AC8 13 MVA D 8 ? MVA F 8   . ? 8_555  ? 
81  AC9 13 DG  A 3 ? DG  A 3   . ? 1_555  ? 
82  AC9 13 DT  A 4 ? DT  A 4   . ? 1_555  ? 
83  AC9 13 DT  B 4 ? DT  B 4   . ? 1_555  ? 
84  AC9 13 ALA C 2 ? ALA D 2   . ? 1_555  ? 
85  AC9 13 N2C C 3 ? N2C D 3   . ? 1_555  ? 
86  AC9 13 N2C C 3 ? N2C D 3   . ? 8_555  ? 
87  AC9 13 ALA C 6 ? ALA D 6   . ? 1_555  ? 
88  AC9 13 QUI H . ? QUI D 102 . ? 1_555  ? 
89  AC9 13 K   I . ? K   D 103 . ? 8_555  ? 
90  AC9 13 K   I . ? K   D 103 . ? 1_555  ? 
91  AC9 13 HOH N . ? HOH D 202 . ? 1_555  ? 
92  AC9 13 HOH N . ? HOH D 205 . ? 1_555  ? 
93  AC9 13 MVA D 8 ? MVA F 8   . ? 1_555  ? 
94  AD1 10 DG  A 3 ? DG  A 3   . ? 1_555  ? 
95  AD1 10 DT  A 4 ? DT  A 4   . ? 1_555  ? 
96  AD1 10 ALA C 2 ? ALA D 2   . ? 1_555  ? 
97  AD1 10 N2C C 3 ? N2C D 3   . ? 1_555  ? 
98  AD1 10 MVA C 4 ? MVA D 4   . ? 1_555  ? 
99  AD1 10 NCY C 7 ? NCY D 7   . ? 1_555  ? 
100 AD1 10 MVA C 8 ? MVA D 8   . ? 1_555  ? 
101 AD1 10 QUI H . ? QUI D 102 . ? 1_555  ? 
102 AD1 10 HOH N . ? HOH D 205 . ? 1_555  ? 
103 AD1 10 MVA D 8 ? MVA F 8   . ? 1_555  ? 
104 AD2 10 DG  A 3 ? DG  A 3   . ? 1_555  ? 
105 AD2 10 DSN C 1 ? DSN D 1   . ? 1_555  ? 
106 AD2 10 ALA C 2 ? ALA D 2   . ? 1_555  ? 
107 AD2 10 N2C C 3 ? N2C D 3   . ? 1_555  ? 
108 AD2 10 MVA C 4 ? MVA D 4   . ? 1_555  ? 
109 AD2 10 DSN C 5 ? DSN D 5   . ? 1_555  ? 
110 AD2 10 MVA C 8 ? MVA D 8   . ? 1_555  ? 
111 AD2 10 QUI H . ? QUI D 102 . ? 1_555  ? 
112 AD2 10 HOH N . ? HOH D 201 . ? 1_555  ? 
113 AD2 10 NCY D 7 ? NCY F 7   . ? 8_555  ? 
114 AD3 8  DC  A 2 ? DC  A 2   . ? 1_555  ? 
115 AD3 8  DG  B 6 ? DG  B 6   . ? 1_555  ? 
116 AD3 8  DSN C 1 ? DSN D 1   . ? 1_555  ? 
117 AD3 8  ALA C 2 ? ALA D 2   . ? 1_555  ? 
118 AD3 8  N2C C 3 ? N2C D 3   . ? 1_555  ? 
119 AD3 8  ALA C 6 ? ALA D 6   . ? 1_555  ? 
120 AD3 8  HOH N . ? HOH D 201 . ? 1_555  ? 
121 AD3 8  NCY D 7 ? NCY F 7   . ? 8_555  ? 
122 AD4 11 DA  A 1 ? DA  A 1   . ? 1_555  ? 
123 AD4 11 DC  A 2 ? DC  A 2   . ? 1_555  ? 
124 AD4 11 DG  B 6 ? DG  B 6   . ? 1_555  ? 
125 AD4 11 BRU B 7 ? BRU B 7   . ? 1_555  ? 
126 AD4 11 ALA C 2 ? ALA D 2   . ? 1_555  ? 
127 AD4 11 N2C C 3 ? N2C D 3   . ? 1_555  ? 
128 AD4 11 NCY C 7 ? NCY D 7   . ? 1_555  ? 
129 AD4 11 MVA C 8 ? MVA D 8   . ? 1_555  ? 
130 AD4 11 HOH N . ? HOH D 203 . ? 1_555  ? 
131 AD4 11 HOH N . ? HOH D 206 . ? 1_555  ? 
132 AD4 11 N2C D 3 ? N2C F 3   . ? 8_555  ? 
133 AD5 10 DG  A 3 ? DG  A 3   . ? 1_555  ? 
134 AD5 10 DT  A 4 ? DT  A 4   . ? 1_555  ? 
135 AD5 10 DT  B 4 ? DT  B 4   . ? 1_555  ? 
136 AD5 10 DC  B 5 ? DC  B 5   . ? 1_555  ? 
137 AD5 10 N2C C 3 ? N2C D 3   . ? 1_555  ? 
138 AD5 10 MVA C 4 ? MVA D 4   . ? 1_555  ? 
139 AD5 10 ALA C 6 ? ALA D 6   . ? 1_555  ? 
140 AD5 10 HOH N . ? HOH D 204 . ? 1_555  ? 
141 AD5 10 HOH N . ? HOH D 205 . ? 1_555  ? 
142 AD5 10 MVA D 8 ? MVA F 8   . ? 1_555  ? 
143 AD6 11 DC  B 2 ? DC  B 2   . ? 1_555  ? 
144 AD6 11 DG  B 3 ? DG  B 3   . ? 1_555  ? 
145 AD6 11 DT  B 4 ? DT  B 4   . ? 1_555  ? 
146 AD6 11 N2C C 3 ? N2C D 3   . ? 8_555  ? 
147 AD6 11 N2C D 3 ? N2C F 3   . ? 1_555  ? 
148 AD6 11 MVA D 4 ? MVA F 4   . ? 1_555  ? 
149 AD6 11 ALA D 6 ? ALA F 6   . ? 1_555  ? 
150 AD6 11 NCY D 7 ? NCY F 7   . ? 1_555  ? 
151 AD6 11 MVA D 8 ? MVA F 8   . ? 1_555  ? 
152 AD6 11 QUI J . ? QUI F 101 . ? 1_555  ? 
153 AD6 11 HOH O . ? HOH F 204 . ? 1_555  ? 
154 AD7 13 DT  A 4 ? DT  A 4   . ? 1_555  ? 
155 AD7 13 DC  A 5 ? DC  A 5   . ? 1_555  ? 
156 AD7 13 DG  B 3 ? DG  B 3   . ? 1_555  ? 
157 AD7 13 DT  B 4 ? DT  B 4   . ? 1_555  ? 
158 AD7 13 N2C C 3 ? N2C D 3   . ? 8_555  ? 
159 AD7 13 MVA C 4 ? MVA D 4   . ? 1_555  ? 
160 AD7 13 DSN C 5 ? DSN D 5   . ? 1_555  ? 
161 AD7 13 HOH N . ? HOH D 202 . ? 1_555  ? 
162 AD7 13 ALA D 2 ? ALA F 2   . ? 1_555  ? 
163 AD7 13 ALA D 6 ? ALA F 6   . ? 1_555  ? 
164 AD7 13 NCY D 7 ? NCY F 7   . ? 1_555  ? 
165 AD7 13 QUI J . ? QUI F 101 . ? 1_555  ? 
166 AD7 13 HOH O . ? HOH F 204 . ? 1_555  ? 
167 AD8 10 DC  B 2 ? DC  B 2   . ? 1_555  ? 
168 AD8 10 DG  B 3 ? DG  B 3   . ? 1_555  ? 
169 AD8 10 DSN C 1 ? DSN D 1   . ? 8_555  ? 
170 AD8 10 DSN D 1 ? DSN F 1   . ? 1_555  ? 
171 AD8 10 MVA D 4 ? MVA F 4   . ? 1_555  ? 
172 AD8 10 DSN D 5 ? DSN F 5   . ? 1_555  ? 
173 AD8 10 ALA D 6 ? ALA F 6   . ? 1_555  ? 
174 AD8 10 NCY D 7 ? NCY F 7   . ? 1_555  ? 
175 AD8 10 MVA D 8 ? MVA F 8   . ? 1_555  ? 
176 AD8 10 QUI J . ? QUI F 101 . ? 1_555  ? 
177 AD9 10 DSN C 1 ? DSN D 1   . ? 8_555  ? 
178 AD9 10 N2C C 3 ? N2C D 3   . ? 8_555  ? 
179 AD9 10 NCY C 7 ? NCY D 7   . ? 8_555  ? 
180 AD9 10 DSN D 1 ? DSN F 1   . ? 1_555  ? 
181 AD9 10 ALA D 2 ? ALA F 2   . ? 1_555  ? 
182 AD9 10 MVA D 4 ? MVA F 4   . ? 1_555  ? 
183 AD9 10 DSN D 5 ? DSN F 5   . ? 1_555  ? 
184 AD9 10 ALA D 6 ? ALA F 6   . ? 1_555  ? 
185 AD9 10 MVA D 8 ? MVA F 8   . ? 1_555  ? 
186 AD9 10 HOH O . ? HOH F 202 . ? 1_555  ? 
187 AE1 8  DG  A 6 ? DG  A 6   . ? 1_555  ? 
188 AE1 8  DA  B 1 ? DA  B 1   . ? 1_555  ? 
189 AE1 8  DC  B 2 ? DC  B 2   . ? 1_555  ? 
190 AE1 8  DSN C 1 ? DSN D 1   . ? 8_555  ? 
191 AE1 8  ALA D 2 ? ALA F 2   . ? 1_555  ? 
192 AE1 8  DSN D 5 ? DSN F 5   . ? 1_555  ? 
193 AE1 8  ALA D 6 ? ALA F 6   . ? 1_555  ? 
194 AE1 8  NCY D 7 ? NCY F 7   . ? 1_555  ? 
195 AE2 10 DG  A 6 ? DG  A 6   . ? 1_555  ? 
196 AE2 10 BRU A 7 ? BRU A 7   . ? 1_555  ? 
197 AE2 10 DA  B 1 ? DA  B 1   . ? 1_555  ? 
198 AE2 10 DC  B 2 ? DC  B 2   . ? 1_555  ? 
199 AE2 10 ALA D 2 ? ALA F 2   . ? 1_555  ? 
200 AE2 10 N2C D 3 ? N2C F 3   . ? 1_555  ? 
201 AE2 10 ALA D 6 ? ALA F 6   . ? 1_555  ? 
202 AE2 10 QUI K . ? QUI F 102 . ? 1_555  ? 
203 AE2 10 HOH O . ? HOH F 201 . ? 1_555  ? 
204 AE2 10 HOH O . ? HOH F 205 . ? 1_555  ? 
205 AE3 11 DC  A 5 ? DC  A 5   . ? 1_555  ? 
206 AE3 11 DG  A 6 ? DG  A 6   . ? 1_555  ? 
207 AE3 11 BRU A 7 ? BRU A 7   . ? 1_555  ? 
208 AE3 11 ALA D 2 ? ALA F 2   . ? 1_555  ? 
209 AE3 11 N2C D 3 ? N2C F 3   . ? 1_555  ? 
210 AE3 11 MVA D 4 ? MVA F 4   . ? 1_555  ? 
211 AE3 11 NCY D 7 ? NCY F 7   . ? 1_555  ? 
212 AE3 11 MVA D 8 ? MVA F 8   . ? 1_555  ? 
213 AE3 11 QUI K . ? QUI F 102 . ? 1_555  ? 
214 AE3 11 HOH O . ? HOH F 201 . ? 1_555  ? 
215 AE3 11 HOH O . ? HOH F 205 . ? 1_555  ? 
216 AE4 12 DC  A 5 ? DC  A 5   . ? 1_555  ? 
217 AE4 12 DG  A 6 ? DG  A 6   . ? 1_555  ? 
218 AE4 12 N2C C 3 ? N2C D 3   . ? 8_555  ? 
219 AE4 12 NCY C 7 ? NCY D 7   . ? 8_555  ? 
220 AE4 12 DSN D 1 ? DSN F 1   . ? 1_555  ? 
221 AE4 12 ALA D 2 ? ALA F 2   . ? 1_555  ? 
222 AE4 12 N2C D 3 ? N2C F 3   . ? 1_555  ? 
223 AE4 12 MVA D 4 ? MVA F 4   . ? 1_555  ? 
224 AE4 12 DSN D 5 ? DSN F 5   . ? 1_555  ? 
225 AE4 12 MVA D 8 ? MVA F 8   . ? 1_555  ? 
226 AE4 12 QUI K . ? QUI F 102 . ? 1_555  ? 
227 AE4 12 HOH O . ? HOH F 202 . ? 1_555  ? 
228 AE5 13 DT  A 4 ? DT  A 4   . ? 1_555  ? 
229 AE5 13 DC  A 5 ? DC  A 5   . ? 1_555  ? 
230 AE5 13 DG  B 3 ? DG  B 3   . ? 1_555  ? 
231 AE5 13 N2C C 3 ? N2C D 3   . ? 8_555  ? 
232 AE5 13 MVA C 4 ? MVA D 4   . ? 1_555  ? 
233 AE5 13 DSN C 5 ? DSN D 5   . ? 1_555  ? 
234 AE5 13 NCY C 7 ? NCY D 7   . ? 8_555  ? 
235 AE5 13 HOH N . ? HOH D 202 . ? 1_555  ? 
236 AE5 13 DSN D 1 ? DSN F 1   . ? 1_555  ? 
237 AE5 13 ALA D 2 ? ALA F 2   . ? 1_555  ? 
238 AE5 13 N2C D 3 ? N2C F 3   . ? 1_555  ? 
239 AE5 13 ALA D 6 ? ALA F 6   . ? 1_555  ? 
240 AE5 13 HOH O . ? HOH F 202 . ? 1_555  ? 
241 AE6 10 DT  A 4 ? DT  A 4   . ? 1_555  ? 
242 AE6 10 DC  A 5 ? DC  A 5   . ? 1_555  ? 
243 AE6 10 DG  B 3 ? DG  B 3   . ? 1_555  ? 
244 AE6 10 DT  B 4 ? DT  B 4   . ? 1_555  ? 
245 AE6 10 N2C C 3 ? N2C D 3   . ? 8_555  ? 
246 AE6 10 ALA D 2 ? ALA F 2   . ? 1_555  ? 
247 AE6 10 NCY D 7 ? NCY F 7   . ? 1_555  ? 
248 AE6 10 MVA D 8 ? MVA F 8   . ? 1_555  ? 
249 AE6 10 HOH O . ? HOH F 204 . ? 1_555  ? 
250 AE6 10 HOH O . ? HOH F 206 . ? 1_555  ? 
251 AE7 10 DG  A 6 ? DG  A 6   . ? 1_555  ? 
252 AE7 10 BRU A 7 ? BRU A 7   . ? 1_555  ? 
253 AE7 10 DA  B 1 ? DA  B 1   . ? 1_555  ? 
254 AE7 10 DC  B 2 ? DC  B 2   . ? 1_555  ? 
255 AE7 10 N2C D 3 ? N2C F 3   . ? 1_555  ? 
256 AE7 10 MVA D 4 ? MVA F 4   . ? 1_555  ? 
257 AE7 10 ALA D 6 ? ALA F 6   . ? 1_555  ? 
258 AE7 10 HOH O . ? HOH F 201 . ? 1_555  ? 
259 AE7 10 HOH O . ? HOH F 203 . ? 1_555  ? 
260 AE7 10 HOH O . ? HOH F 205 . ? 1_555  ? 
# 
_atom_sites.entry_id                    5YTZ 
_atom_sites.fract_transf_matrix[1][1]   -0.00663978 
_atom_sites.fract_transf_matrix[1][2]   -0.00664052 
_atom_sites.fract_transf_matrix[1][3]   -0.02202897 
_atom_sites.fract_transf_matrix[2][1]   0.01044824 
_atom_sites.fract_transf_matrix[2][2]   -0.02129776 
_atom_sites.fract_transf_matrix[2][3]   0.00327088 
_atom_sites.fract_transf_matrix[3][1]   -0.00618469 
_atom_sites.fract_transf_matrix[3][2]   -0.00262621 
_atom_sites.fract_transf_matrix[3][3]   0.00265579 
_atom_sites.fract_transf_vector[1]      -0.189409 
_atom_sites.fract_transf_vector[2]      0.321086 
_atom_sites.fract_transf_vector[3]      0.020767 
# 
loop_
_atom_type.symbol 
_atom_type.scat_dispersion_real 
_atom_type.scat_dispersion_imag 
_atom_type.scat_Cromer_Mann_a1 
_atom_type.scat_Cromer_Mann_a2 
_atom_type.scat_Cromer_Mann_b1 
_atom_type.scat_Cromer_Mann_b2 
_atom_type.scat_Cromer_Mann_c 
_atom_type.scat_source 
_atom_type.scat_dispersion_source 
BR  ? ? 25.79822 9.11301 1.35700  25.34896 0.0 
;2-Gaussian fit: Grosse-Kunstleve RW, Sauter NK, Adams PD: Newsletter of the IUCr Commission on Crystallographic Computing 2004, 3, 22-31.
;
? 
C   ? ? 3.54356  2.42580 25.62398 1.50364  0.0 
;2-Gaussian fit: Grosse-Kunstleve RW, Sauter NK, Adams PD: Newsletter of the IUCr Commission on Crystallographic Computing 2004, 3, 22-31.
;
? 
K   ? ? ?        ?       ?        ?        ?   ? ? 
K1+ ? ? 9.10364  8.85531 0.67653  14.62698 0.0 
;2-Gaussian fit: Grosse-Kunstleve RW, Sauter NK, Adams PD: Newsletter of the IUCr Commission on Crystallographic Computing 2004, 3, 22-31.
;
? 
MN  ? ? 20.23591 4.67902 2.76514  44.01191 0.0 
;2-Gaussian fit: Grosse-Kunstleve RW, Sauter NK, Adams PD: Newsletter of the IUCr Commission on Crystallographic Computing 2004, 3, 22-31.
;
? 
N   ? ? 4.01032  2.96436 19.97189 1.75589  0.0 
;2-Gaussian fit: Grosse-Kunstleve RW, Sauter NK, Adams PD: Newsletter of the IUCr Commission on Crystallographic Computing 2004, 3, 22-31.
;
? 
O   ? ? 4.49882  3.47563 15.80542 1.70748  0.0 
;2-Gaussian fit: Grosse-Kunstleve RW, Sauter NK, Adams PD: Newsletter of the IUCr Commission on Crystallographic Computing 2004, 3, 22-31.
;
? 
P   ? ? 9.51135  5.44231 1.42069  35.72801 0.0 
;2-Gaussian fit: Grosse-Kunstleve RW, Sauter NK, Adams PD: Newsletter of the IUCr Commission on Crystallographic Computing 2004, 3, 22-31.
;
? 
S   ? ? 9.55732  6.39887 1.23737  29.19336 0.0 
;2-Gaussian fit: Grosse-Kunstleve RW, Sauter NK, Adams PD: Newsletter of the IUCr Commission on Crystallographic Computing 2004, 3, 22-31.
;
? 
# 
loop_
_atom_site.group_PDB 
_atom_site.id 
_atom_site.type_symbol 
_atom_site.label_atom_id 
_atom_site.label_alt_id 
_atom_site.label_comp_id 
_atom_site.label_asym_id 
_atom_site.label_entity_id 
_atom_site.label_seq_id 
_atom_site.pdbx_PDB_ins_code 
_atom_site.Cartn_x 
_atom_site.Cartn_y 
_atom_site.Cartn_z 
_atom_site.occupancy 
_atom_site.B_iso_or_equiv 
_atom_site.pdbx_formal_charge 
_atom_site.auth_seq_id 
_atom_site.auth_comp_id 
_atom_site.auth_asym_id 
_atom_site.auth_atom_id 
_atom_site.pdbx_PDB_model_num 
ATOM   1   P  P     . DA  A 1 1 ? 14.318  -0.700  -15.517 1.00 82.46 ? 1   DA  A P     1 
ATOM   2   O  OP1   . DA  A 1 1 ? 14.831  0.373   -16.402 1.00 81.58 ? 1   DA  A OP1   1 
ATOM   3   O  OP2   . DA  A 1 1 ? 15.007  -2.011  -15.473 1.00 81.85 ? 1   DA  A OP2   1 
ATOM   4   O  "O5'" . DA  A 1 1 ? 14.205  -0.144  -14.018 1.00 50.82 ? 1   DA  A "O5'" 1 
ATOM   5   C  "C5'" . DA  A 1 1 ? 15.385  0.031   -13.248 1.00 30.69 ? 1   DA  A "C5'" 1 
ATOM   6   C  "C4'" . DA  A 1 1 ? 15.119  0.841   -11.989 1.00 22.95 ? 1   DA  A "C4'" 1 
ATOM   7   O  "O4'" . DA  A 1 1 ? 14.432  2.086   -12.318 1.00 23.14 ? 1   DA  A "O4'" 1 
ATOM   8   C  "C3'" . DA  A 1 1 ? 14.248  0.162   -10.944 1.00 23.51 ? 1   DA  A "C3'" 1 
ATOM   9   O  "O3'" . DA  A 1 1 ? 14.651  0.609   -9.671  1.00 27.55 ? 1   DA  A "O3'" 1 
ATOM   10  C  "C2'" . DA  A 1 1 ? 12.861  0.689   -11.292 1.00 14.28 ? 1   DA  A "C2'" 1 
ATOM   11  C  "C1'" . DA  A 1 1 ? 13.201  2.141   -11.615 1.00 16.30 ? 1   DA  A "C1'" 1 
ATOM   12  N  N9    . DA  A 1 1 ? 12.225  2.831   -12.460 1.00 16.62 ? 1   DA  A N9    1 
ATOM   13  C  C8    . DA  A 1 1 ? 11.774  2.447   -13.689 1.00 18.23 ? 1   DA  A C8    1 
ATOM   14  N  N7    . DA  A 1 1 ? 10.913  3.282   -14.222 1.00 19.57 ? 1   DA  A N7    1 
ATOM   15  C  C5    . DA  A 1 1 ? 10.804  4.288   -13.280 1.00 13.84 ? 1   DA  A C5    1 
ATOM   16  C  C6    . DA  A 1 1 ? 10.057  5.481   -13.244 1.00 14.50 ? 1   DA  A C6    1 
ATOM   17  N  N6    . DA  A 1 1 ? 9.235   5.865   -14.224 1.00 20.04 ? 1   DA  A N6    1 
ATOM   18  N  N1    . DA  A 1 1 ? 10.187  6.267   -12.152 1.00 17.30 ? 1   DA  A N1    1 
ATOM   19  C  C2    . DA  A 1 1 ? 11.003  5.877   -11.175 1.00 14.80 ? 1   DA  A C2    1 
ATOM   20  N  N3    . DA  A 1 1 ? 11.754  4.780   -11.101 1.00 15.85 ? 1   DA  A N3    1 
ATOM   21  C  C4    . DA  A 1 1 ? 11.607  4.025   -12.191 1.00 13.20 ? 1   DA  A C4    1 
ATOM   22  P  P     . DC  A 1 2 ? 14.591  -0.382  -8.419  1.00 21.86 ? 2   DC  A P     1 
ATOM   23  O  OP1   . DC  A 1 2 ? 15.203  0.321   -7.267  1.00 26.37 ? 2   DC  A OP1   1 
ATOM   24  O  OP2   . DC  A 1 2 ? 15.111  -1.695  -8.871  1.00 22.60 ? 2   DC  A OP2   1 
ATOM   25  O  "O5'" . DC  A 1 2 ? 13.025  -0.518  -8.151  1.00 24.78 ? 2   DC  A "O5'" 1 
ATOM   26  C  "C5'" . DC  A 1 2 ? 12.366  -1.760  -8.297  1.00 11.63 ? 2   DC  A "C5'" 1 
ATOM   27  C  "C4'" . DC  A 1 2 ? 11.139  -1.784  -7.402  1.00 12.10 ? 2   DC  A "C4'" 1 
ATOM   28  O  "O4'" . DC  A 1 2 ? 10.156  -0.865  -7.885  1.00 11.90 ? 2   DC  A "O4'" 1 
ATOM   29  C  "C3'" . DC  A 1 2 ? 10.419  -3.103  -7.344  1.00 14.59 ? 2   DC  A "C3'" 1 
ATOM   30  O  "O3'" . DC  A 1 2 ? 11.065  -3.886  -6.404  1.00 12.33 ? 2   DC  A "O3'" 1 
ATOM   31  C  "C2'" . DC  A 1 2 ? 9.011   -2.694  -6.882  1.00 12.93 ? 2   DC  A "C2'" 1 
ATOM   32  C  "C1'" . DC  A 1 2 ? 8.871   -1.275  -7.444  1.00 9.72  ? 2   DC  A "C1'" 1 
ATOM   33  N  N1    . DC  A 1 2 ? 7.941   -1.159  -8.603  1.00 9.54  ? 2   DC  A N1    1 
ATOM   34  C  C2    . DC  A 1 2 ? 7.069   -0.079  -8.692  1.00 9.25  ? 2   DC  A C2    1 
ATOM   35  O  O2    . DC  A 1 2 ? 7.053   0.753   -7.776  1.00 9.70  ? 2   DC  A O2    1 
ATOM   36  N  N3    . DC  A 1 2 ? 6.253   0.024   -9.765  1.00 9.29  ? 2   DC  A N3    1 
ATOM   37  C  C4    . DC  A 1 2 ? 6.304   -0.892  -10.732 1.00 9.63  ? 2   DC  A C4    1 
ATOM   38  N  N4    . DC  A 1 2 ? 5.486   -0.752  -11.781 1.00 13.27 ? 2   DC  A N4    1 
ATOM   39  C  C5    . DC  A 1 2 ? 7.203   -1.985  -10.669 1.00 10.53 ? 2   DC  A C5    1 
ATOM   40  C  C6    . DC  A 1 2 ? 7.998   -2.077  -9.602  1.00 9.87  ? 2   DC  A C6    1 
ATOM   41  P  P     . DG  A 1 3 ? 10.710  -5.432  -6.228  1.00 14.00 ? 3   DG  A P     1 
ATOM   42  O  OP1   . DG  A 1 3 ? 11.968  -6.088  -5.783  1.00 12.17 ? 3   DG  A OP1   1 
ATOM   43  O  OP2   . DG  A 1 3 ? 10.017  -5.917  -7.438  1.00 14.28 ? 3   DG  A OP2   1 
ATOM   44  O  "O5'" . DG  A 1 3 ? 9.630   -5.432  -5.056  1.00 12.50 ? 3   DG  A "O5'" 1 
ATOM   45  C  "C5'" . DG  A 1 3 ? 10.040  -5.053  -3.732  1.00 10.85 ? 3   DG  A "C5'" 1 
ATOM   46  C  "C4'" . DG  A 1 3 ? 8.827   -4.767  -2.890  1.00 12.52 ? 3   DG  A "C4'" 1 
ATOM   47  O  "O4'" . DG  A 1 3 ? 8.085   -3.690  -3.506  1.00 10.85 ? 3   DG  A "O4'" 1 
ATOM   48  C  "C3'" . DG  A 1 3 ? 7.876   -5.941  -2.775  1.00 10.79 ? 3   DG  A "C3'" 1 
ATOM   49  O  "O3'" . DG  A 1 3 ? 8.226   -6.676  -1.586  1.00 14.74 ? 3   DG  A "O3'" 1 
ATOM   50  C  "C2'" . DG  A 1 3 ? 6.503   -5.267  -2.692  1.00 9.79  ? 3   DG  A "C2'" 1 
ATOM   51  C  "C1'" . DG  A 1 3 ? 6.712   -3.978  -3.509  1.00 9.39  ? 3   DG  A "C1'" 1 
ATOM   52  N  N9    . DG  A 1 3 ? 6.263   -4.075  -4.896  1.00 9.05  ? 3   DG  A N9    1 
ATOM   53  C  C8    . DG  A 1 3 ? 6.347   -5.181  -5.723  1.00 14.06 ? 3   DG  A C8    1 
ATOM   54  N  N7    . DG  A 1 3 ? 5.868   -4.970  -6.925  1.00 9.03  ? 3   DG  A N7    1 
ATOM   55  C  C5    . DG  A 1 3 ? 5.442   -3.627  -6.885  1.00 8.70  ? 3   DG  A C5    1 
ATOM   56  C  C6    . DG  A 1 3 ? 4.823   -2.838  -7.885  1.00 8.65  ? 3   DG  A C6    1 
ATOM   57  O  O6    . DG  A 1 3 ? 4.516   -3.169  -9.044  1.00 8.87  ? 3   DG  A O6    1 
ATOM   58  N  N1    . DG  A 1 3 ? 4.537   -1.548  -7.435  1.00 8.47  ? 3   DG  A N1    1 
ATOM   59  C  C2    . DG  A 1 3 ? 4.837   -1.083  -6.179  1.00 8.39  ? 3   DG  A C2    1 
ATOM   60  N  N2    . DG  A 1 3 ? 4.496   0.201   -5.922  1.00 8.38  ? 3   DG  A N2    1 
ATOM   61  N  N3    . DG  A 1 3 ? 5.408   -1.809  -5.236  1.00 8.53  ? 3   DG  A N3    1 
ATOM   62  C  C4    . DG  A 1 3 ? 5.688   -3.073  -5.654  1.00 8.69  ? 3   DG  A C4    1 
ATOM   63  P  P     . DT  A 1 4 ? 7.288   -7.822  -0.966  1.00 19.64 ? 4   DT  A P     1 
ATOM   64  O  OP1   . DT  A 1 4 ? 8.189   -8.622  -0.094  1.00 20.08 ? 4   DT  A OP1   1 
ATOM   65  O  OP2   . DT  A 1 4 ? 6.559   -8.512  -2.055  1.00 37.79 ? 4   DT  A OP2   1 
ATOM   66  O  "O5'" . DT  A 1 4 ? 6.252   -7.017  -0.058  1.00 24.01 ? 4   DT  A "O5'" 1 
ATOM   67  C  "C5'" . DT  A 1 4 ? 6.736   -5.979  0.792   1.00 26.27 ? 4   DT  A "C5'" 1 
ATOM   68  C  "C4'" . DT  A 1 4 ? 5.615   -5.113  1.351   1.00 29.36 ? 4   DT  A "C4'" 1 
ATOM   69  O  "O4'" . DT  A 1 4 ? 4.698   -4.696  0.306   1.00 22.44 ? 4   DT  A "O4'" 1 
ATOM   70  C  "C3'" . DT  A 1 4 ? 4.762   -5.760  2.430   1.00 26.23 ? 4   DT  A "C3'" 1 
ATOM   71  O  "O3'" . DT  A 1 4 ? 4.544   -4.810  3.452   1.00 34.40 ? 4   DT  A "O3'" 1 
ATOM   72  C  "C2'" . DT  A 1 4 ? 3.465   -6.119  1.694   1.00 17.41 ? 4   DT  A "C2'" 1 
ATOM   73  C  "C1'" . DT  A 1 4 ? 3.369   -4.975  0.697   1.00 15.42 ? 4   DT  A "C1'" 1 
ATOM   74  N  N1    . DT  A 1 4 ? 2.613   -5.284  -0.534  1.00 11.50 ? 4   DT  A N1    1 
ATOM   75  C  C2    . DT  A 1 4 ? 1.651   -4.401  -0.950  1.00 9.37  ? 4   DT  A C2    1 
ATOM   76  O  O2    . DT  A 1 4 ? 1.356   -3.408  -0.332  1.00 12.10 ? 4   DT  A O2    1 
ATOM   77  N  N3    . DT  A 1 4 ? 1.022   -4.733  -2.111  1.00 8.91  ? 4   DT  A N3    1 
ATOM   78  C  C4    . DT  A 1 4 ? 1.273   -5.816  -2.909  1.00 8.87  ? 4   DT  A C4    1 
ATOM   79  O  O4    . DT  A 1 4 ? 0.650   -6.012  -3.943  1.00 10.50 ? 4   DT  A O4    1 
ATOM   80  C  C5    . DT  A 1 4 ? 2.306   -6.710  -2.429  1.00 9.34  ? 4   DT  A C5    1 
ATOM   81  C  C7    . DT  A 1 4 ? 2.662   -7.940  -3.214  1.00 12.31 ? 4   DT  A C7    1 
ATOM   82  C  C6    . DT  A 1 4 ? 2.933   -6.397  -1.283  1.00 11.52 ? 4   DT  A C6    1 
ATOM   83  P  P     . DC  A 1 5 ? 4.420   -5.297  4.969   1.00 30.29 ? 5   DC  A P     1 
ATOM   84  O  OP1   . DC  A 1 5 ? 4.125   -4.101  5.796   1.00 37.01 ? 5   DC  A OP1   1 
ATOM   85  O  OP2   . DC  A 1 5 ? 5.600   -6.139  5.285   1.00 32.27 ? 5   DC  A OP2   1 
ATOM   86  O  "O5'" . DC  A 1 5 ? 3.131   -6.242  4.930   1.00 28.10 ? 5   DC  A "O5'" 1 
ATOM   87  C  "C5'" . DC  A 1 5 ? 2.830   -7.068  6.024   1.00 28.88 ? 5   DC  A "C5'" 1 
ATOM   88  C  "C4'" . DC  A 1 5 ? 1.358   -6.991  6.361   1.00 19.12 ? 5   DC  A "C4'" 1 
ATOM   89  O  "O4'" . DC  A 1 5 ? 0.576   -7.234  5.183   1.00 15.87 ? 5   DC  A "O4'" 1 
ATOM   90  C  "C3'" . DC  A 1 5 ? 0.892   -8.041  7.341   1.00 18.38 ? 5   DC  A "C3'" 1 
ATOM   91  O  "O3'" . DC  A 1 5 ? 1.097   -7.570  8.651   1.00 29.17 ? 5   DC  A "O3'" 1 
ATOM   92  C  "C2'" . DC  A 1 5 ? -0.603  -8.183  7.016   1.00 22.55 ? 5   DC  A "C2'" 1 
ATOM   93  C  "C1'" . DC  A 1 5 ? -0.715  -7.670  5.575   1.00 15.02 ? 5   DC  A "C1'" 1 
ATOM   94  N  N1    . DC  A 1 5 ? -1.140  -8.695  4.594   1.00 14.42 ? 5   DC  A N1    1 
ATOM   95  C  C2    . DC  A 1 5 ? -2.093  -8.368  3.624   1.00 13.49 ? 5   DC  A C2    1 
ATOM   96  O  O2    . DC  A 1 5 ? -2.595  -7.227  3.624   1.00 13.19 ? 5   DC  A O2    1 
ATOM   97  N  N3    . DC  A 1 5 ? -2.431  -9.300  2.697   1.00 13.09 ? 5   DC  A N3    1 
ATOM   98  C  C4    . DC  A 1 5 ? -1.870  -10.512 2.739   1.00 19.29 ? 5   DC  A C4    1 
ATOM   99  N  N4    . DC  A 1 5 ? -2.240  -11.410 1.816   1.00 15.21 ? 5   DC  A N4    1 
ATOM   100 C  C5    . DC  A 1 5 ? -0.901  -10.861 3.724   1.00 15.13 ? 5   DC  A C5    1 
ATOM   101 C  C6    . DC  A 1 5 ? -0.560  -9.928  4.616   1.00 23.04 ? 5   DC  A C6    1 
ATOM   102 P  P     . DG  A 1 6 ? 1.079   -8.597  9.882   1.00 33.25 ? 6   DG  A P     1 
ATOM   103 O  OP1   . DG  A 1 6 ? 1.944   -8.021  10.930  1.00 41.33 ? 6   DG  A OP1   1 
ATOM   104 O  OP2   . DG  A 1 6 ? 1.377   -9.937  9.333   1.00 35.08 ? 6   DG  A OP2   1 
ATOM   105 O  "O5'" . DG  A 1 6 ? -0.448  -8.603  10.363  1.00 39.92 ? 6   DG  A "O5'" 1 
ATOM   106 C  "C5'" . DG  A 1 6 ? -1.022  -7.432  10.914  1.00 32.97 ? 6   DG  A "C5'" 1 
ATOM   107 C  "C4'" . DG  A 1 6 ? -2.509  -7.373  10.626  1.00 33.75 ? 6   DG  A "C4'" 1 
ATOM   108 O  "O4'" . DG  A 1 6 ? -2.768  -7.917  9.310   1.00 31.16 ? 6   DG  A "O4'" 1 
ATOM   109 C  "C3'" . DG  A 1 6 ? -3.406  -8.164  11.590  1.00 33.94 ? 6   DG  A "C3'" 1 
ATOM   110 O  "O3'" . DG  A 1 6 ? -4.555  -7.396  11.901  1.00 47.00 ? 6   DG  A "O3'" 1 
ATOM   111 C  "C2'" . DG  A 1 6 ? -3.794  -9.386  10.765  1.00 26.90 ? 6   DG  A "C2'" 1 
ATOM   112 C  "C1'" . DG  A 1 6 ? -3.885  -8.753  9.387   1.00 29.94 ? 6   DG  A "C1'" 1 
ATOM   113 N  N9    . DG  A 1 6 ? -3.852  -9.700  8.282   1.00 30.79 ? 6   DG  A N9    1 
ATOM   114 C  C8    . DG  A 1 6 ? -3.365  -10.984 8.304   1.00 34.28 ? 6   DG  A C8    1 
ATOM   115 N  N7    . DG  A 1 6 ? -3.479  -11.600 7.163   1.00 30.82 ? 6   DG  A N7    1 
ATOM   116 C  C5    . DG  A 1 6 ? -4.078  -10.666 6.327   1.00 29.68 ? 6   DG  A C5    1 
ATOM   117 C  C6    . DG  A 1 6 ? -4.457  -10.768 4.968   1.00 16.06 ? 6   DG  A C6    1 
ATOM   118 O  O6    . DG  A 1 6 ? -4.320  -11.737 4.202   1.00 21.57 ? 6   DG  A O6    1 
ATOM   119 N  N1    . DG  A 1 6 ? -5.044  -9.585  4.503   1.00 18.04 ? 6   DG  A N1    1 
ATOM   120 C  C2    . DG  A 1 6 ? -5.234  -8.456  5.263   1.00 23.28 ? 6   DG  A C2    1 
ATOM   121 N  N2    . DG  A 1 6 ? -5.812  -7.417  4.653   1.00 16.43 ? 6   DG  A N2    1 
ATOM   122 N  N3    . DG  A 1 6 ? -4.885  -8.354  6.533   1.00 20.52 ? 6   DG  A N3    1 
ATOM   123 C  C4    . DG  A 1 6 ? -4.320  -9.494  7.000   1.00 28.63 ? 6   DG  A C4    1 
HETATM 124 N  N1    . BRU A 1 7 ? -9.325  -8.202  11.320  1.00 24.80 ? 7   BRU A N1    1 
HETATM 125 C  C2    . BRU A 1 7 ? -10.007 -8.771  10.339  1.00 28.95 ? 7   BRU A C2    1 
HETATM 126 N  N3    . BRU A 1 7 ? -9.830  -10.039 10.014  1.00 28.56 ? 7   BRU A N3    1 
HETATM 127 C  C4    . BRU A 1 7 ? -8.961  -10.801 10.654  1.00 36.38 ? 7   BRU A C4    1 
HETATM 128 C  C5    . BRU A 1 7 ? -8.230  -10.221 11.677  1.00 34.42 ? 7   BRU A C5    1 
HETATM 129 C  C6    . BRU A 1 7 ? -8.423  -8.883  11.998  1.00 25.72 ? 7   BRU A C6    1 
HETATM 130 O  O2    . BRU A 1 7 ? -10.791 -8.145  9.739   1.00 26.52 ? 7   BRU A O2    1 
HETATM 131 O  O4    . BRU A 1 7 ? -8.810  -11.939 10.348  1.00 31.66 ? 7   BRU A O4    1 
HETATM 132 BR BR    . BRU A 1 7 ? -6.929  -11.246 12.682  1.00 53.88 ? 7   BRU A BR    1 
HETATM 133 C  "C1'" . BRU A 1 7 ? -9.518  -6.904  11.619  1.00 36.31 ? 7   BRU A "C1'" 1 
HETATM 134 C  "C2'" . BRU A 1 7 ? -9.625  -6.664  13.160  1.00 47.36 ? 7   BRU A "C2'" 1 
HETATM 135 C  "C3'" . BRU A 1 7 ? -8.632  -5.969  13.477  1.00 44.11 ? 7   BRU A "C3'" 1 
HETATM 136 C  "C4'" . BRU A 1 7 ? -8.064  -5.260  12.087  1.00 33.68 ? 7   BRU A "C4'" 1 
HETATM 137 O  "O3'" . BRU A 1 7 ? -9.006  -4.931  14.460  1.00 60.76 ? 7   BRU A "O3'" 1 
HETATM 138 O  "O4'" . BRU A 1 7 ? -8.300  -6.084  11.168  1.00 34.74 ? 7   BRU A "O4'" 1 
HETATM 139 C  "C5'" . BRU A 1 7 ? -6.564  -5.079  12.219  1.00 32.49 ? 7   BRU A "C5'" 1 
HETATM 140 O  "O5'" . BRU A 1 7 ? -6.142  -5.935  13.255  1.00 44.56 ? 7   BRU A "O5'" 1 
HETATM 141 P  P     . BRU A 1 7 ? -4.604  -6.481  13.220  1.00 50.31 ? 7   BRU A P     1 
HETATM 142 O  OP1   . BRU A 1 7 ? -3.632  -5.326  13.076  1.00 55.65 ? 7   BRU A OP1   1 
HETATM 143 O  OP2   . BRU A 1 7 ? -4.279  -7.305  14.441  1.00 61.90 ? 7   BRU A OP2   1 
ATOM   144 P  P     . DA  B 1 1 ? -13.481 -16.048 2.678   1.00 82.79 ? 1   DA  B P     1 
ATOM   145 O  OP1   . DA  B 1 1 ? -14.788 -16.737 2.797   1.00 87.11 ? 1   DA  B OP1   1 
ATOM   146 O  OP2   . DA  B 1 1 ? -12.357 -16.723 1.992   1.00 80.77 ? 1   DA  B OP2   1 
ATOM   147 O  "O5'" . DA  B 1 1 ? -13.675 -14.601 2.014   1.00 71.04 ? 1   DA  B "O5'" 1 
ATOM   148 C  "C5'" . DA  B 1 1 ? -14.984 -14.126 1.698   1.00 65.96 ? 1   DA  B "C5'" 1 
ATOM   149 C  "C4'" . DA  B 1 1 ? -15.056 -12.606 1.770   1.00 63.72 ? 1   DA  B "C4'" 1 
ATOM   150 O  "O4'" . DA  B 1 1 ? -14.743 -12.166 3.115   1.00 53.83 ? 1   DA  B "O4'" 1 
ATOM   151 C  "C3'" . DA  B 1 1 ? -14.093 -11.855 0.860   1.00 56.41 ? 1   DA  B "C3'" 1 
ATOM   152 O  "O3'" . DA  B 1 1 ? -14.656 -10.600 0.484   1.00 59.11 ? 1   DA  B "O3'" 1 
ATOM   153 C  "C2'" . DA  B 1 1 ? -12.871 -11.670 1.749   1.00 48.50 ? 1   DA  B "C2'" 1 
ATOM   154 C  "C1'" . DA  B 1 1 ? -13.505 -11.483 3.127   1.00 53.55 ? 1   DA  B "C1'" 1 
ATOM   155 N  N9    . DA  B 1 1 ? -12.697 -12.029 4.208   1.00 46.99 ? 1   DA  B N9    1 
ATOM   156 C  C8    . DA  B 1 1 ? -12.241 -13.312 4.336   1.00 37.80 ? 1   DA  B C8    1 
ATOM   157 N  N7    . DA  B 1 1 ? -11.528 -13.510 5.418   1.00 32.22 ? 1   DA  B N7    1 
ATOM   158 C  C5    . DA  B 1 1 ? -11.516 -12.276 6.034   1.00 21.06 ? 1   DA  B C5    1 
ATOM   159 C  C6    . DA  B 1 1 ? -10.928 -11.816 7.229   1.00 20.32 ? 1   DA  B C6    1 
ATOM   160 N  N6    . DA  B 1 1 ? -10.209 -12.603 8.042   1.00 28.94 ? 1   DA  B N6    1 
ATOM   161 N  N1    . DA  B 1 1 ? -11.110 -10.529 7.557   1.00 19.94 ? 1   DA  B N1    1 
ATOM   162 C  C2    . DA  B 1 1 ? -11.827 -9.745  6.742   1.00 22.19 ? 1   DA  B C2    1 
ATOM   163 N  N3    . DA  B 1 1 ? -12.429 -10.061 5.598   1.00 28.76 ? 1   DA  B N3    1 
ATOM   164 C  C4    . DA  B 1 1 ? -12.231 -11.352 5.298   1.00 21.07 ? 1   DA  B C4    1 
ATOM   165 P  P     . DC  B 1 2 ? -14.499 -10.063 -1.024  1.00 60.44 ? 2   DC  B P     1 
ATOM   166 O  OP1   . DC  B 1 2 ? -15.780 -9.442  -1.435  1.00 67.05 ? 2   DC  B OP1   1 
ATOM   167 O  OP2   . DC  B 1 2 ? -13.897 -11.159 -1.810  1.00 44.71 ? 2   DC  B OP2   1 
ATOM   168 O  "O5'" . DC  B 1 2 ? -13.375 -8.935  -0.918  1.00 57.77 ? 2   DC  B "O5'" 1 
ATOM   169 C  "C5'" . DC  B 1 2 ? -12.039 -9.324  -0.725  1.00 43.35 ? 2   DC  B "C5'" 1 
ATOM   170 C  "C4'" . DC  B 1 2 ? -11.108 -8.135  -0.744  1.00 17.89 ? 2   DC  B "C4'" 1 
ATOM   171 O  "O4'" . DC  B 1 2 ? -10.206 -8.264  0.367   1.00 22.67 ? 2   DC  B "O4'" 1 
ATOM   172 C  "C3'" . DC  B 1 2 ? -10.252 -8.057  -2.005  1.00 21.15 ? 2   DC  B "C3'" 1 
ATOM   173 O  "O3'" . DC  B 1 2 ? -10.788 -7.063  -2.889  1.00 32.89 ? 2   DC  B "O3'" 1 
ATOM   174 C  "C2'" . DC  B 1 2 ? -8.856  -7.671  -1.509  1.00 17.65 ? 2   DC  B "C2'" 1 
ATOM   175 C  "C1'" . DC  B 1 2 ? -8.883  -7.957  -0.010  1.00 19.01 ? 2   DC  B "C1'" 1 
ATOM   176 N  N1    . DC  B 1 2 ? -8.004  -9.088  0.431   1.00 17.74 ? 2   DC  B N1    1 
ATOM   177 C  C2    . DC  B 1 2 ? -7.168  -8.924  1.543   1.00 13.97 ? 2   DC  B C2    1 
ATOM   178 O  O2    . DC  B 1 2 ? -7.153  -7.833  2.139   1.00 14.13 ? 2   DC  B O2    1 
ATOM   179 N  N3    . DC  B 1 2 ? -6.397  -9.963  1.943   1.00 13.96 ? 2   DC  B N3    1 
ATOM   180 C  C4    . DC  B 1 2 ? -6.444  -11.129 1.277   1.00 14.68 ? 2   DC  B C4    1 
ATOM   181 N  N4    . DC  B 1 2 ? -5.665  -12.121 1.702   1.00 23.75 ? 2   DC  B N4    1 
ATOM   182 C  C5    . DC  B 1 2 ? -7.290  -11.314 0.148   1.00 23.94 ? 2   DC  B C5    1 
ATOM   183 C  C6    . DC  B 1 2 ? -8.050  -10.280 -0.232  1.00 17.92 ? 2   DC  B C6    1 
ATOM   184 P  P     . DG  B 1 3 ? -10.812 -7.295  -4.482  1.00 29.90 ? 3   DG  B P     1 
ATOM   185 O  OP1   . DG  B 1 3 ? -12.218 -7.183  -4.930  1.00 35.31 ? 3   DG  B OP1   1 
ATOM   186 O  OP2   . DG  B 1 3 ? -10.063 -8.544  -4.780  1.00 32.82 ? 3   DG  B OP2   1 
ATOM   187 O  "O5'" . DG  B 1 3 ? -10.050 -6.012  -5.072  1.00 40.99 ? 3   DG  B "O5'" 1 
ATOM   188 C  "C5'" . DG  B 1 3 ? -8.662  -6.068  -5.403  1.00 33.33 ? 3   DG  B "C5'" 1 
ATOM   189 C  "C4'" . DG  B 1 3 ? -7.865  -5.092  -4.551  1.00 15.31 ? 3   DG  B "C4'" 1 
ATOM   190 O  "O4'" . DG  B 1 3 ? -7.346  -5.794  -3.395  1.00 13.20 ? 3   DG  B "O4'" 1 
ATOM   191 C  "C3'" . DG  B 1 3 ? -6.653  -4.473  -5.235  1.00 14.22 ? 3   DG  B "C3'" 1 
ATOM   192 O  "O3'" . DG  B 1 3 ? -6.388  -3.189  -4.689  1.00 15.56 ? 3   DG  B "O3'" 1 
ATOM   193 C  "C2'" . DG  B 1 3 ? -5.550  -5.439  -4.845  1.00 11.89 ? 3   DG  B "C2'" 1 
ATOM   194 C  "C1'" . DG  B 1 3 ? -5.937  -5.748  -3.405  1.00 11.97 ? 3   DG  B "C1'" 1 
ATOM   195 N  N9    . DG  B 1 3 ? -5.417  -7.022  -2.911  1.00 12.85 ? 3   DG  B N9    1 
ATOM   196 C  C8    . DG  B 1 3 ? -5.297  -8.202  -3.627  1.00 14.07 ? 3   DG  B C8    1 
ATOM   197 N  N7    . DG  B 1 3 ? -4.801  -9.188  -2.923  1.00 12.63 ? 3   DG  B N7    1 
ATOM   198 C  C5    . DG  B 1 3 ? -4.601  -8.633  -1.652  1.00 12.10 ? 3   DG  B C5    1 
ATOM   199 C  C6    . DG  B 1 3 ? -4.063  -9.219  -0.478  1.00 12.01 ? 3   DG  B C6    1 
ATOM   200 O  O6    . DG  B 1 3 ? -3.675  -10.391 -0.307  1.00 12.41 ? 3   DG  B O6    1 
ATOM   201 N  N1    . DG  B 1 3 ? -4.009  -8.313  0.577   1.00 11.53 ? 3   DG  B N1    1 
ATOM   202 C  C2    . DG  B 1 3 ? -4.405  -7.007  0.497   1.00 11.20 ? 3   DG  B C2    1 
ATOM   203 N  N2    . DG  B 1 3 ? -4.272  -6.285  1.625   1.00 10.88 ? 3   DG  B N2    1 
ATOM   204 N  N3    . DG  B 1 3 ? -4.905  -6.446  -0.590  1.00 11.29 ? 3   DG  B N3    1 
ATOM   205 C  C4    . DG  B 1 3 ? -4.964  -7.305  -1.634  1.00 11.73 ? 3   DG  B C4    1 
ATOM   206 P  P     . DT  B 1 4 ? -7.015  -1.864  -5.337  1.00 16.96 ? 4   DT  B P     1 
ATOM   207 O  OP1   . DT  B 1 4 ? -8.242  -1.532  -4.585  1.00 21.41 ? 4   DT  B OP1   1 
ATOM   208 O  OP2   . DT  B 1 4 ? -7.005  -1.995  -6.806  1.00 20.36 ? 4   DT  B OP2   1 
ATOM   209 O  "O5'" . DT  B 1 4 ? -5.929  -0.742  -4.990  1.00 15.23 ? 4   DT  B "O5'" 1 
ATOM   210 C  "C5'" . DT  B 1 4 ? -5.780  -0.254  -3.661  1.00 15.04 ? 4   DT  B "C5'" 1 
ATOM   211 C  "C4'" . DT  B 1 4 ? -4.385  0.306   -3.495  1.00 12.76 ? 4   DT  B "C4'" 1 
ATOM   212 O  "O4'" . DT  B 1 4 ? -3.473  -0.775  -3.207  1.00 11.71 ? 4   DT  B "O4'" 1 
ATOM   213 C  "C3'" . DT  B 1 4 ? -3.866  1.006   -4.742  1.00 12.39 ? 4   DT  B "C3'" 1 
ATOM   214 O  "O3'" . DT  B 1 4 ? -3.983  2.401   -4.547  1.00 10.76 ? 4   DT  B "O3'" 1 
ATOM   215 C  "C2'" . DT  B 1 4 ? -2.402  0.570   -4.865  1.00 10.21 ? 4   DT  B "C2'" 1 
ATOM   216 C  "C1'" . DT  B 1 4 ? -2.305  -0.683  -3.990  1.00 9.51  ? 4   DT  B "C1'" 1 
ATOM   217 N  N1    . DT  B 1 4 ? -2.145  -1.971  -4.754  1.00 9.59  ? 4   DT  B N1    1 
ATOM   218 C  C2    . DT  B 1 4 ? -1.277  -2.927  -4.283  1.00 10.13 ? 4   DT  B C2    1 
ATOM   219 O  O2    . DT  B 1 4 ? -0.617  -2.794  -3.285  1.00 9.27  ? 4   DT  B O2    1 
ATOM   220 N  N3    . DT  B 1 4 ? -1.212  -4.063  -5.037  1.00 9.77  ? 4   DT  B N3    1 
ATOM   221 C  C4    . DT  B 1 4 ? -1.912  -4.340  -6.194  1.00 13.70 ? 4   DT  B C4    1 
ATOM   222 O  O4    . DT  B 1 4 ? -1.778  -5.397  -6.802  1.00 18.07 ? 4   DT  B O4    1 
ATOM   223 C  C5    . DT  B 1 4 ? -2.809  -3.308  -6.637  1.00 14.56 ? 4   DT  B C5    1 
ATOM   224 C  C7    . DT  B 1 4 ? -3.628  -3.504  -7.885  1.00 13.75 ? 4   DT  B C7    1 
ATOM   225 C  C6    . DT  B 1 4 ? -2.889  -2.186  -5.901  1.00 10.28 ? 4   DT  B C6    1 
ATOM   226 P  P     . DC  B 1 5 ? -4.113  3.385   -5.802  1.00 14.73 ? 5   DC  B P     1 
ATOM   227 O  OP1   . DC  B 1 5 ? -4.274  4.747   -5.230  1.00 16.03 ? 5   DC  B OP1   1 
ATOM   228 O  OP2   . DC  B 1 5 ? -5.145  2.840   -6.715  1.00 16.68 ? 5   DC  B OP2   1 
ATOM   229 O  "O5'" . DC  B 1 5 ? -2.713  3.230   -6.546  1.00 14.60 ? 5   DC  B "O5'" 1 
ATOM   230 C  "C5'" . DC  B 1 5 ? -2.563  3.617   -7.907  1.00 14.58 ? 5   DC  B "C5'" 1 
ATOM   231 C  "C4'" . DC  B 1 5 ? -1.128  4.018   -8.163  1.00 15.82 ? 5   DC  B "C4'" 1 
ATOM   232 O  "O4'" . DC  B 1 5 ? -0.297  2.852   -8.101  1.00 12.05 ? 5   DC  B "O4'" 1 
ATOM   233 C  "C3'" . DC  B 1 5 ? -0.844  4.621   -9.532  1.00 12.83 ? 5   DC  B "C3'" 1 
ATOM   234 O  "O3'" . DC  B 1 5 ? -0.992  6.035   -9.469  1.00 20.37 ? 5   DC  B "O3'" 1 
ATOM   235 C  "C2'" . DC  B 1 5 ? 0.616   4.233   -9.800  1.00 14.73 ? 5   DC  B "C2'" 1 
ATOM   236 C  "C1'" . DC  B 1 5 ? 0.901   3.133   -8.766  1.00 11.82 ? 5   DC  B "C1'" 1 
ATOM   237 N  N1    . DC  B 1 5 ? 1.384   1.869   -9.338  1.00 10.82 ? 5   DC  B N1    1 
ATOM   238 C  C2    . DC  B 1 5 ? 2.363   1.158   -8.656  1.00 10.36 ? 5   DC  B C2    1 
ATOM   239 O  O2    . DC  B 1 5 ? 2.827   1.635   -7.610  1.00 10.12 ? 5   DC  B O2    1 
ATOM   240 N  N3    . DC  B 1 5 ? 2.803   -0.013  -9.170  1.00 10.46 ? 5   DC  B N3    1 
ATOM   241 C  C4    . DC  B 1 5 ? 2.269   -0.490  -10.313 1.00 10.85 ? 5   DC  B C4    1 
ATOM   242 N  N4    . DC  B 1 5 ? 2.719   -1.667  -10.780 1.00 11.04 ? 5   DC  B N4    1 
ATOM   243 C  C5    . DC  B 1 5 ? 1.249   0.217   -11.016 1.00 12.56 ? 5   DC  B C5    1 
ATOM   244 C  C6    . DC  B 1 5 ? 0.831   1.379   -10.494 1.00 13.31 ? 5   DC  B C6    1 
ATOM   245 P  P     . DG  B 1 6 ? -1.261  6.878   -10.815 1.00 25.17 ? 6   DG  B P     1 
ATOM   246 O  OP1   . DG  B 1 6 ? -2.517  7.624   -10.603 1.00 35.10 ? 6   DG  B OP1   1 
ATOM   247 O  OP2   . DG  B 1 6 ? -1.118  5.998   -11.987 1.00 24.06 ? 6   DG  B OP2   1 
ATOM   248 O  "O5'" . DG  B 1 6 ? -0.025  7.894   -10.899 1.00 34.53 ? 6   DG  B "O5'" 1 
ATOM   249 C  "C5'" . DG  B 1 6 ? 0.244   8.789   -9.842  1.00 29.98 ? 6   DG  B "C5'" 1 
ATOM   250 C  "C4'" . DG  B 1 6 ? 1.723   8.768   -9.494  1.00 30.20 ? 6   DG  B "C4'" 1 
ATOM   251 O  "O4'" . DG  B 1 6 ? 2.204   7.398   -9.535  1.00 19.77 ? 6   DG  B "O4'" 1 
ATOM   252 C  "C3'" . DG  B 1 6 ? 2.637   9.559   -10.437 1.00 18.99 ? 6   DG  B "C3'" 1 
ATOM   253 O  "O3'" . DG  B 1 6 ? 3.672   10.144  -9.697  1.00 17.57 ? 6   DG  B "O3'" 1 
ATOM   254 C  "C2'" . DG  B 1 6 ? 3.202   8.473   -11.339 1.00 17.08 ? 6   DG  B "C2'" 1 
ATOM   255 C  "C1'" . DG  B 1 6 ? 3.339   7.324   -10.357 1.00 13.32 ? 6   DG  B "C1'" 1 
ATOM   256 N  N9    . DG  B 1 6 ? 3.373   6.022   -11.015 1.00 14.46 ? 6   DG  B N9    1 
ATOM   257 C  C8    . DG  B 1 6 ? 2.862   5.713   -12.260 1.00 14.75 ? 6   DG  B C8    1 
ATOM   258 N  N7    . DG  B 1 6 ? 3.050   4.468   -12.609 1.00 13.96 ? 6   DG  B N7    1 
ATOM   259 C  C5    . DG  B 1 6 ? 3.724   3.909   -11.522 1.00 13.27 ? 6   DG  B C5    1 
ATOM   260 C  C6    . DG  B 1 6 ? 4.209   2.587   -11.323 1.00 13.29 ? 6   DG  B C6    1 
ATOM   261 O  O6    . DG  B 1 6 ? 4.126   1.601   -12.093 1.00 13.26 ? 6   DG  B O6    1 
ATOM   262 N  N1    . DG  B 1 6 ? 4.849   2.452   -10.098 1.00 11.69 ? 6   DG  B N1    1 
ATOM   263 C  C2    . DG  B 1 6 ? 5.003   3.471   -9.172  1.00 11.64 ? 6   DG  B C2    1 
ATOM   264 N  N2    . DG  B 1 6 ? 5.641   3.154   -8.040  1.00 11.35 ? 6   DG  B N2    1 
ATOM   265 N  N3    . DG  B 1 6 ? 4.555   4.709   -9.349  1.00 11.98 ? 6   DG  B N3    1 
ATOM   266 C  C4    . DG  B 1 6 ? 3.940   4.860   -10.540 1.00 14.44 ? 6   DG  B C4    1 
HETATM 267 N  N1    . BRU B 1 7 ? 8.169   10.234  -10.162 1.00 19.54 ? 7   BRU B N1    1 
HETATM 268 C  C2    . BRU B 1 7 ? 8.922   9.215   -10.540 1.00 24.32 ? 7   BRU B C2    1 
HETATM 269 N  N3    . BRU B 1 7 ? 8.753   8.633   -11.709 1.00 20.16 ? 7   BRU B N3    1 
HETATM 270 C  C4    . BRU B 1 7 ? 7.817   9.000   -12.562 1.00 18.49 ? 7   BRU B C4    1 
HETATM 271 C  C5    . BRU B 1 7 ? 6.990   10.044  -12.189 1.00 39.15 ? 7   BRU B C5    1 
HETATM 272 C  C6    . BRU B 1 7 ? 7.184   10.660  -10.943 1.00 20.36 ? 7   BRU B C6    1 
HETATM 273 O  O2    . BRU B 1 7 ? 9.778   8.814   -9.843  1.00 18.50 ? 7   BRU B O2    1 
HETATM 274 O  O4    . BRU B 1 7 ? 7.709   8.414   -13.598 1.00 20.06 ? 7   BRU B O4    1 
HETATM 275 BR BR    . BRU B 1 7 ? 5.581   10.652  -13.385 1.00 44.31 ? 7   BRU B BR    1 
HETATM 276 C  "C1'" . BRU B 1 7 ? 8.376   10.768  -8.936  1.00 19.79 ? 7   BRU B "C1'" 1 
HETATM 277 C  "C2'" . BRU B 1 7 ? 8.263   12.322  -8.848  1.00 27.57 ? 7   BRU B "C2'" 1 
HETATM 278 C  "C3'" . BRU B 1 7 ? 7.465   12.580  -7.913  1.00 29.74 ? 7   BRU B "C3'" 1 
HETATM 279 C  "C4'" . BRU B 1 7 ? 6.895   11.160  -7.257  1.00 21.98 ? 7   BRU B "C4'" 1 
HETATM 280 O  "O3'" . BRU B 1 7 ? 8.157   13.329  -6.849  1.00 37.86 ? 7   BRU B "O3'" 1 
HETATM 281 O  "O4'" . BRU B 1 7 ? 7.278   10.224  -8.014  1.00 19.82 ? 7   BRU B "O4'" 1 
HETATM 282 C  "C5'" . BRU B 1 7 ? 5.375   11.197  -7.246  1.00 21.55 ? 7   BRU B "C5'" 1 
HETATM 283 O  "O5'" . BRU B 1 7 ? 5.006   11.875  -8.428  1.00 16.19 ? 7   BRU B "O5'" 1 
HETATM 284 P  P     . BRU B 1 7 ? 3.547   11.635  -9.120  1.00 20.56 ? 7   BRU B P     1 
HETATM 285 O  OP1   . BRU B 1 7 ? 2.423   11.726  -8.106  1.00 21.89 ? 7   BRU B OP1   1 
HETATM 286 O  OP2   . BRU B 1 7 ? 3.342   12.593  -10.264 1.00 26.23 ? 7   BRU B OP2   1 
HETATM 287 N  N     . DSN C 2 1 ? 7.325   5.972   -8.630  1.00 12.05 ? 1   DSN D N     1 
HETATM 288 C  CA    . DSN C 2 1 ? 7.323   7.163   -7.838  1.00 11.79 ? 1   DSN D CA    1 
HETATM 289 C  C     . DSN C 2 1 ? 6.204   7.182   -6.809  1.00 10.65 ? 1   DSN D C     1 
HETATM 290 O  O     . DSN C 2 1 ? 6.353   7.821   -5.734  1.00 10.81 ? 1   DSN D O     1 
HETATM 291 C  CB    . DSN C 2 1 ? 8.669   7.234   -7.151  1.00 12.13 ? 1   DSN D CB    1 
HETATM 292 O  OG    . DSN C 2 1 ? 8.891   6.036   -6.436  1.00 11.53 ? 1   DSN D OG    1 
ATOM   293 N  N     . ALA C 2 2 ? 5.091   6.516   -7.095  1.00 10.89 ? 2   ALA D N     1 
ATOM   294 C  CA    . ALA C 2 2 ? 3.990   6.447   -6.139  1.00 9.95  ? 2   ALA D CA    1 
ATOM   295 C  C     . ALA C 2 2 ? 4.441   5.608   -4.955  1.00 9.54  ? 2   ALA D C     1 
ATOM   296 O  O     . ALA C 2 2 ? 5.277   4.711   -5.120  1.00 9.85  ? 2   ALA D O     1 
ATOM   297 C  CB    . ALA C 2 2 ? 2.745   5.841   -6.793  1.00 14.45 ? 2   ALA D CB    1 
HETATM 298 N  N     . N2C C 2 3 ? 3.771   5.699   -3.831  1.00 9.22  ? 3   N2C D N     1 
HETATM 299 C  CA    . N2C C 2 3 ? 4.284   4.885   -2.731  1.00 9.10  ? 3   N2C D CA    1 
HETATM 300 C  CB    . N2C C 2 3 ? 5.135   5.688   -1.721  1.00 9.32  ? 3   N2C D CB    1 
HETATM 301 S  SG    . N2C C 2 3 ? 5.934   7.104   -2.416  1.00 11.02 ? 3   N2C D SG    1 
HETATM 302 C  CD    . N2C C 2 3 ? 6.354   8.069   -0.999  1.00 10.92 ? 3   N2C D CD    1 
HETATM 303 C  CN    . N2C C 2 3 ? 2.786   6.704   -3.462  1.00 9.67  ? 3   N2C D CN    1 
HETATM 304 C  C     . N2C C 2 3 ? 3.115   4.272   -1.953  1.00 11.11 ? 3   N2C D C     1 
HETATM 305 O  O     . N2C C 2 3 ? 2.854   4.561   -0.783  1.00 10.04 ? 3   N2C D O     1 
HETATM 306 N  N     . MVA C 2 4 ? 2.367   3.382   -2.592  1.00 9.67  ? 4   MVA D N     1 
HETATM 307 C  CN    . MVA C 2 4 ? 2.714   2.805   -3.892  1.00 10.94 ? 4   MVA D CN    1 
HETATM 308 C  CA    . MVA C 2 4 ? 1.172   2.891   -1.898  1.00 10.67 ? 4   MVA D CA    1 
HETATM 309 C  CB    . MVA C 2 4 ? -0.044  2.666   -2.790  1.00 11.23 ? 4   MVA D CB    1 
HETATM 310 C  CG1   . MVA C 2 4 ? -1.179  2.149   -1.932  1.00 13.13 ? 4   MVA D CG1   1 
HETATM 311 C  CG2   . MVA C 2 4 ? -0.479  3.980   -3.428  1.00 20.27 ? 4   MVA D CG2   1 
HETATM 312 C  C     . MVA C 2 4 ? 1.402   1.735   -0.967  1.00 25.27 ? 4   MVA D C     1 
HETATM 313 O  O     . MVA C 2 4 ? 1.203   1.909   0.416   1.00 34.89 ? 4   MVA D O     1 
HETATM 314 N  N     . DSN C 2 5 ? 3.089   -1.313  -2.863  1.00 10.09 ? 5   DSN D N     1 
HETATM 315 C  CA    . DSN C 2 5 ? 3.597   -1.168  -1.542  1.00 10.52 ? 5   DSN D CA    1 
HETATM 316 C  C     . DSN C 2 5 ? 4.912   -0.421  -1.509  1.00 10.15 ? 5   DSN D C     1 
HETATM 317 O  O     . DSN C 2 5 ? 5.190   0.317   -0.527  1.00 10.45 ? 5   DSN D O     1 
HETATM 318 C  CB    . DSN C 2 5 ? 2.567   -0.406  -0.735  1.00 11.08 ? 5   DSN D CB    1 
HETATM 319 O  OG    . DSN C 2 5 ? 2.253   0.771   -1.445  1.00 10.81 ? 5   DSN D OG    1 
ATOM   320 N  N     . ALA C 2 6 ? 5.744   -0.599  -2.533  1.00 9.87  ? 6   ALA D N     1 
ATOM   321 C  CA    . ALA C 2 6 ? 7.040   0.066   -2.562  1.00 10.05 ? 6   ALA D CA    1 
ATOM   322 C  C     . ALA C 2 6 ? 6.866   1.555   -2.813  1.00 9.60  ? 6   ALA D C     1 
ATOM   323 O  O     . ALA C 2 6 ? 5.905   1.954   -3.463  1.00 9.19  ? 6   ALA D O     1 
ATOM   324 C  CB    . ALA C 2 6 ? 7.947   -0.542  -3.631  1.00 12.03 ? 6   ALA D CB    1 
HETATM 325 N  N     . NCY C 2 7 ? 7.884   2.368   -2.395  1.00 10.00 ? 7   NCY D N     1 
HETATM 326 C  CA    . NCY C 2 7 ? 7.864   3.797   -2.706  1.00 9.80  ? 7   NCY D CA    1 
HETATM 327 C  CB    . NCY C 2 7 ? 7.729   4.693   -1.456  1.00 9.88  ? 7   NCY D CB    1 
HETATM 328 S  SG    . NCY C 2 7 ? 6.156   4.641   -0.658  1.00 11.66 ? 7   NCY D SG    1 
HETATM 329 C  CN    . NCY C 2 7 ? 8.989   1.979   -1.551  1.00 17.98 ? 7   NCY D CN    1 
HETATM 330 C  C     . NCY C 2 7 ? 9.137   4.222   -3.447  1.00 10.58 ? 7   NCY D C     1 
HETATM 331 O  O     . NCY C 2 7 ? 10.069  4.822   -2.902  1.00 11.43 ? 7   NCY D O     1 
HETATM 332 N  N     . MVA C 2 8 ? 9.186   3.914   -4.744  1.00 12.40 ? 8   MVA D N     1 
HETATM 333 C  CN    . MVA C 2 8 ? 8.115   3.224   -5.464  1.00 11.32 ? 8   MVA D CN    1 
HETATM 334 C  CA    . MVA C 2 8 ? 10.363  4.255   -5.532  1.00 15.68 ? 8   MVA D CA    1 
HETATM 335 C  CB    . MVA C 2 8 ? 10.815  2.988   -6.282  1.00 24.99 ? 8   MVA D CB    1 
HETATM 336 C  CG1   . MVA C 2 8 ? 11.586  3.237   -7.569  1.00 37.52 ? 8   MVA D CG1   1 
HETATM 337 C  CG2   . MVA C 2 8 ? 11.610  2.077   -5.354  1.00 23.08 ? 8   MVA D CG2   1 
HETATM 338 C  C     . MVA C 2 8 ? 10.136  5.450   -6.428  1.00 15.95 ? 8   MVA D C     1 
HETATM 339 O  O     . MVA C 2 8 ? 11.262  6.187   -6.840  1.00 33.08 ? 8   MVA D O     1 
HETATM 340 N  N     . DSN D 2 1 ? -2.602  -4.126  -0.615  1.00 12.23 ? 1   DSN F N     1 
HETATM 341 C  CA    . DSN D 2 1 ? -3.031  -2.807  -0.954  1.00 12.29 ? 1   DSN F CA    1 
HETATM 342 C  C     . DSN D 2 1 ? -4.449  -2.507  -0.500  1.00 12.39 ? 1   DSN F C     1 
HETATM 343 O  O     . DSN D 2 1 ? -4.783  -1.342  -0.166  1.00 12.48 ? 1   DSN F O     1 
HETATM 344 C  CB    . DSN D 2 1 ? -2.061  -1.837  -0.318  1.00 12.30 ? 1   DSN F CB    1 
HETATM 345 O  OG    . DSN D 2 1 ? -1.940  -2.250  1.023   1.00 12.18 ? 1   DSN F OG    1 
ATOM   346 N  N     . ALA D 2 2 ? -5.316  -3.509  -0.499  1.00 12.59 ? 2   ALA F N     1 
ATOM   347 C  CA    . ALA D 2 2 ? -6.691  -3.305  -0.052  1.00 13.01 ? 2   ALA F CA    1 
ATOM   348 C  C     . ALA D 2 2 ? -6.704  -3.141  1.457   1.00 12.95 ? 2   ALA F C     1 
ATOM   349 O  O     . ALA D 2 2 ? -5.755  -3.554  2.123   1.00 12.71 ? 2   ALA F O     1 
ATOM   350 C  CB    . ALA D 2 2 ? -7.580  -4.463  -0.471  1.00 13.58 ? 2   ALA F CB    1 
HETATM 351 N  N     . N2C D 2 3 ? -7.703  -2.521  2.199   1.00 13.37 ? 3   N2C F N     1 
HETATM 352 C  CA    . N2C D 2 3 ? -7.667  -2.427  3.658   1.00 14.46 ? 3   N2C F CA    1 
HETATM 353 C  CB    . N2C D 2 3 ? -7.387  -0.978  4.127   1.00 15.85 ? 3   N2C F CB    1 
HETATM 354 S  SG    . N2C D 2 3 ? -6.607  -0.031  2.850   1.00 15.60 ? 3   N2C F SG    1 
HETATM 355 C  CD    . N2C D 2 3 ? -6.901  1.655   3.257   1.00 13.23 ? 3   N2C F CD    1 
HETATM 356 C  CN    . N2C D 2 3 ? -8.933  -2.056  1.598   1.00 14.56 ? 3   N2C F CN    1 
HETATM 357 C  C     . N2C D 2 3 ? -8.994  -2.929  4.238   1.00 16.06 ? 3   N2C F C     1 
HETATM 358 O  O     . N2C D 2 3 ? -9.788  -2.194  4.830   1.00 17.59 ? 3   N2C F O     1 
HETATM 359 N  N     . MVA D 2 4 ? -9.258  -4.231  4.080   1.00 14.90 ? 4   MVA F N     1 
HETATM 360 C  CN    . MVA D 2 4 ? -8.260  -5.210  3.640   1.00 15.50 ? 4   MVA F CN    1 
HETATM 361 C  CA    . MVA D 2 4 ? -10.572 -4.741  4.478   1.00 18.79 ? 4   MVA F CA    1 
HETATM 362 C  CB    . MVA D 2 4 ? -11.068 -5.823  3.511   1.00 17.33 ? 4   MVA F CB    1 
HETATM 363 C  CG1   . MVA D 2 4 ? -12.100 -6.755  4.132   1.00 40.60 ? 4   MVA F CG1   1 
HETATM 364 C  CG2   . MVA D 2 4 ? -11.622 -5.190  2.238   1.00 28.37 ? 4   MVA F CG2   1 
HETATM 365 C  C     . MVA D 2 4 ? -10.650 -5.196  5.915   1.00 21.94 ? 4   MVA F C     1 
HETATM 366 O  O     . MVA D 2 4 ? -11.818 -4.962  6.669   1.00 43.13 ? 4   MVA F O     1 
HETATM 367 N  N     . DSN D 2 5 ? -7.930  -7.266  7.167   1.00 21.80 ? 5   DSN F N     1 
HETATM 368 C  CA    . DSN D 2 5 ? -8.019  -6.212  8.122   1.00 26.19 ? 5   DSN F CA    1 
HETATM 369 C  C     . DSN D 2 5 ? -6.846  -5.260  8.019   1.00 18.87 ? 5   DSN F C     1 
HETATM 370 O  O     . DSN D 2 5 ? -6.985  -4.063  8.369   1.00 17.22 ? 5   DSN F O     1 
HETATM 371 C  CB    . DSN D 2 5 ? -9.292  -5.445  7.877   1.00 20.24 ? 5   DSN F CB    1 
HETATM 372 O  OG    . DSN D 2 5 ? -9.412  -5.184  6.501   1.00 17.91 ? 5   DSN F OG    1 
ATOM   373 N  N     . ALA D 2 6 ? -5.695  -5.756  7.565   1.00 23.20 ? 6   ALA F N     1 
ATOM   374 C  CA    . ALA D 2 6 ? -4.525  -4.895  7.392   1.00 22.78 ? 6   ALA F CA    1 
ATOM   375 C  C     . ALA D 2 6 ? -4.751  -3.954  6.219   1.00 13.71 ? 6   ALA F C     1 
ATOM   376 O  O     . ALA D 2 6 ? -5.502  -4.287  5.299   1.00 14.18 ? 6   ALA F O     1 
ATOM   377 C  CB    . ALA D 2 6 ? -3.270  -5.718  7.169   1.00 21.47 ? 6   ALA F CB    1 
HETATM 378 N  N     . NCY D 2 7 ? -4.106  -2.767  6.223   1.00 14.02 ? 7   NCY F N     1 
HETATM 379 C  CA    . NCY D 2 7 ? -4.238  -1.905  5.049   1.00 12.82 ? 7   NCY F CA    1 
HETATM 380 C  CB    . NCY D 2 7 ? -5.031  -0.619  5.363   1.00 16.23 ? 7   NCY F CB    1 
HETATM 381 S  SG    . NCY D 2 7 ? -6.730  -0.827  5.804   1.00 15.68 ? 7   NCY F SG    1 
HETATM 382 C  CN    . NCY D 2 7 ? -3.366  -2.157  7.297   1.00 22.66 ? 7   NCY F CN    1 
HETATM 383 C  C     . NCY D 2 7 ? -2.857  -1.492  4.520   1.00 12.59 ? 7   NCY F C     1 
HETATM 384 O  O     . NCY D 2 7 ? -2.353  -0.385  4.732   1.00 12.68 ? 7   NCY F O     1 
HETATM 385 N  N     . MVA D 2 8 ? -2.201  -2.396  3.795   1.00 12.48 ? 8   MVA F N     1 
HETATM 386 C  CN    . MVA D 2 8 ? -2.742  -3.724  3.518   1.00 12.51 ? 8   MVA F CN    1 
HETATM 387 C  CA    . MVA D 2 8 ? -0.890  -2.043  3.254   1.00 12.54 ? 8   MVA F CA    1 
HETATM 388 C  CB    . MVA D 2 8 ? 0.211   -3.067  3.539   1.00 13.68 ? 8   MVA F CB    1 
HETATM 389 C  CG1   . MVA D 2 8 ? 1.564   -2.591  3.019   1.00 17.54 ? 8   MVA F CG1   1 
HETATM 390 C  CG2   . MVA D 2 8 ? 0.316   -3.359  5.033   1.00 18.91 ? 8   MVA F CG2   1 
HETATM 391 C  C     . MVA D 2 8 ? -0.938  -1.709  1.784   1.00 12.37 ? 8   MVA F C     1 
HETATM 392 O  O     . MVA D 2 8 ? -0.219  -0.608  1.324   1.00 12.68 ? 8   MVA F O     1 
HETATM 393 MN MN    . MN  E 3 . ? 6.085   -6.708  -8.410  0.47 7.37  ? 101 MN  A MN    1 
HETATM 394 MN MN    . MN  F 3 . ? -4.327  -11.129 -3.939  0.48 9.64  ? 101 MN  B MN    1 
HETATM 395 N  N1    . QUI G 4 . ? 8.073   4.047   -10.376 1.00 9.94  ? 101 QUI D N1    1 
HETATM 396 C  C2    . QUI G 4 . ? 7.316   4.945   -10.954 1.00 9.29  ? 101 QUI D C2    1 
HETATM 397 C  C3    . QUI G 4 . ? 6.804   4.773   -12.239 1.00 17.58 ? 101 QUI D C3    1 
HETATM 398 N  N4    . QUI G 4 . ? 7.088   3.642   -12.896 1.00 14.67 ? 101 QUI D N4    1 
HETATM 399 C  C5    . QUI G 4 . ? 8.155   1.517   -13.026 1.00 10.17 ? 101 QUI D C5    1 
HETATM 400 C  C6    . QUI G 4 . ? 8.953   0.558   -12.451 1.00 11.27 ? 101 QUI D C6    1 
HETATM 401 C  C7    . QUI G 4 . ? 9.463   0.741   -11.171 1.00 16.63 ? 101 QUI D C7    1 
HETATM 402 C  C8    . QUI G 4 . ? 9.180   1.913   -10.478 1.00 7.18  ? 101 QUI D C8    1 
HETATM 403 C  C9    . QUI G 4 . ? 8.376   2.897   -11.055 1.00 17.49 ? 101 QUI D C9    1 
HETATM 404 C  C10   . QUI G 4 . ? 7.865   2.711   -12.319 1.00 12.54 ? 101 QUI D C10   1 
HETATM 405 C  C     . QUI G 4 . ? 7.118   6.185   -10.027 1.00 7.93  ? 101 QUI D C     1 
HETATM 406 O  O1    . QUI G 4 . ? 6.515   7.159   -10.520 1.00 9.53  ? 101 QUI D O1    1 
HETATM 407 N  N1    . QUI H 4 . ? 1.739   -1.660  -5.236  1.00 8.17  ? 102 QUI D N1    1 
HETATM 408 C  C2    . QUI H 4 . ? 2.410   -2.742  -4.859  1.00 7.35  ? 102 QUI D C2    1 
HETATM 409 C  C3    . QUI H 4 . ? 2.464   -3.899  -5.672  1.00 5.65  ? 102 QUI D C3    1 
HETATM 410 N  N4    . QUI H 4 . ? 1.789   -3.902  -6.802  1.00 7.68  ? 102 QUI D N4    1 
HETATM 411 C  C5    . QUI H 4 . ? 0.368   -2.867  -8.383  1.00 7.86  ? 102 QUI D C5    1 
HETATM 412 C  C6    . QUI H 4 . ? -0.374  -1.791  -8.787  1.00 10.26 ? 102 QUI D C6    1 
HETATM 413 C  C7    . QUI H 4 . ? -0.411  -0.640  -7.996  1.00 8.98  ? 102 QUI D C7    1 
HETATM 414 C  C8    . QUI H 4 . ? 0.283   -0.593  -6.806  1.00 10.30 ? 102 QUI D C8    1 
HETATM 415 C  C9    . QUI H 4 . ? 1.031   -1.693  -6.388  1.00 7.94  ? 102 QUI D C9    1 
HETATM 416 C  C10   . QUI H 4 . ? 1.073   -2.830  -7.178  1.00 11.91 ? 102 QUI D C10   1 
HETATM 417 C  C     . QUI H 4 . ? 3.148   -2.584  -3.516  1.00 6.34  ? 102 QUI D C     1 
HETATM 418 O  O1    . QUI H 4 . ? 3.711   -3.588  -3.027  1.00 6.91  ? 102 QUI D O1    1 
HETATM 419 K  K     . K   I 5 . ? 2.561   3.791   1.894   0.48 18.04 ? 103 K   D K     1 
HETATM 420 N  N1    . QUI J 4 . ? -1.202  -6.360  -0.230  1.00 7.32  ? 101 QUI F N1    1 
HETATM 421 C  C2    . QUI J 4 . ? -1.807  -6.326  -1.400  1.00 6.65  ? 101 QUI F C2    1 
HETATM 422 C  C3    . QUI J 4 . ? -1.714  -7.428  -2.264  1.00 10.98 ? 101 QUI F C3    1 
HETATM 423 N  N4    . QUI J 4 . ? -1.033  -8.511  -1.877  1.00 12.26 ? 101 QUI F N4    1 
HETATM 424 C  C5    . QUI J 4 . ? 0.309   -9.685  -0.284  1.00 11.15 ? 101 QUI F C5    1 
HETATM 425 C  C6    . QUI J 4 . ? 0.933   -9.715  0.940   1.00 15.17 ? 101 QUI F C6    1 
HETATM 426 C  C7    . QUI J 4 . ? 0.849   -8.625  1.799   1.00 14.37 ? 101 QUI F C7    1 
HETATM 427 C  C8    . QUI J 4 . ? 0.147   -7.502  1.391   1.00 11.23 ? 101 QUI F C8    1 
HETATM 428 C  C9    . QUI J 4 . ? -0.500  -7.458  0.161   1.00 12.78 ? 101 QUI F C9    1 
HETATM 429 C  C10   . QUI J 4 . ? -0.418  -8.546  -0.685  1.00 12.12 ? 101 QUI F C10   1 
HETATM 430 C  C     . QUI J 4 . ? -2.551  -5.008  -1.739  1.00 4.53  ? 101 QUI F C     1 
HETATM 431 O  O1    . QUI J 4 . ? -3.033  -4.874  -2.879  1.00 8.62  ? 101 QUI F O1    1 
HETATM 432 N  N1    . QUI K 4 . ? -8.471  -9.487  5.746   1.00 19.82 ? 102 QUI F N1    1 
HETATM 433 C  C2    . QUI K 4 . ? -7.799  -9.766  6.851   1.00 15.45 ? 102 QUI F C2    1 
HETATM 434 C  C3    . QUI K 4 . ? -7.311  -11.054 7.084   1.00 25.45 ? 102 QUI F C3    1 
HETATM 435 N  N4    . QUI K 4 . ? -7.516  -11.999 6.169   1.00 23.39 ? 102 QUI F N4    1 
HETATM 436 C  C5    . QUI K 4 . ? -8.395  -12.722 4.099   1.00 12.90 ? 102 QUI F C5    1 
HETATM 437 C  C6    . QUI K 4 . ? -9.085  -12.439 2.945   1.00 21.00 ? 102 QUI F C6    1 
HETATM 438 C  C7    . QUI K 4 . ? -9.578  -11.165 2.706   1.00 27.86 ? 102 QUI F C7    1 
HETATM 439 C  C8    . QUI K 4 . ? -9.378  -10.170 3.645   1.00 20.62 ? 102 QUI F C8    1 
HETATM 440 C  C9    . QUI K 4 . ? -8.676  -10.454 4.816   1.00 17.19 ? 102 QUI F C9    1 
HETATM 441 C  C10   . QUI K 4 . ? -8.187  -11.718 5.044   1.00 26.65 ? 102 QUI F C10   1 
HETATM 442 C  C     . QUI K 4 . ? -7.686  -8.530  7.789   1.00 21.48 ? 102 QUI F C     1 
HETATM 443 O  O1    . QUI K 4 . ? -7.030  -8.631  8.853   1.00 19.15 ? 102 QUI F O1    1 
HETATM 444 O  O     . HOH L 6 . ? -1.981  -6.901  14.890  1.00 48.29 ? 201 HOH A O     1 
HETATM 445 O  O     . HOH L 6 . ? -10.429 -4.001  12.679  1.00 34.08 ? 202 HOH A O     1 
HETATM 446 O  O     . HOH L 6 . ? 15.826  -3.562  -7.294  1.00 38.90 ? 203 HOH A O     1 
HETATM 447 O  O     . HOH L 6 . ? 10.111  -7.794  1.357   1.00 47.39 ? 204 HOH A O     1 
HETATM 448 O  O     . HOH L 6 . ? 5.191   -5.445  -10.015 1.00 19.16 ? 205 HOH A O     1 
HETATM 449 O  O     . HOH L 6 . ? 13.566  5.027   -9.164  1.00 39.91 ? 206 HOH A O     1 
HETATM 450 O  O     . HOH L 6 . ? 14.704  -3.648  -10.666 1.00 22.73 ? 207 HOH A O     1 
HETATM 451 O  O     . HOH L 6 . ? 12.186  -8.633  -4.866  1.00 17.58 ? 208 HOH A O     1 
HETATM 452 O  O     . HOH L 6 . ? 13.527  -4.939  -3.869  1.00 28.42 ? 209 HOH A O     1 
HETATM 453 O  O     . HOH L 6 . ? 7.948   -5.917  -9.210  0.50 15.66 ? 210 HOH A O     1 
HETATM 454 O  O     . HOH L 6 . ? 5.961   -8.349  -4.714  1.00 20.55 ? 211 HOH A O     1 
HETATM 455 O  O     . HOH L 6 . ? 15.083  3.048   -7.103  1.00 31.14 ? 212 HOH A O     1 
HETATM 456 O  O     . HOH L 6 . ? 0.299   -7.671  -6.128  1.00 13.93 ? 213 HOH A O     1 
HETATM 457 O  O     . HOH L 6 . ? 14.246  -5.989  -7.353  1.00 23.50 ? 214 HOH A O     1 
HETATM 458 O  O     . HOH L 6 . ? 1.981   -11.633 7.215   1.00 41.00 ? 215 HOH A O     1 
HETATM 459 O  O     . HOH L 6 . ? 4.211   -8.661  3.929   1.00 31.57 ? 216 HOH A O     1 
HETATM 460 O  O     . HOH L 6 . ? -2.201  -13.887 6.081   1.00 35.90 ? 217 HOH A O     1 
HETATM 461 O  O     . HOH L 6 . ? 17.190  1.957   -16.698 1.00 35.62 ? 218 HOH A O     1 
HETATM 462 O  O     . HOH L 6 . ? 11.345  -5.425  -9.975  1.00 33.22 ? 219 HOH A O     1 
HETATM 463 O  O     . HOH L 6 . ? 7.607   -11.305 0.869   1.00 32.69 ? 220 HOH A O     1 
HETATM 464 O  O     . HOH L 6 . ? 4.195   -7.510  -7.599  0.50 12.05 ? 221 HOH A O     1 
HETATM 465 O  O     . HOH L 6 . ? 0.049   -13.646 1.781   1.00 30.11 ? 222 HOH A O     1 
HETATM 466 O  O     . HOH L 6 . ? 15.413  0.005   -19.791 1.00 46.89 ? 223 HOH A O     1 
HETATM 467 O  O     . HOH L 6 . ? 10.398  -1.650  -1.565  1.00 36.86 ? 224 HOH A O     1 
HETATM 468 O  O     . HOH L 6 . ? 7.836   -2.618  0.000   1.00 22.35 ? 225 HOH A O     1 
HETATM 469 O  O     . HOH L 6 . ? 10.811  -8.935  -3.362  1.00 45.96 ? 226 HOH A O     1 
HETATM 470 O  O     . HOH L 6 . ? -4.894  -15.558 4.283   1.00 40.80 ? 227 HOH A O     1 
HETATM 471 O  O     . HOH L 6 . ? 0.059   -3.801  8.558   1.00 38.23 ? 228 HOH A O     1 
HETATM 472 O  O     . HOH L 6 . ? -2.121  -10.646 13.826  1.00 44.83 ? 229 HOH A O     1 
HETATM 473 O  O     . HOH L 6 . ? -0.510  -8.362  15.924  1.00 42.01 ? 230 HOH A O     1 
HETATM 474 O  O     . HOH L 6 . ? 7.724   -2.101  3.764   1.00 42.02 ? 231 HOH A O     1 
HETATM 475 O  O     . HOH L 6 . ? 6.498   -12.728 -1.998  1.00 32.92 ? 232 HOH A O     1 
HETATM 476 O  O     . HOH L 6 . ? 11.282  -2.493  -11.976 1.00 30.25 ? 233 HOH A O     1 
HETATM 477 O  O     . HOH L 6 . ? 5.869   -0.248  -16.059 1.00 37.76 ? 234 HOH A O     1 
HETATM 478 O  O     . HOH L 6 . ? 16.214  -7.783  -5.772  1.00 33.87 ? 235 HOH A O     1 
HETATM 479 O  O     . HOH L 6 . ? 15.318  3.419   -3.899  1.00 47.20 ? 236 HOH A O     1 
HETATM 480 O  O     . HOH L 6 . ? -12.607 -0.902  13.824  1.00 41.25 ? 237 HOH A O     1 
HETATM 481 O  O     . HOH M 6 . ? -3.230  9.523   -11.295 1.00 35.01 ? 201 HOH B O     1 
HETATM 482 O  O     . HOH M 6 . ? -13.876 -8.895  1.609   1.00 43.20 ? 202 HOH B O     1 
HETATM 483 O  O     . HOH M 6 . ? -4.389  7.068   -9.160  1.00 37.43 ? 203 HOH B O     1 
HETATM 484 O  O     . HOH M 6 . ? 1.774   3.569   -14.511 1.00 18.35 ? 204 HOH B O     1 
HETATM 485 O  O     . HOH M 6 . ? -16.966 -16.496 1.488   0.50 39.83 ? 205 HOH B O     1 
HETATM 486 O  O     . HOH M 6 . ? -8.796  -10.669 -3.894  1.00 18.93 ? 206 HOH B O     1 
HETATM 487 O  O     . HOH M 6 . ? -2.675  -6.741  -8.904  1.00 28.62 ? 207 HOH B O     1 
HETATM 488 O  O     . HOH M 6 . ? 2.606   1.324   -14.261 1.00 31.00 ? 208 HOH B O     1 
HETATM 489 O  O     . HOH M 6 . ? -0.702  7.017   -14.476 1.00 38.25 ? 209 HOH B O     1 
HETATM 490 O  O     . HOH M 6 . ? -5.879  4.965   -3.011  1.00 18.44 ? 210 HOH B O     1 
HETATM 491 O  O     . HOH M 6 . ? -2.325  -7.820  -5.613  1.00 19.18 ? 211 HOH B O     1 
HETATM 492 O  O     . HOH M 6 . ? 2.234   13.803  -6.292  1.00 26.71 ? 212 HOH B O     1 
HETATM 493 O  O     . HOH M 6 . ? -9.272  1.033   -4.496  1.00 28.01 ? 213 HOH B O     1 
HETATM 494 O  O     . HOH M 6 . ? -4.745  -12.236 -2.075  1.00 15.32 ? 214 HOH B O     1 
HETATM 495 O  O     . HOH M 6 . ? -0.102  3.767   -13.288 1.00 46.50 ? 215 HOH B O     1 
HETATM 496 O  O     . HOH M 6 . ? -8.747  -0.532  -1.980  1.00 30.62 ? 216 HOH B O     1 
HETATM 497 O  O     . HOH M 6 . ? 3.032   -4.011  -12.410 1.00 34.42 ? 217 HOH B O     1 
HETATM 498 O  O     . HOH M 6 . ? 5.790   14.190  -9.992  1.00 34.50 ? 218 HOH B O     1 
HETATM 499 O  O     . HOH M 6 . ? -11.563 -10.680 -6.098  1.00 36.94 ? 219 HOH B O     1 
HETATM 500 O  O     . HOH M 6 . ? 2.136   15.233  -9.665  1.00 44.34 ? 220 HOH B O     1 
HETATM 501 O  O     . HOH M 6 . ? -10.798 -2.559  -5.683  1.00 36.72 ? 221 HOH B O     1 
HETATM 502 O  O     . HOH M 6 . ? 1.686   12.136  -12.722 1.00 32.33 ? 222 HOH B O     1 
HETATM 503 O  O     . HOH M 6 . ? -6.450  4.414   -8.971  1.00 45.22 ? 223 HOH B O     1 
HETATM 504 O  O     . HOH M 6 . ? 8.863   16.237  -7.456  1.00 36.92 ? 224 HOH B O     1 
HETATM 505 O  O     . HOH M 6 . ? -4.032  0.417   -8.252  1.00 32.49 ? 225 HOH B O     1 
HETATM 506 O  O     . HOH M 6 . ? -8.503  -9.123  -7.383  1.00 29.01 ? 226 HOH B O     1 
HETATM 507 O  O     . HOH M 6 . ? -0.770  11.857  -7.983  1.00 38.59 ? 227 HOH B O     1 
HETATM 508 O  O     . HOH M 6 . ? 0.769   -3.394  -12.726 1.00 31.02 ? 228 HOH B O     1 
HETATM 509 O  O     . HOH M 6 . ? -7.077  -4.649  -8.835  1.00 28.63 ? 229 HOH B O     1 
HETATM 510 O  O     . HOH M 6 . ? 6.020   15.700  -7.985  1.00 28.39 ? 230 HOH B O     1 
HETATM 511 O  O     . HOH M 6 . ? -2.881  7.451   -3.709  1.00 38.53 ? 231 HOH B O     1 
HETATM 512 O  O     . HOH M 6 . ? -14.419 -5.717  -2.783  1.00 44.83 ? 232 HOH B O     1 
HETATM 513 O  O     . HOH M 6 . ? -1.577  -13.103 -1.567  1.00 17.16 ? 233 HOH B O     1 
HETATM 514 O  O     . HOH M 6 . ? -14.806 -7.461  2.387   1.00 35.00 ? 234 HOH B O     1 
HETATM 515 O  O     . HOH M 6 . ? -10.469 -12.626 -2.298  1.00 31.12 ? 235 HOH B O     1 
HETATM 516 O  O     . HOH M 6 . ? -3.707  9.167   -7.386  0.50 45.78 ? 236 HOH B O     1 
HETATM 517 O  O     . HOH M 6 . ? -5.432  -6.834  -8.672  1.00 31.93 ? 237 HOH B O     1 
HETATM 518 O  O     . HOH M 6 . ? -3.206  0.428   -10.272 1.00 39.29 ? 238 HOH B O     1 
HETATM 519 O  O     . HOH M 6 . ? 1.184   0.077   -15.001 1.00 33.75 ? 239 HOH B O     1 
HETATM 520 O  O     . HOH M 6 . ? -3.911  2.454   -11.324 1.00 36.45 ? 240 HOH B O     1 
HETATM 521 O  O     . HOH M 6 . ? -2.942  -1.854  -11.110 1.00 38.59 ? 241 HOH B O     1 
HETATM 522 O  O     . HOH M 6 . ? -12.378 -6.919  -11.275 1.00 46.91 ? 242 HOH B O     1 
HETATM 523 O  O     . HOH M 6 . ? -0.109  0.701   -17.493 1.00 37.27 ? 243 HOH B O     1 
HETATM 524 O  O     . HOH N 6 . ? 11.954  4.204   -1.376  1.00 45.14 ? 201 HOH D O     1 
HETATM 525 O  O     . HOH N 6 . ? 1.252   1.063   2.924   1.00 18.58 ? 202 HOH D O     1 
HETATM 526 O  O     . HOH N 6 . ? 6.448   3.853   -15.501 1.00 37.12 ? 203 HOH D O     1 
HETATM 527 O  O     . HOH N 6 . ? 1.779   -6.397  -7.930  1.00 13.45 ? 204 HOH D O     1 
HETATM 528 O  O     . HOH N 6 . ? 4.735   1.868   1.725   1.00 22.01 ? 205 HOH D O     1 
HETATM 529 O  O     . HOH N 6 . ? 4.780   9.723   -4.228  1.00 16.17 ? 206 HOH D O     1 
HETATM 530 O  O     . HOH N 6 . ? 14.375  7.471   -7.172  1.00 40.91 ? 207 HOH D O     1 
HETATM 531 O  O     . HOH N 6 . ? 3.834   0.526   3.527   1.00 32.61 ? 208 HOH D O     1 
HETATM 532 O  O     . HOH N 6 . ? 8.556   -0.176  2.558   1.00 42.27 ? 209 HOH D O     1 
HETATM 533 O  O     . HOH N 6 . ? 12.737  1.066   -1.402  1.00 41.38 ? 210 HOH D O     1 
HETATM 534 O  O     . HOH N 6 . ? 6.174   2.534   -19.926 1.00 38.90 ? 211 HOH D O     1 
HETATM 535 O  O     . HOH O 6 . ? -8.895  -2.260  8.696   1.00 39.12 ? 201 HOH F O     1 
HETATM 536 O  O     . HOH O 6 . ? -0.676  0.639   6.568   1.00 28.03 ? 202 HOH F O     1 
HETATM 537 O  O     . HOH O 6 . ? -6.792  -14.455 7.267   1.00 30.96 ? 203 HOH F O     1 
HETATM 538 O  O     . HOH O 6 . ? -6.782  0.592   -0.635  1.00 18.31 ? 204 HOH F O     1 
HETATM 539 O  O     . HOH O 6 . ? -6.554  -1.431  9.333   1.00 37.60 ? 205 HOH F O     1 
HETATM 540 O  O     . HOH O 6 . ? -2.195  -10.895 -3.203  1.00 12.40 ? 206 HOH F O     1 
HETATM 541 O  O     . HOH O 6 . ? 1.082   2.013   5.919   1.00 33.94 ? 207 HOH F O     1 
HETATM 542 O  O     . HOH O 6 . ? -2.133  0.921   9.116   1.00 27.27 ? 208 HOH F O     1 
HETATM 543 O  O     . HOH O 6 . ? 0.724   -1.457  8.048   1.00 42.99 ? 209 HOH F O     1 
# 
loop_
_atom_site_anisotrop.id 
_atom_site_anisotrop.type_symbol 
_atom_site_anisotrop.pdbx_label_atom_id 
_atom_site_anisotrop.pdbx_label_alt_id 
_atom_site_anisotrop.pdbx_label_comp_id 
_atom_site_anisotrop.pdbx_label_asym_id 
_atom_site_anisotrop.pdbx_label_seq_id 
_atom_site_anisotrop.pdbx_PDB_ins_code 
_atom_site_anisotrop.U[1][1] 
_atom_site_anisotrop.U[2][2] 
_atom_site_anisotrop.U[3][3] 
_atom_site_anisotrop.U[1][2] 
_atom_site_anisotrop.U[1][3] 
_atom_site_anisotrop.U[2][3] 
_atom_site_anisotrop.pdbx_auth_seq_id 
_atom_site_anisotrop.pdbx_auth_comp_id 
_atom_site_anisotrop.pdbx_auth_asym_id 
_atom_site_anisotrop.pdbx_auth_atom_id 
1   P  P     . DA  A 1 ? 1.0794 0.9921 1.0617 -0.0645 0.1335 -0.0674 1   DA  A P     
2   O  OP1   . DA  A 1 ? 1.0720 0.9800 1.0476 -0.0699 0.1431 -0.0658 1   DA  A OP1   
3   O  OP2   . DA  A 1 ? 1.0665 0.9839 1.0597 -0.0597 0.1369 -0.0701 1   DA  A OP2   
4   O  "O5'" . DA  A 1 ? 0.6668 0.5918 0.6723 -0.0606 0.1243 -0.0678 1   DA  A "O5'" 
5   C  "C5'" . DA  A 1 ? 0.3979 0.3347 0.4334 -0.0563 0.1265 -0.0708 1   DA  A "C5'" 
6   C  "C4'" . DA  A 1 ? 0.2902 0.2383 0.3436 -0.0540 0.1172 -0.0722 1   DA  A "C4'" 
7   O  "O4'" . DA  A 1 ? 0.2973 0.2399 0.3421 -0.0594 0.1170 -0.0721 1   DA  A "O4'" 
8   C  "C3'" . DA  A 1 ? 0.2961 0.2514 0.3456 -0.0486 0.1046 -0.0704 1   DA  A "C3'" 
9   O  "O3'" . DA  A 1 ? 0.3350 0.3044 0.4072 -0.0435 0.0973 -0.0739 1   DA  A "O3'" 
10  C  "C2'" . DA  A 1 ? 0.1884 0.1375 0.2167 -0.0528 0.1000 -0.0669 1   DA  A "C2'" 
11  C  "C1'" . DA  A 1 ? 0.2107 0.1599 0.2488 -0.0583 0.1062 -0.0696 1   DA  A "C1'" 
12  N  N9    . DA  A 1 ? 0.2262 0.1645 0.2409 -0.0625 0.1043 -0.0662 1   DA  A N9    
13  C  C8    . DA  A 1 ? 0.2620 0.1835 0.2472 -0.0686 0.1109 -0.0643 1   DA  A C8    
14  N  N7    . DA  A 1 ? 0.2859 0.1999 0.2576 -0.0729 0.1019 -0.0581 1   DA  A N7    
15  C  C5    . DA  A 1 ? 0.2006 0.1280 0.1972 -0.0685 0.0887 -0.0559 1   DA  A C5    
16  C  C6    . DA  A 1 ? 0.2066 0.1350 0.2093 -0.0695 0.0742 -0.0496 1   DA  A C6    
17  N  N6    . DA  A 1 ? 0.2871 0.2027 0.2717 -0.0757 0.0692 -0.0426 1   DA  A N6    
18  N  N1    . DA  A 1 ? 0.2286 0.1711 0.2575 -0.0640 0.0644 -0.0510 1   DA  A N1    
19  C  C2    . DA  A 1 ? 0.1875 0.1419 0.2330 -0.0584 0.0679 -0.0579 1   DA  A C2    
20  N  N3    . DA  A 1 ? 0.2009 0.1562 0.2452 -0.0573 0.0797 -0.0632 1   DA  A N3    
21  C  C4    . DA  A 1 ? 0.1799 0.1214 0.2002 -0.0622 0.0903 -0.0618 1   DA  A C4    
22  P  P     . DC  A 2 ? 0.2594 0.2364 0.3348 -0.0345 0.0875 -0.0740 2   DC  A P     
23  O  OP1   . DC  A 2 ? 0.3045 0.2941 0.4033 -0.0303 0.0803 -0.0799 2   DC  A OP1   
24  O  OP2   . DC  A 2 ? 0.2708 0.2432 0.3448 -0.0324 0.0938 -0.0725 2   DC  A OP2   
25  O  "O5'" . DC  A 2 ? 0.3057 0.2784 0.3575 -0.0340 0.0786 -0.0694 2   DC  A "O5'" 
26  C  "C5'" . DC  A 2 ? 0.1463 0.1127 0.1829 -0.0315 0.0777 -0.0652 2   DC  A "C5'" 
27  C  "C4'" . DC  A 2 ? 0.1553 0.1228 0.1818 -0.0282 0.0675 -0.0625 2   DC  A "C4'" 
28  O  "O4'" . DC  A 2 ? 0.1565 0.1214 0.1745 -0.0325 0.0645 -0.0602 2   DC  A "O4'" 
29  C  "C3'" . DC  A 2 ? 0.1922 0.1541 0.2081 -0.0250 0.0663 -0.0586 2   DC  A "C3'" 
30  O  "O3'" . DC  A 2 ? 0.1598 0.1251 0.1837 -0.0189 0.0664 -0.0606 2   DC  A "O3'" 
31  C  "C2'" . DC  A 2 ? 0.1744 0.1359 0.1810 -0.0247 0.0587 -0.0556 2   DC  A "C2'" 
32  C  "C1'" . DC  A 2 ? 0.1327 0.0957 0.1408 -0.0298 0.0577 -0.0564 2   DC  A "C1'" 
33  N  N1    . DC  A 2 ? 0.1368 0.0921 0.1337 -0.0337 0.0582 -0.0528 2   DC  A N1    
34  C  C2    . DC  A 2 ? 0.1334 0.0891 0.1290 -0.0351 0.0525 -0.0518 2   DC  A C2    
35  O  O2    . DC  A 2 ? 0.1337 0.0966 0.1382 -0.0333 0.0476 -0.0537 2   DC  A O2    
36  N  N3    . DC  A 2 ? 0.1402 0.0876 0.1250 -0.0378 0.0515 -0.0492 2   DC  A N3    
37  C  C4    . DC  A 2 ? 0.1509 0.0901 0.1249 -0.0400 0.0566 -0.0484 2   DC  A C4    
38  N  N4    . DC  A 2 ? 0.2044 0.1341 0.1658 -0.0429 0.0542 -0.0469 2   DC  A N4    
39  C  C5    . DC  A 2 ? 0.1614 0.1010 0.1378 -0.0389 0.0633 -0.0497 2   DC  A C5    
40  C  C6    . DC  A 2 ? 0.1463 0.0938 0.1349 -0.0354 0.0635 -0.0516 2   DC  A C6    
41  P  P     . DG  A 3 ? 0.1841 0.1439 0.2041 -0.0147 0.0680 -0.0579 3   DG  A P     
42  O  OP1   . DG  A 3 ? 0.1542 0.1176 0.1906 -0.0097 0.0722 -0.0611 3   DG  A OP1   
43  O  OP2   . DG  A 3 ? 0.1932 0.1456 0.2039 -0.0187 0.0704 -0.0549 3   DG  A OP2   
44  O  "O5'" . DG  A 3 ? 0.1679 0.1279 0.1791 -0.0116 0.0618 -0.0563 3   DG  A "O5'" 
45  C  "C5'" . DG  A 3 ? 0.1440 0.1101 0.1583 -0.0071 0.0589 -0.0603 3   DG  A "C5'" 
46  C  "C4'" . DG  A 3 ? 0.1694 0.1351 0.1713 -0.0068 0.0544 -0.0592 3   DG  A "C4'" 
47  O  "O4'" . DG  A 3 ? 0.1486 0.1153 0.1485 -0.0122 0.0502 -0.0576 3   DG  A "O4'" 
48  C  "C3'" . DG  A 3 ? 0.1524 0.1103 0.1473 -0.0053 0.0574 -0.0543 3   DG  A "C3'" 
49  O  "O3'" . DG  A 3 ? 0.2031 0.1606 0.1963 0.0011  0.0614 -0.0558 3   DG  A "O3'" 
50  C  "C2'" . DG  A 3 ? 0.1421 0.0999 0.1301 -0.0088 0.0531 -0.0524 3   DG  A "C2'" 
51  C  "C1'" . DG  A 3 ? 0.1341 0.0961 0.1267 -0.0133 0.0490 -0.0535 3   DG  A "C1'" 
52  N  N9    . DG  A 3 ? 0.1312 0.0886 0.1239 -0.0175 0.0498 -0.0500 3   DG  A N9    
53  C  C8    . DG  A 3 ? 0.1970 0.1485 0.1888 -0.0177 0.0541 -0.0481 3   DG  A C8    
54  N  N7    . DG  A 3 ? 0.1353 0.0837 0.1240 -0.0214 0.0537 -0.0465 3   DG  A N7    
55  C  C5    . DG  A 3 ? 0.1299 0.0818 0.1188 -0.0236 0.0493 -0.0467 3   DG  A C5    
56  C  C6    . DG  A 3 ? 0.1311 0.0806 0.1168 -0.0276 0.0480 -0.0460 3   DG  A C6    
57  O  O6    . DG  A 3 ? 0.1385 0.0812 0.1174 -0.0301 0.0497 -0.0453 3   DG  A O6    
58  N  N1    . DG  A 3 ? 0.1258 0.0801 0.1160 -0.0283 0.0438 -0.0471 3   DG  A N1    
59  C  C2    . DG  A 3 ? 0.1203 0.0817 0.1166 -0.0259 0.0413 -0.0493 3   DG  A C2    
60  N  N2    . DG  A 3 ? 0.1169 0.0825 0.1189 -0.0270 0.0376 -0.0511 3   DG  A N2    
61  N  N3    . DG  A 3 ? 0.1216 0.0847 0.1177 -0.0224 0.0426 -0.0506 3   DG  A N3    
62  C  C4    . DG  A 3 ? 0.1264 0.0845 0.1191 -0.0214 0.0469 -0.0489 3   DG  A C4    
63  P  P     . DT  A 4 ? 0.2706 0.2195 0.2560 0.0041  0.0674 -0.0507 4   DT  A P     
64  O  OP1   . DT  A 4 ? 0.2735 0.2262 0.2633 0.0110  0.0659 -0.0444 4   DT  A OP1   
65  O  OP2   . DT  A 4 ? 0.5014 0.4430 0.4914 0.0003  0.0682 -0.0463 4   DT  A OP2   
66  O  "O5'" . DT  A 4 ? 0.3295 0.2822 0.3006 0.0021  0.0646 -0.0516 4   DT  A "O5'" 
67  C  "C5'" . DT  A 4 ? 0.3568 0.3197 0.3216 0.0031  0.0600 -0.0582 4   DT  A "C5'" 
68  C  "C4'" . DT  A 4 ? 0.3970 0.3643 0.3541 0.0002  0.0561 -0.0590 4   DT  A "C4'" 
69  O  "O4'" . DT  A 4 ? 0.3071 0.2711 0.2745 -0.0049 0.0528 -0.0559 4   DT  A "O4'" 
70  C  "C3'" . DT  A 4 ? 0.3636 0.3285 0.3048 0.0020  0.0633 -0.0555 4   DT  A "C3'" 
71  O  "O3'" . DT  A 4 ? 0.4673 0.4419 0.3979 0.0019  0.0592 -0.0608 4   DT  A "O3'" 
72  C  "C2'" . DT  A 4 ? 0.2512 0.2081 0.2022 -0.0019 0.0654 -0.0504 4   DT  A "C2'" 
73  C  "C1'" . DT  A 4 ? 0.2205 0.1808 0.1845 -0.0063 0.0563 -0.0534 4   DT  A "C1'" 
74  N  N1    . DT  A 4 ? 0.1699 0.1233 0.1439 -0.0106 0.0558 -0.0494 4   DT  A N1    
75  C  C2    . DT  A 4 ? 0.1399 0.0952 0.1208 -0.0147 0.0519 -0.0498 4   DT  A C2    
76  O  O2    . DT  A 4 ? 0.1724 0.1336 0.1537 -0.0152 0.0495 -0.0533 4   DT  A O2    
77  N  N3    . DT  A 4 ? 0.1336 0.0843 0.1206 -0.0176 0.0512 -0.0464 4   DT  A N3    
78  C  C4    . DT  A 4 ? 0.1349 0.0799 0.1224 -0.0172 0.0535 -0.0434 4   DT  A C4    
79  O  O4    . DT  A 4 ? 0.1552 0.0980 0.1459 -0.0189 0.0516 -0.0416 4   DT  A O4    
80  C  C5    . DT  A 4 ? 0.1433 0.0852 0.1264 -0.0134 0.0582 -0.0433 4   DT  A C5    
81  C  C7    . DT  A 4 ? 0.1819 0.1174 0.1683 -0.0125 0.0616 -0.0409 4   DT  A C7    
82  C  C6    . DT  A 4 ? 0.1716 0.1177 0.1484 -0.0100 0.0593 -0.0458 4   DT  A C6    
83  P  P     . DC  A 5 ? 0.4227 0.4009 0.3274 0.0051  0.0634 -0.0568 5   DC  A P     
84  O  OP1   . DC  A 5 ? 0.5069 0.4953 0.4039 0.0042  0.0585 -0.0660 5   DC  A OP1   
85  O  OP2   . DC  A 5 ? 0.4475 0.4281 0.3507 0.0108  0.0559 -0.0462 5   DC  A OP2   
86  O  "O5'" . DC  A 5 ? 0.3990 0.3665 0.3022 0.0037  0.0757 -0.0482 5   DC  A "O5'" 
87  C  "C5'" . DC  A 5 ? 0.4150 0.3822 0.3000 0.0065  0.0807 -0.0365 5   DC  A "C5'" 
88  C  "C4'" . DC  A 5 ? 0.2918 0.2576 0.1771 0.0029  0.0903 -0.0370 5   DC  A "C4'" 
89  O  "O4'" . DC  A 5 ? 0.2450 0.2017 0.1562 -0.0004 0.0914 -0.0374 5   DC  A "O4'" 
90  C  "C3'" . DC  A 5 ? 0.2902 0.2516 0.1566 0.0047  0.1014 -0.0227 5   DC  A "C3'" 
91  O  "O3'" . DC  A 5 ? 0.4323 0.4045 0.2714 0.0059  0.0992 -0.0236 5   DC  A "O3'" 
92  C  "C2'" . DC  A 5 ? 0.3376 0.2945 0.2246 0.0005  0.1083 -0.0231 5   DC  A "C2'" 
93  C  "C1'" . DC  A 5 ? 0.2350 0.1870 0.1487 -0.0025 0.1006 -0.0326 5   DC  A "C1'" 
94  N  N1    . DC  A 5 ? 0.2264 0.1640 0.1575 -0.0033 0.1055 -0.0269 5   DC  A N1    
95  C  C2    . DC  A 5 ? 0.2097 0.1409 0.1621 -0.0083 0.1026 -0.0327 5   DC  A C2    
96  O  O2    . DC  A 5 ? 0.2021 0.1396 0.1595 -0.0119 0.0970 -0.0406 5   DC  A O2    
97  N  N3    . DC  A 5 ? 0.2040 0.1222 0.1712 -0.0091 0.1059 -0.0291 5   DC  A N3    
98  C  C4    . DC  A 5 ? 0.2853 0.1972 0.2507 -0.0043 0.1128 -0.0202 5   DC  A C4    
99  N  N4    . DC  A 5 ? 0.2316 0.1313 0.2152 -0.0047 0.1156 -0.0184 5   DC  A N4    
100 C  C5    . DC  A 5 ? 0.2369 0.1552 0.1829 0.0010  0.1167 -0.0116 5   DC  A C5    
101 C  C6    . DC  A 5 ? 0.3393 0.2697 0.2663 0.0010  0.1124 -0.0154 5   DC  A C6    
102 P  P     . DG  A 6 ? 0.4945 0.4648 0.3042 0.0089  0.1056 -0.0050 6   DG  A P     
103 O  OP1   . DG  A 6 ? 0.6028 0.5844 0.3833 0.0115  0.0945 -0.0078 6   DG  A OP1   
104 O  OP2   . DG  A 6 ? 0.5153 0.4759 0.3418 0.0118  0.1045 0.0117  6   DG  A OP2   
105 O  "O5'" . DG  A 6 ? 0.5753 0.5489 0.3926 0.0042  0.1169 -0.0053 6   DG  A "O5'" 
106 C  "C5'" . DG  A 6 ? 0.4829 0.4701 0.2996 0.0020  0.1156 -0.0199 6   DG  A "C5'" 
107 C  "C4'" . DG  A 6 ? 0.4860 0.4695 0.3269 -0.0016 0.1251 -0.0230 6   DG  A "C4'" 
108 O  "O4'" . DG  A 6 ? 0.4487 0.4179 0.3171 -0.0031 0.1255 -0.0207 6   DG  A "O4'" 
109 C  "C3'" . DG  A 6 ? 0.4922 0.4754 0.3221 -0.0032 0.1388 -0.0113 6   DG  A "C3'" 
110 O  "O3'" . DG  A 6 ? 0.6525 0.6405 0.4929 -0.0055 0.1450 -0.0220 6   DG  A "O3'" 
111 C  "C2'" . DG  A 6 ? 0.4018 0.3681 0.2520 -0.0039 0.1450 0.0010  6   DG  A "C2'" 
112 C  "C1'" . DG  A 6 ? 0.4326 0.3931 0.3116 -0.0052 0.1375 -0.0122 6   DG  A "C1'" 
113 N  N9    . DG  A 6 ? 0.4418 0.3874 0.3407 -0.0047 0.1382 -0.0054 6   DG  A N9    
114 C  C8    . DG  A 6 ? 0.4899 0.4276 0.3848 -0.0013 0.1423 0.0110  6   DG  A C8    
115 N  N7    . DG  A 6 ? 0.4420 0.3676 0.3613 -0.0011 0.1424 0.0120  6   DG  A N7    
116 C  C5    . DG  A 6 ? 0.4221 0.3465 0.3590 -0.0051 0.1373 -0.0040 6   DG  A C5    
117 C  C6    . DG  A 6 ? 0.2451 0.1580 0.2072 -0.0073 0.1341 -0.0104 6   DG  A C6    
118 O  O6    . DG  A 6 ? 0.3136 0.2162 0.2897 -0.0055 0.1361 -0.0051 6   DG  A O6    
119 N  N1    . DG  A 6 ? 0.2662 0.1813 0.2381 -0.0123 0.1274 -0.0237 6   DG  A N1    
120 C  C2    . DG  A 6 ? 0.3316 0.2586 0.2942 -0.0140 0.1250 -0.0308 6   DG  A C2    
121 N  N2    . DG  A 6 ? 0.2395 0.1671 0.2176 -0.0191 0.1184 -0.0410 6   DG  A N2    
122 N  N3    . DG  A 6 ? 0.3005 0.2387 0.2405 -0.0112 0.1287 -0.0274 6   DG  A N3    
123 C  C4    . DG  A 6 ? 0.4084 0.3446 0.3347 -0.0073 0.1346 -0.0137 6   DG  A C4    
124 N  N1    . BRU A 7 ? 0.3548 0.3126 0.2749 -0.0184 0.1835 -0.0236 7   BRU A N1    
125 C  C2    . BRU A 7 ? 0.4030 0.3445 0.3524 -0.0203 0.1853 -0.0218 7   BRU A C2    
126 N  N3    . BRU A 7 ? 0.3998 0.3318 0.3535 -0.0180 0.1877 -0.0080 7   BRU A N3    
127 C  C4    . BRU A 7 ? 0.5053 0.4426 0.4342 -0.0147 0.1884 0.0060  7   BRU A C4    
128 C  C5    . BRU A 7 ? 0.4862 0.4396 0.3820 -0.0138 0.1861 0.0052  7   BRU A C5    
129 C  C6    . BRU A 7 ? 0.3738 0.3380 0.2654 -0.0152 0.1836 -0.0110 7   BRU A C6    
130 O  O2    . BRU A 7 ? 0.3662 0.3014 0.3401 -0.0239 0.1842 -0.0326 7   BRU A O2    
131 O  O4    . BRU A 7 ? 0.4462 0.3744 0.3824 -0.0125 0.1901 0.0189  7   BRU A O4    
132 BR BR    . BRU A 7 ? 0.7439 0.7035 0.5999 -0.0105 0.1847 0.0267  7   BRU A BR    
133 C  "C1'" . BRU A 7 ? 0.4978 0.4645 0.4172 -0.0198 0.1807 -0.0384 7   BRU A "C1'" 
134 C  "C2'" . BRU A 7 ? 0.6422 0.6242 0.5330 -0.0184 0.1906 -0.0381 7   BRU A "C2'" 
135 C  "C3'" . BRU A 7 ? 0.6041 0.5973 0.4746 -0.0149 0.1805 -0.0436 7   BRU A "C3'" 
136 C  "C4'" . BRU A 7 ? 0.4666 0.4533 0.3598 -0.0152 0.1635 -0.0530 7   BRU A "C4'" 
137 O  "O3'" . BRU A 7 ? 0.8150 0.8195 0.6741 -0.0143 0.1854 -0.0557 7   BRU A "O3'" 
138 O  "O4'" . BRU A 7 ? 0.4783 0.4519 0.3897 -0.0171 0.1640 -0.0457 7   BRU A "O4'" 
139 C  "C5'" . BRU A 7 ? 0.4565 0.4517 0.3262 -0.0100 0.1510 -0.0520 7   BRU A "C5'" 
140 O  "O5'" . BRU A 7 ? 0.6176 0.6196 0.4560 -0.0074 0.1571 -0.0396 7   BRU A "O5'" 
141 P  P     . BRU A 7 ? 0.6970 0.7015 0.5131 -0.0037 0.1463 -0.0305 7   BRU A P     
142 O  OP1   . BRU A 7 ? 0.7639 0.7750 0.5756 0.0003  0.1317 -0.0438 7   BRU A OP1   
143 O  OP2   . BRU A 7 ? 0.8533 0.8644 0.6343 -0.0032 0.1520 -0.0160 7   BRU A OP2   
144 P  P     . DA  B 1 ? 1.1210 0.9290 1.0955 -0.1351 0.1219 -0.0276 1   DA  B P     
145 O  OP1   . DA  B 1 ? 1.1670 0.9814 1.1613 -0.1550 0.1232 -0.0216 1   DA  B OP1   
146 O  OP2   . DA  B 1 ? 1.1174 0.8986 1.0530 -0.1284 0.1145 -0.0319 1   DA  B OP2   
147 O  "O5'" . DA  B 1 ? 0.9491 0.7914 0.9587 -0.1320 0.1104 -0.0272 1   DA  B "O5'" 
148 C  "C5'" . DA  B 1 ? 0.8599 0.7345 0.9118 -0.1454 0.1040 -0.0217 1   DA  B "C5'" 
149 C  "C4'" . DA  B 1 ? 0.8126 0.7165 0.8917 -0.1354 0.1038 -0.0222 1   DA  B "C4'" 
150 O  "O4'" . DA  B 1 ? 0.6897 0.5908 0.7649 -0.1215 0.1226 -0.0235 1   DA  B "O4'" 
151 C  "C3'" . DA  B 1 ? 0.7242 0.6256 0.7936 -0.1247 0.0917 -0.0270 1   DA  B "C3'" 
152 O  "O3'" . DA  B 1 ? 0.7370 0.6694 0.8394 -0.1238 0.0855 -0.0259 1   DA  B "O3'" 
153 C  "C2'" . DA  B 1 ? 0.6391 0.5218 0.6820 -0.1068 0.1048 -0.0319 1   DA  B "C2'" 
154 C  "C1'" . DA  B 1 ? 0.6956 0.5862 0.7530 -0.1043 0.1228 -0.0296 1   DA  B "C1'" 
155 N  N9    . DA  B 1 ? 0.6324 0.4950 0.6579 -0.0933 0.1384 -0.0328 1   DA  B N9    
156 C  C8    . DA  B 1 ? 0.5377 0.3705 0.5281 -0.0955 0.1420 -0.0341 1   DA  B C8    
157 N  N7    . DA  B 1 ? 0.4829 0.2943 0.4471 -0.0822 0.1571 -0.0371 1   DA  B N7    
158 C  C5    . DA  B 1 ? 0.3295 0.1565 0.3141 -0.0708 0.1635 -0.0379 1   DA  B C5    
159 C  C6    . DA  B 1 ? 0.3286 0.1430 0.3006 -0.0533 0.1784 -0.0406 1   DA  B C6    
160 N  N6    . DA  B 1 ? 0.4575 0.2482 0.3938 -0.0452 0.1854 -0.0390 1   DA  B N6    
161 N  N1    . DA  B 1 ? 0.3097 0.1400 0.3079 -0.0451 0.1789 -0.0404 1   DA  B N1    
162 C  C2    . DA  B 1 ? 0.3157 0.1783 0.3493 -0.0532 0.1674 -0.0374 1   DA  B C2    
163 N  N3    . DA  B 1 ? 0.3886 0.2677 0.4365 -0.0689 0.1540 -0.0348 1   DA  B N3    
164 C  C4    . DA  B 1 ? 0.3065 0.1651 0.3287 -0.0774 0.1522 -0.0352 1   DA  B C4    
165 P  P     . DC  B 2 ? 0.7508 0.6889 0.8567 -0.1256 0.0653 -0.0273 2   DC  B P     
166 O  OP1   . DC  B 2 ? 0.8104 0.7823 0.9548 -0.1353 0.0579 -0.0240 2   DC  B OP1   
167 O  OP2   . DC  B 2 ? 0.5711 0.4808 0.6467 -0.1295 0.0557 -0.0285 2   DC  B OP2   
168 O  "O5'" . DC  B 2 ? 0.7212 0.6563 0.8175 -0.1073 0.0683 -0.0320 2   DC  B "O5'" 
169 C  "C5'" . DC  B 2 ? 0.5584 0.4682 0.6205 -0.0966 0.0725 -0.0357 2   DC  B "C5'" 
170 C  "C4'" . DC  B 2 ? 0.2354 0.1488 0.2955 -0.0821 0.0730 -0.0392 2   DC  B "C4'" 
171 O  "O4'" . DC  B 2 ? 0.3061 0.2072 0.3481 -0.0705 0.0870 -0.0421 2   DC  B "O4'" 
172 C  "C3'" . DC  B 2 ? 0.2859 0.1900 0.3277 -0.0792 0.0592 -0.0403 2   DC  B "C3'" 
173 O  "O3'" . DC  B 2 ? 0.4229 0.3419 0.4847 -0.0822 0.0484 -0.0397 2   DC  B "O3'" 
174 C  "C2'" . DC  B 2 ? 0.2498 0.1477 0.2733 -0.0643 0.0660 -0.0432 2   DC  B "C2'" 
175 C  "C1'" . DC  B 2 ? 0.2683 0.1632 0.2907 -0.0601 0.0826 -0.0443 2   DC  B "C1'" 
176 N  N1    . DC  B 2 ? 0.2688 0.1451 0.2604 -0.0560 0.0882 -0.0443 2   DC  B N1    
177 C  C2    . DC  B 2 ? 0.2245 0.0999 0.2063 -0.0451 0.0979 -0.0437 2   DC  B C2    
178 O  O2    . DC  B 2 ? 0.2167 0.1052 0.2150 -0.0393 0.1012 -0.0436 2   DC  B O2    
179 N  N3    . DC  B 2 ? 0.2383 0.0988 0.1934 -0.0416 0.1002 -0.0410 2   DC  B N3    
180 C  C4    . DC  B 2 ? 0.2592 0.1033 0.1951 -0.0475 0.0967 -0.0412 2   DC  B C4    
181 N  N4    . DC  B 2 ? 0.3882 0.2167 0.2976 -0.0426 0.0992 -0.0380 2   DC  B N4    
182 C  C5    . DC  B 2 ? 0.3737 0.2174 0.3186 -0.0588 0.0874 -0.0427 2   DC  B C5    
183 C  C6    . DC  B 2 ? 0.2821 0.1432 0.2557 -0.0631 0.0823 -0.0432 2   DC  B C6    
184 P  P     . DG  B 3 ? 0.3908 0.3017 0.4435 -0.0886 0.0304 -0.0387 3   DG  B P     
185 O  OP1   . DG  B 3 ? 0.4449 0.3725 0.5244 -0.1019 0.0221 -0.0369 3   DG  B OP1   
186 O  OP2   . DG  B 3 ? 0.4448 0.3335 0.4687 -0.0877 0.0287 -0.0390 3   DG  B OP2   
187 O  "O5'" . DG  B 3 ? 0.5316 0.4444 0.5813 -0.0784 0.0266 -0.0405 3   DG  B "O5'" 
188 C  "C5'" . DG  B 3 ? 0.4474 0.3471 0.4717 -0.0682 0.0266 -0.0414 3   DG  B "C5'" 
189 C  "C4'" . DG  B 3 ? 0.2159 0.1235 0.2422 -0.0569 0.0365 -0.0428 3   DG  B "C4'" 
190 O  "O4'" . DG  B 3 ? 0.1932 0.0979 0.2104 -0.0524 0.0478 -0.0436 3   DG  B "O4'" 
191 C  "C3'" . DG  B 3 ? 0.2080 0.1121 0.2203 -0.0489 0.0330 -0.0428 3   DG  B "C3'" 
192 O  "O3'" . DG  B 3 ? 0.2180 0.1323 0.2411 -0.0425 0.0377 -0.0436 3   DG  B "O3'" 
193 C  "C2'" . DG  B 3 ? 0.1870 0.0846 0.1799 -0.0437 0.0383 -0.0428 3   DG  B "C2'" 
194 C  "C1'" . DG  B 3 ? 0.1843 0.0862 0.1842 -0.0432 0.0491 -0.0436 3   DG  B "C1'" 
195 N  N9    . DG  B 3 ? 0.2049 0.0967 0.1865 -0.0419 0.0541 -0.0433 3   DG  B N9    
196 C  C8    . DG  B 3 ? 0.2313 0.1083 0.1949 -0.0454 0.0497 -0.0427 3   DG  B C8    
197 N  N7    . DG  B 3 ? 0.2214 0.0897 0.1687 -0.0424 0.0563 -0.0421 3   DG  B N7    
198 C  C5    . DG  B 3 ? 0.2085 0.0867 0.1646 -0.0369 0.0645 -0.0418 3   DG  B C5    
199 C  C6    . DG  B 3 ? 0.2122 0.0862 0.1579 -0.0314 0.0711 -0.0398 3   DG  B C6    
200 O  O6    . DG  B 3 ? 0.2287 0.0885 0.1542 -0.0301 0.0726 -0.0381 3   DG  B O6    
201 N  N1    . DG  B 3 ? 0.1975 0.0836 0.1571 -0.0264 0.0743 -0.0391 3   DG  B N1    
202 C  C2    . DG  B 3 ? 0.1819 0.0818 0.1618 -0.0267 0.0736 -0.0406 3   DG  B C2    
203 N  N2    . DG  B 3 ? 0.1724 0.0803 0.1606 -0.0211 0.0752 -0.0391 3   DG  B N2    
204 N  N3    . DG  B 3 ? 0.1787 0.0822 0.1682 -0.0315 0.0690 -0.0426 3   DG  B N3    
205 C  C4    . DG  B 3 ? 0.1920 0.0845 0.1691 -0.0364 0.0635 -0.0428 3   DG  B C4    
206 P  P     . DT  B 4 ? 0.2296 0.1478 0.2668 -0.0437 0.0319 -0.0439 4   DT  B P     
207 O  OP1   . DT  B 4 ? 0.2734 0.2030 0.3372 -0.0464 0.0363 -0.0454 4   DT  B OP1   
208 O  OP2   . DT  B 4 ? 0.2805 0.1873 0.3059 -0.0478 0.0207 -0.0427 4   DT  B OP2   
209 O  "O5'" . DT  B 4 ? 0.2080 0.1295 0.2412 -0.0348 0.0359 -0.0439 4   DT  B "O5'" 
210 C  "C5'" . DT  B 4 ? 0.1994 0.1302 0.2420 -0.0292 0.0443 -0.0449 4   DT  B "C5'" 
211 C  "C4'" . DT  B 4 ? 0.1734 0.1060 0.2053 -0.0241 0.0448 -0.0438 4   DT  B "C4'" 
212 O  "O4'" . DT  B 4 ? 0.1642 0.0967 0.1842 -0.0233 0.0469 -0.0430 4   DT  B "O4'" 
213 C  "C3'" . DT  B 4 ? 0.1738 0.0997 0.1973 -0.0252 0.0388 -0.0428 4   DT  B "C3'" 
214 O  "O3'" . DT  B 4 ? 0.1509 0.0772 0.1809 -0.0228 0.0384 -0.0429 4   DT  B "O3'" 
215 C  "C2'" . DT  B 4 ? 0.1499 0.0769 0.1614 -0.0239 0.0406 -0.0422 4   DT  B "C2'" 
216 C  "C1'" . DT  B 4 ? 0.1405 0.0709 0.1498 -0.0227 0.0443 -0.0423 4   DT  B "C1'" 
217 N  N1    . DT  B 4 ? 0.1489 0.0707 0.1449 -0.0248 0.0424 -0.0419 4   DT  B N1    
218 C  C2    . DT  B 4 ? 0.1589 0.0803 0.1457 -0.0226 0.0462 -0.0419 4   DT  B C2    
219 O  O2    . DT  B 4 ? 0.1448 0.0727 0.1348 -0.0196 0.0500 -0.0421 4   DT  B O2    
220 N  N3    . DT  B 4 ? 0.1624 0.0734 0.1353 -0.0240 0.0443 -0.0416 4   DT  B N3    
221 C  C4    . DT  B 4 ? 0.2171 0.1183 0.1850 -0.0279 0.0381 -0.0416 4   DT  B C4    
222 O  O4    . DT  B 4 ? 0.2808 0.1713 0.2344 -0.0288 0.0364 -0.0414 4   DT  B O4    
223 C  C5    . DT  B 4 ? 0.2241 0.1261 0.2032 -0.0313 0.0336 -0.0416 4   DT  B C5    
224 C  C7    . DT  B 4 ? 0.2186 0.1095 0.1945 -0.0366 0.0247 -0.0415 4   DT  B C7    
225 C  C6    . DT  B 4 ? 0.1621 0.0742 0.1543 -0.0292 0.0365 -0.0418 4   DT  B C6    
226 P  P     . DC  B 5 ? 0.2068 0.1214 0.2313 -0.0244 0.0324 -0.0421 5   DC  B P     
227 O  OP1   . DC  B 5 ? 0.2218 0.1353 0.2517 -0.0204 0.0334 -0.0425 5   DC  B OP1   
228 O  OP2   . DC  B 5 ? 0.2337 0.1410 0.2591 -0.0286 0.0265 -0.0422 5   DC  B OP2   
229 O  "O5'" . DC  B 5 ? 0.2109 0.1224 0.2213 -0.0258 0.0330 -0.0409 5   DC  B "O5'" 
230 C  "C5'" . DC  B 5 ? 0.2182 0.1171 0.2187 -0.0282 0.0292 -0.0398 5   DC  B "C5'" 
231 C  "C4'" . DC  B 5 ? 0.2360 0.1353 0.2297 -0.0293 0.0349 -0.0396 5   DC  B "C4'" 
232 O  "O4'" . DC  B 5 ? 0.1877 0.0931 0.1770 -0.0296 0.0394 -0.0406 5   DC  B "O4'" 
233 C  "C3'" . DC  B 5 ? 0.2073 0.0914 0.1889 -0.0321 0.0344 -0.0382 5   DC  B "C3'" 
234 O  "O3'" . DC  B 5 ? 0.3047 0.1819 0.2874 -0.0320 0.0338 -0.0375 5   DC  B "O3'" 
235 C  "C2'" . DC  B 5 ? 0.2328 0.1198 0.2071 -0.0348 0.0434 -0.0391 5   DC  B "C2'" 
236 C  "C1'" . DC  B 5 ? 0.1887 0.0904 0.1701 -0.0324 0.0456 -0.0410 5   DC  B "C1'" 
237 N  N1    . DC  B 5 ? 0.1808 0.0795 0.1510 -0.0325 0.0479 -0.0413 5   DC  B N1    
238 C  C2    . DC  B 5 ? 0.1711 0.0796 0.1429 -0.0312 0.0535 -0.0433 5   DC  B C2    
239 O  O2    . DC  B 5 ? 0.1602 0.0803 0.1440 -0.0308 0.0560 -0.0451 5   DC  B O2    
240 N  N3    . DC  B 5 ? 0.1783 0.0817 0.1374 -0.0299 0.0549 -0.0431 5   DC  B N3    
241 C  C4    . DC  B 5 ? 0.1932 0.0816 0.1373 -0.0304 0.0513 -0.0414 5   DC  B C4    
242 N  N4    . DC  B 5 ? 0.2031 0.0845 0.1320 -0.0281 0.0523 -0.0410 5   DC  B N4    
243 C  C5    . DC  B 5 ? 0.2184 0.0974 0.1616 -0.0324 0.0450 -0.0398 5   DC  B C5    
244 C  C6    . DC  B 5 ? 0.2213 0.1061 0.1785 -0.0331 0.0433 -0.0397 5   DC  B C6    
245 P  P     . DG  B 6 ? 0.3772 0.2329 0.3460 -0.0331 0.0314 -0.0351 6   DG  B P     
246 O  OP1   . DG  B 6 ? 0.5040 0.3520 0.4775 -0.0291 0.0243 -0.0351 6   DG  B OP1   
247 O  OP2   . DG  B 6 ? 0.3705 0.2177 0.3258 -0.0347 0.0314 -0.0340 6   DG  B OP2   
248 O  "O5'" . DG  B 6 ? 0.4993 0.3507 0.4621 -0.0374 0.0400 -0.0343 6   DG  B "O5'" 
249 C  "C5'" . DG  B 6 ? 0.4368 0.2938 0.4085 -0.0375 0.0413 -0.0357 6   DG  B "C5'" 
250 C  "C4'" . DG  B 6 ? 0.4355 0.3020 0.4098 -0.0432 0.0507 -0.0381 6   DG  B "C4'" 
251 O  "O4'" . DG  B 6 ? 0.2988 0.1772 0.2751 -0.0431 0.0545 -0.0399 6   DG  B "O4'" 
252 C  "C3'" . DG  B 6 ? 0.3025 0.1547 0.2643 -0.0504 0.0588 -0.0368 6   DG  B "C3'" 
253 O  "O3'" . DG  B 6 ? 0.2792 0.1391 0.2492 -0.0559 0.0643 -0.0401 6   DG  B "O3'" 
254 C  "C2'" . DG  B 6 ? 0.2813 0.1335 0.2343 -0.0525 0.0654 -0.0368 6   DG  B "C2'" 
255 C  "C1'" . DG  B 6 ? 0.2219 0.0952 0.1889 -0.0492 0.0646 -0.0406 6   DG  B "C1'" 
256 N  N9    . DG  B 6 ? 0.2396 0.1119 0.1978 -0.0477 0.0661 -0.0403 6   DG  B N9    
257 C  C8    . DG  B 6 ? 0.2549 0.1099 0.1956 -0.0467 0.0636 -0.0368 6   DG  B C8    
258 N  N7    . DG  B 6 ? 0.2475 0.1026 0.1803 -0.0451 0.0650 -0.0374 6   DG  B N7    
259 C  C5    . DG  B 6 ? 0.2278 0.1019 0.1746 -0.0448 0.0692 -0.0414 6   DG  B C5    
260 C  C6    . DG  B 6 ? 0.2267 0.1071 0.1710 -0.0424 0.0718 -0.0433 6   DG  B C6    
261 O  O6    . DG  B 6 ? 0.2354 0.1053 0.1632 -0.0399 0.0706 -0.0416 6   DG  B O6    
262 N  N1    . DG  B 6 ? 0.1948 0.0938 0.1557 -0.0420 0.0745 -0.0470 6   DG  B N1    
263 C  C2    . DG  B 6 ? 0.1852 0.0949 0.1623 -0.0440 0.0750 -0.0495 6   DG  B C2    
264 N  N2    . DG  B 6 ? 0.1718 0.0975 0.1620 -0.0427 0.0760 -0.0533 6   DG  B N2    
265 N  N3    . DG  B 6 ? 0.1916 0.0942 0.1694 -0.0462 0.0727 -0.0477 6   DG  B N3    
266 C  C4    . DG  B 6 ? 0.2337 0.1187 0.1964 -0.0464 0.0700 -0.0435 6   DG  B C4    
267 N  N1    . BRU B 7 ? 0.2927 0.1740 0.2757 -0.0852 0.1003 -0.0534 7   BRU B N1    
268 C  C2    . BRU B 7 ? 0.3493 0.2404 0.3344 -0.0869 0.1094 -0.0573 7   BRU B C2    
269 N  N3    . BRU B 7 ? 0.3070 0.1844 0.2746 -0.0856 0.1148 -0.0533 7   BRU B N3    
270 C  C4    . BRU B 7 ? 0.2997 0.1546 0.2481 -0.0823 0.1104 -0.0457 7   BRU B C4    
271 C  C5    . BRU B 7 ? 0.5640 0.4111 0.5124 -0.0801 0.1003 -0.0423 7   BRU B C5    
272 C  C6    . BRU B 7 ? 0.3160 0.1760 0.2817 -0.0816 0.0956 -0.0462 7   BRU B C6    
273 O  O2    . BRU B 7 ? 0.2635 0.1746 0.2647 -0.0893 0.1128 -0.0648 7   BRU B O2    
274 O  O4    . BRU B 7 ? 0.3302 0.1713 0.2607 -0.0806 0.1149 -0.0423 7   BRU B O4    
275 BR BR    . BRU B 7 ? 0.6488 0.4642 0.5707 -0.0741 0.0925 -0.0333 7   BRU B BR    
276 C  "C1'" . BRU B 7 ? 0.2873 0.1795 0.2850 -0.0860 0.0949 -0.0576 7   BRU B "C1'" 
277 C  "C2'" . BRU B 7 ? 0.3929 0.2690 0.3856 -0.0915 0.0909 -0.0543 7   BRU B "C2'" 
278 C  "C3'" . BRU B 7 ? 0.4196 0.2949 0.4153 -0.0843 0.0808 -0.0541 7   BRU B "C3'" 
279 C  "C4'" . BRU B 7 ? 0.3129 0.2054 0.3167 -0.0730 0.0769 -0.0564 7   BRU B "C4'" 
280 O  "O3'" . BRU B 7 ? 0.5169 0.3979 0.5237 -0.0900 0.0782 -0.0591 7   BRU B "O3'" 
281 O  "O4'" . BRU B 7 ? 0.2846 0.1823 0.2863 -0.0741 0.0843 -0.0570 7   BRU B "O4'" 
282 C  "C5'" . BRU B 7 ? 0.3135 0.1956 0.3096 -0.0632 0.0672 -0.0506 7   BRU B "C5'" 
283 O  "O5'" . BRU B 7 ? 0.2576 0.1193 0.2384 -0.0659 0.0681 -0.0453 7   BRU B "O5'" 
284 P  P     . BRU B 7 ? 0.3203 0.1702 0.2906 -0.0574 0.0608 -0.0398 7   BRU B P     
285 O  OP1   . BRU B 7 ? 0.3336 0.1869 0.3112 -0.0488 0.0508 -0.0401 7   BRU B OP1   
286 O  OP2   . BRU B 7 ? 0.4065 0.2316 0.3587 -0.0605 0.0623 -0.0353 7   BRU B OP2   
287 N  N     . DSN C 1 ? 0.1988 0.1128 0.1464 -0.0542 0.0738 -0.0558 1   DSN D N     
288 C  CA    . DSN C 1 ? 0.1927 0.1097 0.1457 -0.0542 0.0692 -0.0554 1   DSN D CA    
289 C  C     . DSN C 1 ? 0.1704 0.0981 0.1361 -0.0431 0.0526 -0.0535 1   DSN D C     
290 O  O     . DSN C 1 ? 0.1655 0.1022 0.1431 -0.0411 0.0498 -0.0542 1   DSN D O     
291 C  CB    . DSN C 1 ? 0.1806 0.1176 0.1626 -0.0592 0.0812 -0.0623 1   DSN D CB    
292 O  OG    . DSN C 1 ? 0.1571 0.1150 0.1657 -0.0521 0.0766 -0.0655 1   DSN D OG    
293 N  N     . ALA C 2 ? 0.1753 0.1000 0.1386 -0.0369 0.0433 -0.0529 2   ALA D N     
294 C  CA    . ALA C 2 ? 0.1543 0.0898 0.1341 -0.0301 0.0352 -0.0544 2   ALA D CA    
295 C  C     . ALA C 2 ? 0.1380 0.0917 0.1327 -0.0304 0.0424 -0.0539 2   ALA D C     
296 O  O     . ALA C 2 ? 0.1402 0.0976 0.1364 -0.0321 0.0469 -0.0536 2   ALA D O     
297 C  CB    . ALA C 2 ? 0.2136 0.1411 0.1944 -0.0259 0.0246 -0.0572 2   ALA D CB    
298 N  N     . N2C C 3 ? 0.1294 0.0888 0.1322 -0.0285 0.0427 -0.0552 3   N2C D N     
299 C  CA    . N2C C 3 ? 0.1274 0.0892 0.1293 -0.0294 0.0461 -0.0542 3   N2C D CA    
300 C  CB    . N2C C 3 ? 0.1337 0.0904 0.1299 -0.0283 0.0437 -0.0545 3   N2C D CB    
301 S  SG    . N2C C 3 ? 0.1546 0.1108 0.1533 -0.0297 0.0416 -0.0553 3   N2C D SG    
302 C  CD    . N2C C 3 ? 0.1584 0.1055 0.1510 -0.0271 0.0355 -0.0570 3   N2C D CD    
303 C  CN    . N2C C 3 ? 0.1335 0.0918 0.1421 -0.0257 0.0397 -0.0592 3   N2C D CN    
304 C  C     . N2C C 3 ? 0.1522 0.1136 0.1563 -0.0316 0.0522 -0.0561 3   N2C D C     
305 O  O     . N2C C 3 ? 0.1430 0.0982 0.1402 -0.0332 0.0573 -0.0572 3   N2C D O     
306 N  N     . MVA C 4 ? 0.1302 0.0948 0.1424 -0.0333 0.0538 -0.0578 4   MVA D N     
307 C  CN    . MVA C 4 ? 0.1473 0.1110 0.1575 -0.0312 0.0475 -0.0562 4   MVA D CN    
308 C  CA    . MVA C 4 ? 0.1391 0.1052 0.1612 -0.0392 0.0650 -0.0630 4   MVA D CA    
309 C  CB    . MVA C 4 ? 0.1335 0.1099 0.1832 -0.0387 0.0637 -0.0707 4   MVA D CB    
310 C  CG1   . MVA C 4 ? 0.1492 0.1310 0.2187 -0.0482 0.0821 -0.0796 4   MVA D CG1   
311 C  CG2   . MVA C 4 ? 0.2416 0.2223 0.3062 -0.0315 0.0526 -0.0754 4   MVA D CG2   
312 C  C     . MVA C 4 ? 0.3359 0.2870 0.3372 -0.0454 0.0725 -0.0604 4   MVA D C     
313 O  O     . MVA C 4 ? 0.4691 0.4042 0.4522 -0.0518 0.0839 -0.0608 4   MVA D O     
314 N  N     . DSN C 5 ? 0.1539 0.0924 0.1372 -0.0368 0.0476 -0.0540 5   DSN D N     
315 C  CA    . DSN C 5 ? 0.1699 0.0943 0.1354 -0.0378 0.0476 -0.0530 5   DSN D CA    
316 C  C     . DSN C 5 ? 0.1628 0.0911 0.1320 -0.0301 0.0383 -0.0539 5   DSN D C     
317 O  O     . DSN C 5 ? 0.1724 0.0925 0.1323 -0.0298 0.0371 -0.0541 5   DSN D O     
318 C  CB    . DSN C 5 ? 0.1771 0.1014 0.1423 -0.0454 0.0626 -0.0541 5   DSN D CB    
319 O  OG    . DSN C 5 ? 0.1587 0.1038 0.1483 -0.0422 0.0630 -0.0563 5   DSN D OG    
320 N  N     . ALA C 6 ? 0.1517 0.0897 0.1338 -0.0252 0.0334 -0.0563 6   ALA D N     
321 C  CA    . ALA C 6 ? 0.1481 0.0920 0.1418 -0.0213 0.0295 -0.0605 6   ALA D CA    
322 C  C     . ALA C 6 ? 0.1358 0.0915 0.1374 -0.0247 0.0372 -0.0587 6   ALA D C     
323 O  O     . ALA C 6 ? 0.1293 0.0896 0.1303 -0.0277 0.0430 -0.0553 6   ALA D O     
324 C  CB    . ALA C 6 ? 0.1649 0.1177 0.1743 -0.0185 0.0302 -0.0664 6   ALA D CB    
325 N  N     . NCY C 7 ? 0.1372 0.0947 0.1479 -0.0237 0.0342 -0.0627 7   NCY D N     
326 C  CA    . NCY C 7 ? 0.1307 0.0951 0.1466 -0.0277 0.0405 -0.0617 7   NCY D CA    
327 C  CB    . NCY C 7 ? 0.1385 0.0926 0.1444 -0.0260 0.0341 -0.0606 7   NCY D CB    
328 S  SG    . NCY C 7 ? 0.1704 0.1156 0.1569 -0.0262 0.0376 -0.0559 7   NCY D SG    
329 C  CN    . NCY C 7 ? 0.2402 0.1875 0.2553 -0.0188 0.0210 -0.0691 7   NCY D CN    
330 C  C     . NCY C 7 ? 0.1296 0.1048 0.1676 -0.0315 0.0472 -0.0691 7   NCY D C     
331 O  O     . NCY C 7 ? 0.1337 0.1120 0.1885 -0.0316 0.0434 -0.0751 7   NCY D O     
332 N  N     . MVA C 8 ? 0.1511 0.1298 0.1901 -0.0363 0.0585 -0.0701 8   MVA D N     
333 C  CN    . MVA C 8 ? 0.1465 0.1175 0.1662 -0.0352 0.0579 -0.0636 8   MVA D CN    
334 C  CA    . MVA C 8 ? 0.1832 0.1697 0.2428 -0.0445 0.0732 -0.0795 8   MVA D CA    
335 C  CB    . MVA C 8 ? 0.2962 0.2872 0.3661 -0.0439 0.0781 -0.0853 8   MVA D CB    
336 C  CG1   . MVA C 8 ? 0.4551 0.4413 0.5291 -0.0570 0.0989 -0.0923 8   MVA D CG1   
337 C  CG2   . MVA C 8 ? 0.2572 0.2612 0.3585 -0.0336 0.0649 -0.0953 8   MVA D CG2   
338 C  C     . MVA C 8 ? 0.1984 0.1711 0.2365 -0.0553 0.0860 -0.0757 8   MVA D C     
339 O  O     . MVA C 8 ? 0.4093 0.3845 0.4630 -0.0660 0.1031 -0.0851 8   MVA D O     
340 N  N     . DSN D 1 ? 0.1863 0.0929 0.1854 -0.0284 0.0828 -0.0489 1   DSN F N     
341 C  CA    . DSN D 1 ? 0.1885 0.0930 0.1855 -0.0279 0.0835 -0.0485 1   DSN F CA    
342 C  C     . DSN D 1 ? 0.1879 0.0941 0.1888 -0.0271 0.0820 -0.0502 1   DSN F C     
343 O  O     . DSN D 1 ? 0.1899 0.0941 0.1902 -0.0259 0.0820 -0.0500 1   DSN F O     
344 C  CB    . DSN D 1 ? 0.1881 0.0928 0.1863 -0.0296 0.0861 -0.0477 1   DSN F CB    
345 O  OG    . DSN D 1 ? 0.1849 0.0924 0.1855 -0.0295 0.0842 -0.0482 1   DSN F OG    
346 N  N     . ALA D 2 ? 0.1873 0.0968 0.1943 -0.0281 0.0814 -0.0533 2   ALA F N     
347 C  CA    . ALA D 2 ? 0.1876 0.1017 0.2048 -0.0288 0.0823 -0.0581 2   ALA F CA    
348 C  C     . ALA D 2 ? 0.1872 0.1007 0.2041 -0.0320 0.0885 -0.0554 2   ALA F C     
349 O  O     . ALA D 2 ? 0.1888 0.0973 0.1969 -0.0329 0.0901 -0.0512 2   ALA F O     
350 C  CB    . ALA D 2 ? 0.1894 0.1085 0.2180 -0.0311 0.0824 -0.0647 2   ALA F CB    
351 N  N     . N2C D 3 ? 0.1890 0.1057 0.2132 -0.0329 0.0921 -0.0590 3   N2C F N     
352 C  CA    . N2C D 3 ? 0.2064 0.1183 0.2248 -0.0356 0.0992 -0.0567 3   N2C F CA    
353 C  CB    . N2C D 3 ? 0.2261 0.1366 0.2397 -0.0321 0.0959 -0.0557 3   N2C F CB    
354 S  SG    . N2C D 3 ? 0.2241 0.1338 0.2348 -0.0274 0.0873 -0.0538 3   N2C F SG    
355 C  CD    . N2C D 3 ? 0.1955 0.1019 0.2052 -0.0235 0.0857 -0.0554 3   N2C F CD    
356 C  CN    . N2C D 3 ? 0.1966 0.1213 0.2352 -0.0302 0.0891 -0.0673 3   N2C F CN    
357 C  C     . N2C D 3 ? 0.2216 0.1364 0.2521 -0.0413 0.1095 -0.0625 3   N2C F C     
358 O  O     . N2C D 3 ? 0.2373 0.1559 0.2751 -0.0417 0.1133 -0.0667 3   N2C F O     
359 N  N     . MVA D 4 ? 0.2062 0.1193 0.2406 -0.0463 0.1158 -0.0641 4   MVA F N     
360 C  CN    . MVA D 4 ? 0.2203 0.1261 0.2427 -0.0449 0.1121 -0.0588 4   MVA F CN    
361 C  CA    . MVA D 4 ? 0.2480 0.1659 0.3002 -0.0541 0.1288 -0.0722 4   MVA F CA    
362 C  CB    . MVA D 4 ? 0.2210 0.1474 0.2902 -0.0571 0.1288 -0.0792 4   MVA F CB    
363 C  CG1   . MVA D 4 ? 0.5111 0.4378 0.5939 -0.0661 0.1477 -0.0872 4   MVA F CG1   
364 C  CG2   . MVA D 4 ? 0.3482 0.2919 0.4377 -0.0517 0.1144 -0.0887 4   MVA F CG2   
365 C  C     . MVA D 4 ? 0.2991 0.1991 0.3355 -0.0603 0.1453 -0.0683 4   MVA F C     
366 O  O     . MVA D 4 ? 0.5638 0.4637 0.6113 -0.0654 0.1541 -0.0752 4   MVA F O     
367 N  N     . DSN D 5 ? 0.3408 0.1853 0.3022 -0.0511 0.1453 -0.0470 5   DSN F N     
368 C  CA    . DSN D 5 ? 0.4008 0.2404 0.3538 -0.0502 0.1471 -0.0459 5   DSN F CA    
369 C  C     . DSN D 5 ? 0.3074 0.1537 0.2560 -0.0411 0.1295 -0.0443 5   DSN F C     
370 O  O     . DSN D 5 ? 0.2825 0.1365 0.2352 -0.0392 0.1262 -0.0465 5   DSN F O     
371 C  CB    . DSN D 5 ? 0.3095 0.1681 0.2914 -0.0568 0.1521 -0.0535 5   DSN F CB    
372 O  OG    . DSN D 5 ? 0.2635 0.1464 0.2706 -0.0549 0.1410 -0.0583 5   DSN F OG    
373 N  N     . ALA D 6 ? 0.3651 0.2091 0.3073 -0.0354 0.1189 -0.0422 6   ALA F N     
374 C  CA    . ALA D 6 ? 0.3563 0.2091 0.3003 -0.0285 0.1049 -0.0436 6   ALA F CA    
375 C  C     . ALA D 6 ? 0.2257 0.1013 0.1941 -0.0310 0.1000 -0.0460 6   ALA F C     
376 O  O     . ALA D 6 ? 0.2240 0.1085 0.2061 -0.0348 0.1025 -0.0469 6   ALA F O     
377 C  CB    . ALA D 6 ? 0.3448 0.1905 0.2806 -0.0222 0.0963 -0.0433 6   ALA F CB    
378 N  N     . NCY D 7 ? 0.2259 0.1086 0.1981 -0.0281 0.0930 -0.0478 7   NCY F N     
379 C  CA    . NCY D 7 ? 0.2011 0.0971 0.1887 -0.0294 0.0899 -0.0486 7   NCY F CA    
380 C  CB    . NCY D 7 ? 0.2418 0.1409 0.2338 -0.0295 0.0911 -0.0504 7   NCY F CB    
381 S  SG    . NCY D 7 ? 0.2326 0.1328 0.2305 -0.0324 0.0998 -0.0530 7   NCY F SG    
382 C  CN    . NCY D 7 ? 0.3412 0.2175 0.3024 -0.0234 0.0887 -0.0505 7   NCY F CN    
383 C  C     . NCY D 7 ? 0.1961 0.0955 0.1866 -0.0278 0.0840 -0.0496 7   NCY F C     
384 O  O     . NCY D 7 ? 0.1958 0.0970 0.1891 -0.0276 0.0819 -0.0519 7   NCY F O     
385 N  N     . MVA D 8 ? 0.1938 0.0944 0.1858 -0.0274 0.0825 -0.0493 8   MVA F N     
386 C  CN    . MVA D 8 ? 0.1965 0.0934 0.1856 -0.0279 0.0847 -0.0475 8   MVA F CN    
387 C  CA    . MVA D 8 ? 0.1908 0.0961 0.1896 -0.0273 0.0802 -0.0524 8   MVA F CA    
388 C  CB    . MVA D 8 ? 0.2061 0.1097 0.2040 -0.0232 0.0760 -0.0564 8   MVA F CB    
389 C  CG1   . MVA D 8 ? 0.2471 0.1600 0.2592 -0.0244 0.0757 -0.0631 8   MVA F CG1   
390 C  CG2   . MVA D 8 ? 0.2802 0.1732 0.2650 -0.0174 0.0716 -0.0591 8   MVA F CG2   
391 C  C     . MVA D 8 ? 0.1860 0.0946 0.1895 -0.0300 0.0836 -0.0507 8   MVA F C     
392 O  O     . MVA D 8 ? 0.1879 0.0975 0.1963 -0.0327 0.0871 -0.0524 8   MVA F O     
419 K  K     . K   I . ? 0.2825 0.1737 0.2292 0.0219  0.0136 -0.0786 103 K   D K     
# 
loop_
_pdbx_poly_seq_scheme.asym_id 
_pdbx_poly_seq_scheme.entity_id 
_pdbx_poly_seq_scheme.seq_id 
_pdbx_poly_seq_scheme.mon_id 
_pdbx_poly_seq_scheme.ndb_seq_num 
_pdbx_poly_seq_scheme.pdb_seq_num 
_pdbx_poly_seq_scheme.auth_seq_num 
_pdbx_poly_seq_scheme.pdb_mon_id 
_pdbx_poly_seq_scheme.auth_mon_id 
_pdbx_poly_seq_scheme.pdb_strand_id 
_pdbx_poly_seq_scheme.pdb_ins_code 
_pdbx_poly_seq_scheme.hetero 
A 1 1 DA  1 1 1 DA  DA  A . n 
A 1 2 DC  2 2 2 DC  DC  A . n 
A 1 3 DG  3 3 3 DG  DG  A . n 
A 1 4 DT  4 4 4 DT  DT  A . n 
A 1 5 DC  5 5 5 DC  DC  A . n 
A 1 6 DG  6 6 6 DG  DG  A . n 
A 1 7 BRU 7 7 7 BRU BRU A . n 
B 1 1 DA  1 1 1 DA  DA  B . n 
B 1 2 DC  2 2 2 DC  DC  B . n 
B 1 3 DG  3 3 3 DG  DG  B . n 
B 1 4 DT  4 4 4 DT  DT  B . n 
B 1 5 DC  5 5 5 DC  DC  B . n 
B 1 6 DG  6 6 6 DG  DG  B . n 
B 1 7 BRU 7 7 7 BRU BRU B . n 
C 2 1 DSN 1 1 1 DSN DSN D . n 
C 2 2 ALA 2 2 2 ALA ALA D . n 
C 2 3 N2C 3 3 3 N2C N2C D . n 
C 2 4 MVA 4 4 4 MVA MVA D . n 
C 2 5 DSN 5 5 5 DSN DSN D . n 
C 2 6 ALA 6 6 6 ALA ALA D . n 
C 2 7 NCY 7 7 7 NCY NCY D . n 
C 2 8 MVA 8 8 8 MVA MVA D . n 
D 2 1 DSN 1 1 1 DSN DSN F . n 
D 2 2 ALA 2 2 2 ALA ALA F . n 
D 2 3 N2C 3 3 3 N2C N2C F . n 
D 2 4 MVA 4 4 4 MVA MVA F . n 
D 2 5 DSN 5 5 5 DSN DSN F . n 
D 2 6 ALA 6 6 6 ALA ALA F . n 
D 2 7 NCY 7 7 7 NCY NCY F . n 
D 2 8 MVA 8 8 8 MVA MVA F . n 
# 
loop_
_pdbx_nonpoly_scheme.asym_id 
_pdbx_nonpoly_scheme.entity_id 
_pdbx_nonpoly_scheme.mon_id 
_pdbx_nonpoly_scheme.ndb_seq_num 
_pdbx_nonpoly_scheme.pdb_seq_num 
_pdbx_nonpoly_scheme.auth_seq_num 
_pdbx_nonpoly_scheme.pdb_mon_id 
_pdbx_nonpoly_scheme.auth_mon_id 
_pdbx_nonpoly_scheme.pdb_strand_id 
_pdbx_nonpoly_scheme.pdb_ins_code 
E 3 MN  1  101 1   MN  MN  A . 
F 3 MN  1  101 2   MN  MN  B . 
G 4 QUI 1  101 10  QUI QUI D . 
H 4 QUI 1  102 11  QUI QUI D . 
I 5 K   1  103 1   K   K   D . 
J 4 QUI 1  101 10  QUI QUI F . 
K 4 QUI 1  102 11  QUI QUI F . 
L 6 HOH 1  201 36  HOH HOH A . 
L 6 HOH 2  202 73  HOH HOH A . 
L 6 HOH 3  203 52  HOH HOH A . 
L 6 HOH 4  204 66  HOH HOH A . 
L 6 HOH 5  205 1   HOH HOH A . 
L 6 HOH 6  206 47  HOH HOH A . 
L 6 HOH 7  207 18  HOH HOH A . 
L 6 HOH 8  208 10  HOH HOH A . 
L 6 HOH 9  209 29  HOH HOH A . 
L 6 HOH 10 210 17  HOH HOH A . 
L 6 HOH 11 211 81  HOH HOH A . 
L 6 HOH 12 212 22  HOH HOH A . 
L 6 HOH 13 213 12  HOH HOH A . 
L 6 HOH 14 214 14  HOH HOH A . 
L 6 HOH 15 215 63  HOH HOH A . 
L 6 HOH 16 216 62  HOH HOH A . 
L 6 HOH 17 217 85  HOH HOH A . 
L 6 HOH 18 218 49  HOH HOH A . 
L 6 HOH 19 219 94  HOH HOH A . 
L 6 HOH 20 220 42  HOH HOH A . 
L 6 HOH 21 221 6   HOH HOH A . 
L 6 HOH 22 222 65  HOH HOH A . 
L 6 HOH 23 223 95  HOH HOH A . 
L 6 HOH 24 224 91  HOH HOH A . 
L 6 HOH 25 225 80  HOH HOH A . 
L 6 HOH 26 226 78  HOH HOH A . 
L 6 HOH 27 227 88  HOH HOH A . 
L 6 HOH 28 228 93  HOH HOH A . 
L 6 HOH 29 229 56  HOH HOH A . 
L 6 HOH 30 230 46  HOH HOH A . 
L 6 HOH 31 231 87  HOH HOH A . 
L 6 HOH 32 232 39  HOH HOH A . 
L 6 HOH 33 233 25  HOH HOH A . 
L 6 HOH 34 234 61  HOH HOH A . 
L 6 HOH 35 235 58  HOH HOH A . 
L 6 HOH 36 236 97  HOH HOH A . 
L 6 HOH 37 237 100 HOH HOH A . 
M 6 HOH 1  201 69  HOH HOH B . 
M 6 HOH 2  202 82  HOH HOH B . 
M 6 HOH 3  203 45  HOH HOH B . 
M 6 HOH 4  204 16  HOH HOH B . 
M 6 HOH 5  205 54  HOH HOH B . 
M 6 HOH 6  206 55  HOH HOH B . 
M 6 HOH 7  207 24  HOH HOH B . 
M 6 HOH 8  208 70  HOH HOH B . 
M 6 HOH 9  209 77  HOH HOH B . 
M 6 HOH 10 210 5   HOH HOH B . 
M 6 HOH 11 211 19  HOH HOH B . 
M 6 HOH 12 212 20  HOH HOH B . 
M 6 HOH 13 213 30  HOH HOH B . 
M 6 HOH 14 214 3   HOH HOH B . 
M 6 HOH 15 215 72  HOH HOH B . 
M 6 HOH 16 216 13  HOH HOH B . 
M 6 HOH 17 217 43  HOH HOH B . 
M 6 HOH 18 218 74  HOH HOH B . 
M 6 HOH 19 219 27  HOH HOH B . 
M 6 HOH 20 220 23  HOH HOH B . 
M 6 HOH 21 221 68  HOH HOH B . 
M 6 HOH 22 222 57  HOH HOH B . 
M 6 HOH 23 223 79  HOH HOH B . 
M 6 HOH 24 224 67  HOH HOH B . 
M 6 HOH 25 225 41  HOH HOH B . 
M 6 HOH 26 226 21  HOH HOH B . 
M 6 HOH 27 227 76  HOH HOH B . 
M 6 HOH 28 228 35  HOH HOH B . 
M 6 HOH 29 229 50  HOH HOH B . 
M 6 HOH 30 230 40  HOH HOH B . 
M 6 HOH 31 231 96  HOH HOH B . 
M 6 HOH 32 232 90  HOH HOH B . 
M 6 HOH 33 233 9   HOH HOH B . 
M 6 HOH 34 234 83  HOH HOH B . 
M 6 HOH 35 235 59  HOH HOH B . 
M 6 HOH 36 236 99  HOH HOH B . 
M 6 HOH 37 237 26  HOH HOH B . 
M 6 HOH 38 238 60  HOH HOH B . 
M 6 HOH 39 239 37  HOH HOH B . 
M 6 HOH 40 240 64  HOH HOH B . 
M 6 HOH 41 241 48  HOH HOH B . 
M 6 HOH 42 242 92  HOH HOH B . 
M 6 HOH 43 243 38  HOH HOH B . 
N 6 HOH 1  201 53  HOH HOH D . 
N 6 HOH 2  202 15  HOH HOH D . 
N 6 HOH 3  203 75  HOH HOH D . 
N 6 HOH 4  204 4   HOH HOH D . 
N 6 HOH 5  205 7   HOH HOH D . 
N 6 HOH 6  206 8   HOH HOH D . 
N 6 HOH 7  207 84  HOH HOH D . 
N 6 HOH 8  208 33  HOH HOH D . 
N 6 HOH 9  209 89  HOH HOH D . 
N 6 HOH 10 210 71  HOH HOH D . 
N 6 HOH 11 211 86  HOH HOH D . 
O 6 HOH 1  201 51  HOH HOH F . 
O 6 HOH 2  202 31  HOH HOH F . 
O 6 HOH 3  203 44  HOH HOH F . 
O 6 HOH 4  204 11  HOH HOH F . 
O 6 HOH 5  205 34  HOH HOH F . 
O 6 HOH 6  206 2   HOH HOH F . 
O 6 HOH 7  207 32  HOH HOH F . 
O 6 HOH 8  208 28  HOH HOH F . 
O 6 HOH 9  209 98  HOH HOH F . 
# 
_pdbx_molecule_features.prd_id    PRD_000491 
_pdbx_molecule_features.name      Echinomycin 
_pdbx_molecule_features.type      'Cyclic depsipeptide' 
_pdbx_molecule_features.class     Antibiotic 
_pdbx_molecule_features.details   
;ECHINOMYCIN IS A BICYCLIC OCTADEPSIPEPTIDE.
BICYCLIZATION IS ACHIEVED BY LINKING THE N- AND
THE C- TERMINI, AND A THIOACETAL BOND BETWEEN
RESIDUES 3 AND 7.
THE TWO QUINOXALINE CHROMOPHORES ARE LINKED
TO THE D-SERINE RESIDUES, RESIDUES 1 AND 5.
;
# 
loop_
_pdbx_molecule.instance_id 
_pdbx_molecule.prd_id 
_pdbx_molecule.asym_id 
1 PRD_000491 C 
1 PRD_000491 D 
1 PRD_000491 G 
1 PRD_000491 H 
1 PRD_000491 J 
1 PRD_000491 K 
# 
_pdbx_struct_assembly.id                   1 
_pdbx_struct_assembly.details              author_defined_assembly 
_pdbx_struct_assembly.method_details       ? 
_pdbx_struct_assembly.oligomeric_details   tetrameric 
_pdbx_struct_assembly.oligomeric_count     4 
# 
_pdbx_struct_assembly_gen.assembly_id       1 
_pdbx_struct_assembly_gen.oper_expression   1 
_pdbx_struct_assembly_gen.asym_id_list      A,B,C,D,E,F,G,H,I,J,K,L,M,N,O 
# 
loop_
_pdbx_struct_assembly_prop.biol_id 
_pdbx_struct_assembly_prop.type 
_pdbx_struct_assembly_prop.value 
_pdbx_struct_assembly_prop.details 
1 'ABSA (A^2)' 5610 ? 
1 MORE         14   ? 
1 'SSA (A^2)'  2470 ? 
# 
_pdbx_struct_oper_list.id                   1 
_pdbx_struct_oper_list.type                 'identity operation' 
_pdbx_struct_oper_list.name                 1_555 
_pdbx_struct_oper_list.symmetry_operation   x,y,z 
_pdbx_struct_oper_list.matrix[1][1]         1.0000000000 
_pdbx_struct_oper_list.matrix[1][2]         0.0000000000 
_pdbx_struct_oper_list.matrix[1][3]         0.0000000000 
_pdbx_struct_oper_list.vector[1]            0.0000000000 
_pdbx_struct_oper_list.matrix[2][1]         0.0000000000 
_pdbx_struct_oper_list.matrix[2][2]         1.0000000000 
_pdbx_struct_oper_list.matrix[2][3]         0.0000000000 
_pdbx_struct_oper_list.vector[2]            0.0000000000 
_pdbx_struct_oper_list.matrix[3][1]         0.0000000000 
_pdbx_struct_oper_list.matrix[3][2]         0.0000000000 
_pdbx_struct_oper_list.matrix[3][3]         1.0000000000 
_pdbx_struct_oper_list.vector[3]            0.0000000000 
# 
loop_
_pdbx_struct_special_symmetry.id 
_pdbx_struct_special_symmetry.PDB_model_num 
_pdbx_struct_special_symmetry.auth_asym_id 
_pdbx_struct_special_symmetry.auth_comp_id 
_pdbx_struct_special_symmetry.auth_seq_id 
_pdbx_struct_special_symmetry.PDB_ins_code 
_pdbx_struct_special_symmetry.label_asym_id 
_pdbx_struct_special_symmetry.label_comp_id 
_pdbx_struct_special_symmetry.label_seq_id 
1 1 A MN  101 ? E MN  . 
2 1 B MN  101 ? F MN  . 
3 1 D K   103 ? I K   . 
4 1 A HOH 210 ? L HOH . 
5 1 A HOH 221 ? L HOH . 
6 1 B HOH 205 ? M HOH . 
7 1 B HOH 236 ? M HOH . 
# 
loop_
_pdbx_struct_conn_angle.id 
_pdbx_struct_conn_angle.ptnr1_label_atom_id 
_pdbx_struct_conn_angle.ptnr1_label_alt_id 
_pdbx_struct_conn_angle.ptnr1_label_asym_id 
_pdbx_struct_conn_angle.ptnr1_label_comp_id 
_pdbx_struct_conn_angle.ptnr1_label_seq_id 
_pdbx_struct_conn_angle.ptnr1_auth_atom_id 
_pdbx_struct_conn_angle.ptnr1_auth_asym_id 
_pdbx_struct_conn_angle.ptnr1_auth_comp_id 
_pdbx_struct_conn_angle.ptnr1_auth_seq_id 
_pdbx_struct_conn_angle.ptnr1_PDB_ins_code 
_pdbx_struct_conn_angle.ptnr1_symmetry 
_pdbx_struct_conn_angle.ptnr2_label_atom_id 
_pdbx_struct_conn_angle.ptnr2_label_alt_id 
_pdbx_struct_conn_angle.ptnr2_label_asym_id 
_pdbx_struct_conn_angle.ptnr2_label_comp_id 
_pdbx_struct_conn_angle.ptnr2_label_seq_id 
_pdbx_struct_conn_angle.ptnr2_auth_atom_id 
_pdbx_struct_conn_angle.ptnr2_auth_asym_id 
_pdbx_struct_conn_angle.ptnr2_auth_comp_id 
_pdbx_struct_conn_angle.ptnr2_auth_seq_id 
_pdbx_struct_conn_angle.ptnr2_PDB_ins_code 
_pdbx_struct_conn_angle.ptnr2_symmetry 
_pdbx_struct_conn_angle.ptnr3_label_atom_id 
_pdbx_struct_conn_angle.ptnr3_label_alt_id 
_pdbx_struct_conn_angle.ptnr3_label_asym_id 
_pdbx_struct_conn_angle.ptnr3_label_comp_id 
_pdbx_struct_conn_angle.ptnr3_label_seq_id 
_pdbx_struct_conn_angle.ptnr3_auth_atom_id 
_pdbx_struct_conn_angle.ptnr3_auth_asym_id 
_pdbx_struct_conn_angle.ptnr3_auth_comp_id 
_pdbx_struct_conn_angle.ptnr3_auth_seq_id 
_pdbx_struct_conn_angle.ptnr3_PDB_ins_code 
_pdbx_struct_conn_angle.ptnr3_symmetry 
_pdbx_struct_conn_angle.value 
_pdbx_struct_conn_angle.value_esd 
1  N7 ? A DG  3 ? A DG  3   ? 1_555  MN ? E MN . ? A MN 101 ? 1_555 N7 ? A DG  3 ? A DG  3   ? 1_555  0.0   ? 
2  N7 ? A DG  3 ? A DG  3   ? 1_555  MN ? E MN . ? A MN 101 ? 1_555 O  ? L HOH . ? A HOH 205 ? 1_555  90.0  ? 
3  N7 ? A DG  3 ? A DG  3   ? 1_555  MN ? E MN . ? A MN 101 ? 1_555 O  ? L HOH . ? A HOH 205 ? 1_555  90.0  ? 
4  N7 ? A DG  3 ? A DG  3   ? 1_555  MN ? E MN . ? A MN 101 ? 1_555 O  ? L HOH . ? A HOH 205 ? 10_565 90.7  ? 
5  N7 ? A DG  3 ? A DG  3   ? 1_555  MN ? E MN . ? A MN 101 ? 1_555 O  ? L HOH . ? A HOH 205 ? 10_565 90.7  ? 
6  O  ? L HOH . ? A HOH 205 ? 1_555  MN ? E MN . ? A MN 101 ? 1_555 O  ? L HOH . ? A HOH 205 ? 10_565 165.4 ? 
7  N7 ? A DG  3 ? A DG  3   ? 1_555  MN ? E MN . ? A MN 101 ? 1_555 O  ? L HOH . ? A HOH 210 ? 1_555  92.5  ? 
8  N7 ? A DG  3 ? A DG  3   ? 1_555  MN ? E MN . ? A MN 101 ? 1_555 O  ? L HOH . ? A HOH 210 ? 1_555  92.5  ? 
9  O  ? L HOH . ? A HOH 205 ? 1_555  MN ? E MN . ? A MN 101 ? 1_555 O  ? L HOH . ? A HOH 210 ? 1_555  82.7  ? 
10 O  ? L HOH . ? A HOH 205 ? 10_565 MN ? E MN . ? A MN 101 ? 1_555 O  ? L HOH . ? A HOH 210 ? 1_555  82.7  ? 
11 N7 ? A DG  3 ? A DG  3   ? 1_555  MN ? E MN . ? A MN 101 ? 1_555 O  ? L HOH . ? A HOH 210 ? 10_565 92.5  ? 
12 N7 ? A DG  3 ? A DG  3   ? 1_555  MN ? E MN . ? A MN 101 ? 1_555 O  ? L HOH . ? A HOH 210 ? 10_565 92.5  ? 
13 O  ? L HOH . ? A HOH 205 ? 1_555  MN ? E MN . ? A MN 101 ? 1_555 O  ? L HOH . ? A HOH 210 ? 10_565 82.7  ? 
14 O  ? L HOH . ? A HOH 205 ? 10_565 MN ? E MN . ? A MN 101 ? 1_555 O  ? L HOH . ? A HOH 210 ? 10_565 82.7  ? 
15 O  ? L HOH . ? A HOH 210 ? 1_555  MN ? E MN . ? A MN 101 ? 1_555 O  ? L HOH . ? A HOH 210 ? 10_565 0.0   ? 
16 N7 ? A DG  3 ? A DG  3   ? 1_555  MN ? E MN . ? A MN 101 ? 1_555 O  ? L HOH . ? A HOH 221 ? 1_555  87.5  ? 
17 N7 ? A DG  3 ? A DG  3   ? 1_555  MN ? E MN . ? A MN 101 ? 1_555 O  ? L HOH . ? A HOH 221 ? 1_555  87.5  ? 
18 O  ? L HOH . ? A HOH 205 ? 1_555  MN ? E MN . ? A MN 101 ? 1_555 O  ? L HOH . ? A HOH 221 ? 1_555  97.3  ? 
19 O  ? L HOH . ? A HOH 205 ? 10_565 MN ? E MN . ? A MN 101 ? 1_555 O  ? L HOH . ? A HOH 221 ? 1_555  97.3  ? 
20 O  ? L HOH . ? A HOH 210 ? 1_555  MN ? E MN . ? A MN 101 ? 1_555 O  ? L HOH . ? A HOH 221 ? 1_555  180.0 ? 
21 O  ? L HOH . ? A HOH 210 ? 10_565 MN ? E MN . ? A MN 101 ? 1_555 O  ? L HOH . ? A HOH 221 ? 1_555  180.0 ? 
22 N7 ? A DG  3 ? A DG  3   ? 1_555  MN ? E MN . ? A MN 101 ? 1_555 O  ? L HOH . ? A HOH 221 ? 10_565 87.5  ? 
23 N7 ? A DG  3 ? A DG  3   ? 1_555  MN ? E MN . ? A MN 101 ? 1_555 O  ? L HOH . ? A HOH 221 ? 10_565 87.5  ? 
24 O  ? L HOH . ? A HOH 205 ? 1_555  MN ? E MN . ? A MN 101 ? 1_555 O  ? L HOH . ? A HOH 221 ? 10_565 97.3  ? 
25 O  ? L HOH . ? A HOH 205 ? 10_565 MN ? E MN . ? A MN 101 ? 1_555 O  ? L HOH . ? A HOH 221 ? 10_565 97.3  ? 
26 O  ? L HOH . ? A HOH 210 ? 1_555  MN ? E MN . ? A MN 101 ? 1_555 O  ? L HOH . ? A HOH 221 ? 10_565 180.0 ? 
27 O  ? L HOH . ? A HOH 210 ? 10_565 MN ? E MN . ? A MN 101 ? 1_555 O  ? L HOH . ? A HOH 221 ? 10_565 179.9 ? 
28 O  ? L HOH . ? A HOH 221 ? 1_555  MN ? E MN . ? A MN 101 ? 1_555 O  ? L HOH . ? A HOH 221 ? 10_565 0.0   ? 
29 N7 ? B DG  3 ? B DG  3   ? 1_555  MN ? F MN . ? B MN 101 ? 1_555 N7 ? B DG  3 ? B DG  3   ? 1_555  0.0   ? 
30 N7 ? B DG  3 ? B DG  3   ? 1_555  MN ? F MN . ? B MN 101 ? 1_555 O  ? M HOH . ? B HOH 214 ? 1_555  90.7  ? 
31 N7 ? B DG  3 ? B DG  3   ? 1_555  MN ? F MN . ? B MN 101 ? 1_555 O  ? M HOH . ? B HOH 214 ? 1_555  90.7  ? 
32 N7 ? B DG  3 ? B DG  3   ? 1_555  MN ? F MN . ? B MN 101 ? 1_555 O  ? M HOH . ? B HOH 214 ? 10_565 86.9  ? 
33 N7 ? B DG  3 ? B DG  3   ? 1_555  MN ? F MN . ? B MN 101 ? 1_555 O  ? M HOH . ? B HOH 214 ? 10_565 86.9  ? 
34 O  ? M HOH . ? B HOH 214 ? 1_555  MN ? F MN . ? B MN 101 ? 1_555 O  ? M HOH . ? B HOH 214 ? 10_565 98.2  ? 
35 N7 ? B DG  3 ? B DG  3   ? 1_555  MN ? F MN . ? B MN 101 ? 1_555 O  ? O HOH . ? F HOH 206 ? 1_555  87.8  ? 
36 N7 ? B DG  3 ? B DG  3   ? 1_555  MN ? F MN . ? B MN 101 ? 1_555 O  ? O HOH . ? F HOH 206 ? 1_555  87.8  ? 
37 O  ? M HOH . ? B HOH 214 ? 1_555  MN ? F MN . ? B MN 101 ? 1_555 O  ? O HOH . ? F HOH 206 ? 1_555  87.5  ? 
38 O  ? M HOH . ? B HOH 214 ? 10_565 MN ? F MN . ? B MN 101 ? 1_555 O  ? O HOH . ? F HOH 206 ? 1_555  172.3 ? 
39 N7 ? B DG  3 ? B DG  3   ? 1_555  MN ? F MN . ? B MN 101 ? 1_555 O  ? O HOH . ? F HOH 206 ? 10_565 94.9  ? 
40 N7 ? B DG  3 ? B DG  3   ? 1_555  MN ? F MN . ? B MN 101 ? 1_555 O  ? O HOH . ? F HOH 206 ? 10_565 94.9  ? 
41 O  ? M HOH . ? B HOH 214 ? 1_555  MN ? F MN . ? B MN 101 ? 1_555 O  ? O HOH . ? F HOH 206 ? 10_565 172.3 ? 
42 O  ? M HOH . ? B HOH 214 ? 10_565 MN ? F MN . ? B MN 101 ? 1_555 O  ? O HOH . ? F HOH 206 ? 10_565 87.4  ? 
43 O  ? O HOH . ? F HOH 206 ? 1_555  MN ? F MN . ? B MN 101 ? 1_555 O  ? O HOH . ? F HOH 206 ? 10_565 87.4  ? 
44 O  ? C N2C 3 ? D N2C 3   ? 1_555  K  ? I K  . ? D K  103 ? 1_555 O  ? C N2C 3 ? D N2C 3   ? 1_555  0.0   ? 
45 O  ? C N2C 3 ? D N2C 3   ? 1_555  K  ? I K  . ? D K  103 ? 1_555 O  ? C MVA 4 ? D MVA 4   ? 1_555  74.1  ? 
46 O  ? C N2C 3 ? D N2C 3   ? 1_555  K  ? I K  . ? D K  103 ? 1_555 O  ? C MVA 4 ? D MVA 4   ? 1_555  74.1  ? 
47 O  ? C N2C 3 ? D N2C 3   ? 1_555  K  ? I K  . ? D K  103 ? 1_555 O  ? C MVA 4 ? D MVA 4   ? 1_555  74.1  ? 
48 O  ? C N2C 3 ? D N2C 3   ? 1_555  K  ? I K  . ? D K  103 ? 1_555 O  ? C MVA 4 ? D MVA 4   ? 1_555  74.1  ? 
49 O  ? C MVA 4 ? D MVA 4   ? 1_555  K  ? I K  . ? D K  103 ? 1_555 O  ? C MVA 4 ? D MVA 4   ? 1_555  0.0   ? 
50 O  ? C N2C 3 ? D N2C 3   ? 1_555  K  ? I K  . ? D K  103 ? 1_555 O  ? N HOH . ? D HOH 202 ? 1_555  125.8 ? 
51 O  ? C N2C 3 ? D N2C 3   ? 1_555  K  ? I K  . ? D K  103 ? 1_555 O  ? N HOH . ? D HOH 202 ? 1_555  125.8 ? 
52 O  ? C MVA 4 ? D MVA 4   ? 1_555  K  ? I K  . ? D K  103 ? 1_555 O  ? N HOH . ? D HOH 202 ? 1_555  52.2  ? 
53 O  ? C MVA 4 ? D MVA 4   ? 1_555  K  ? I K  . ? D K  103 ? 1_555 O  ? N HOH . ? D HOH 202 ? 1_555  52.2  ? 
54 O  ? C N2C 3 ? D N2C 3   ? 1_555  K  ? I K  . ? D K  103 ? 1_555 O  ? N HOH . ? D HOH 202 ? 8_555  92.5  ? 
55 O  ? C N2C 3 ? D N2C 3   ? 1_555  K  ? I K  . ? D K  103 ? 1_555 O  ? N HOH . ? D HOH 202 ? 8_555  92.5  ? 
56 O  ? C MVA 4 ? D MVA 4   ? 1_555  K  ? I K  . ? D K  103 ? 1_555 O  ? N HOH . ? D HOH 202 ? 8_555  154.0 ? 
57 O  ? C MVA 4 ? D MVA 4   ? 1_555  K  ? I K  . ? D K  103 ? 1_555 O  ? N HOH . ? D HOH 202 ? 8_555  154.0 ? 
58 O  ? N HOH . ? D HOH 202 ? 1_555  K  ? I K  . ? D K  103 ? 1_555 O  ? N HOH . ? D HOH 202 ? 8_555  132.4 ? 
59 O  ? C N2C 3 ? D N2C 3   ? 1_555  K  ? I K  . ? D K  103 ? 1_555 O  ? N HOH . ? D HOH 205 ? 1_555  92.8  ? 
60 O  ? C N2C 3 ? D N2C 3   ? 1_555  K  ? I K  . ? D K  103 ? 1_555 O  ? N HOH . ? D HOH 205 ? 1_555  92.8  ? 
61 O  ? C MVA 4 ? D MVA 4   ? 1_555  K  ? I K  . ? D K  103 ? 1_555 O  ? N HOH . ? D HOH 205 ? 1_555  83.4  ? 
62 O  ? C MVA 4 ? D MVA 4   ? 1_555  K  ? I K  . ? D K  103 ? 1_555 O  ? N HOH . ? D HOH 205 ? 1_555  83.4  ? 
63 O  ? N HOH . ? D HOH 202 ? 1_555  K  ? I K  . ? D K  103 ? 1_555 O  ? N HOH . ? D HOH 205 ? 1_555  76.2  ? 
64 O  ? N HOH . ? D HOH 202 ? 8_555  K  ? I K  . ? D K  103 ? 1_555 O  ? N HOH . ? D HOH 205 ? 1_555  74.9  ? 
65 O  ? C N2C 3 ? D N2C 3   ? 1_555  K  ? I K  . ? D K  103 ? 1_555 O  ? N HOH . ? D HOH 205 ? 8_555  156.9 ? 
66 O  ? C N2C 3 ? D N2C 3   ? 1_555  K  ? I K  . ? D K  103 ? 1_555 O  ? N HOH . ? D HOH 205 ? 8_555  156.9 ? 
67 O  ? C MVA 4 ? D MVA 4   ? 1_555  K  ? I K  . ? D K  103 ? 1_555 O  ? N HOH . ? D HOH 205 ? 8_555  123.6 ? 
68 O  ? C MVA 4 ? D MVA 4   ? 1_555  K  ? I K  . ? D K  103 ? 1_555 O  ? N HOH . ? D HOH 205 ? 8_555  123.6 ? 
69 O  ? N HOH . ? D HOH 202 ? 1_555  K  ? I K  . ? D K  103 ? 1_555 O  ? N HOH . ? D HOH 205 ? 8_555  74.9  ? 
70 O  ? N HOH . ? D HOH 202 ? 8_555  K  ? I K  . ? D K  103 ? 1_555 O  ? N HOH . ? D HOH 205 ? 8_555  76.2  ? 
71 O  ? N HOH . ? D HOH 205 ? 1_555  K  ? I K  . ? D K  103 ? 1_555 O  ? N HOH . ? D HOH 205 ? 8_555  103.4 ? 
# 
loop_
_pdbx_audit_revision_history.ordinal 
_pdbx_audit_revision_history.data_content_type 
_pdbx_audit_revision_history.major_revision 
_pdbx_audit_revision_history.minor_revision 
_pdbx_audit_revision_history.revision_date 
1 'Structure model' 1 0 2018-05-23 
2 'Structure model' 1 1 2018-05-30 
3 'Structure model' 1 2 2018-09-05 
4 'Structure model' 1 3 2023-11-22 
# 
_pdbx_audit_revision_details.ordinal             1 
_pdbx_audit_revision_details.revision_ordinal    1 
_pdbx_audit_revision_details.data_content_type   'Structure model' 
_pdbx_audit_revision_details.provider            repository 
_pdbx_audit_revision_details.type                'Initial release' 
_pdbx_audit_revision_details.description         ? 
_pdbx_audit_revision_details.details             ? 
# 
loop_
_pdbx_audit_revision_group.ordinal 
_pdbx_audit_revision_group.revision_ordinal 
_pdbx_audit_revision_group.data_content_type 
_pdbx_audit_revision_group.group 
1 2 'Structure model' 'Data collection'        
2 2 'Structure model' 'Database references'    
3 2 'Structure model' 'Structure summary'      
4 3 'Structure model' 'Data collection'        
5 3 'Structure model' 'Database references'    
6 4 'Structure model' 'Data collection'        
7 4 'Structure model' 'Database references'    
8 4 'Structure model' 'Derived calculations'   
9 4 'Structure model' 'Refinement description' 
# 
loop_
_pdbx_audit_revision_category.ordinal 
_pdbx_audit_revision_category.revision_ordinal 
_pdbx_audit_revision_category.data_content_type 
_pdbx_audit_revision_category.category 
1  2 'Structure model' pdbx_entry_details            
2  2 'Structure model' pdbx_molecule_features        
3  2 'Structure model' struct_ref                    
4  3 'Structure model' citation                      
5  4 'Structure model' chem_comp_atom                
6  4 'Structure model' chem_comp_bond                
7  4 'Structure model' database_2                    
8  4 'Structure model' pdbx_initial_refinement_model 
9  4 'Structure model' pdbx_struct_conn_angle        
10 4 'Structure model' struct_conn                   
11 4 'Structure model' struct_conn_type              
# 
loop_
_pdbx_audit_revision_item.ordinal 
_pdbx_audit_revision_item.revision_ordinal 
_pdbx_audit_revision_item.data_content_type 
_pdbx_audit_revision_item.item 
1  2 'Structure model' '_struct_ref.db_name'                         
2  2 'Structure model' '_struct_ref.pdbx_db_accession'               
3  3 'Structure model' '_citation.journal_volume'                    
4  3 'Structure model' '_citation.page_first'                        
5  3 'Structure model' '_citation.page_last'                         
6  4 'Structure model' '_database_2.pdbx_DOI'                        
7  4 'Structure model' '_database_2.pdbx_database_accession'         
8  4 'Structure model' '_pdbx_struct_conn_angle.ptnr1_auth_asym_id'  
9  4 'Structure model' '_pdbx_struct_conn_angle.ptnr1_auth_comp_id'  
10 4 'Structure model' '_pdbx_struct_conn_angle.ptnr1_auth_seq_id'   
11 4 'Structure model' '_pdbx_struct_conn_angle.ptnr1_label_asym_id' 
12 4 'Structure model' '_pdbx_struct_conn_angle.ptnr1_label_atom_id' 
13 4 'Structure model' '_pdbx_struct_conn_angle.ptnr1_label_comp_id' 
14 4 'Structure model' '_pdbx_struct_conn_angle.ptnr1_label_seq_id'  
15 4 'Structure model' '_pdbx_struct_conn_angle.ptnr1_symmetry'      
16 4 'Structure model' '_pdbx_struct_conn_angle.ptnr3_auth_asym_id'  
17 4 'Structure model' '_pdbx_struct_conn_angle.ptnr3_auth_comp_id'  
18 4 'Structure model' '_pdbx_struct_conn_angle.ptnr3_auth_seq_id'   
19 4 'Structure model' '_pdbx_struct_conn_angle.ptnr3_label_asym_id' 
20 4 'Structure model' '_pdbx_struct_conn_angle.ptnr3_label_atom_id' 
21 4 'Structure model' '_pdbx_struct_conn_angle.ptnr3_label_comp_id' 
22 4 'Structure model' '_pdbx_struct_conn_angle.ptnr3_label_seq_id'  
23 4 'Structure model' '_pdbx_struct_conn_angle.ptnr3_symmetry'      
24 4 'Structure model' '_pdbx_struct_conn_angle.value'               
25 4 'Structure model' '_struct_conn.conn_type_id'                   
26 4 'Structure model' '_struct_conn.id'                             
27 4 'Structure model' '_struct_conn.pdbx_dist_value'                
28 4 'Structure model' '_struct_conn.pdbx_leaving_atom_flag'         
29 4 'Structure model' '_struct_conn.ptnr1_auth_asym_id'             
30 4 'Structure model' '_struct_conn.ptnr1_auth_comp_id'             
31 4 'Structure model' '_struct_conn.ptnr1_auth_seq_id'              
32 4 'Structure model' '_struct_conn.ptnr1_label_asym_id'            
33 4 'Structure model' '_struct_conn.ptnr1_label_atom_id'            
34 4 'Structure model' '_struct_conn.ptnr1_label_comp_id'            
35 4 'Structure model' '_struct_conn.ptnr1_label_seq_id'             
36 4 'Structure model' '_struct_conn.ptnr2_auth_asym_id'             
37 4 'Structure model' '_struct_conn.ptnr2_auth_comp_id'             
38 4 'Structure model' '_struct_conn.ptnr2_auth_seq_id'              
39 4 'Structure model' '_struct_conn.ptnr2_label_asym_id'            
40 4 'Structure model' '_struct_conn.ptnr2_label_atom_id'            
41 4 'Structure model' '_struct_conn.ptnr2_label_comp_id'            
42 4 'Structure model' '_struct_conn.ptnr2_label_seq_id'             
43 4 'Structure model' '_struct_conn.ptnr2_symmetry'                 
44 4 'Structure model' '_struct_conn_type.id'                        
# 
loop_
_space_group_symop.id 
_space_group_symop.operation_xyz 
1  x,y,z                
2  -y+1/2,x,z+3/4       
3  y+1/2,-x,z+3/4       
4  x+1/2,-y,-z+3/4      
5  -x+1/2,y,-z+3/4      
6  -x,-y,z              
7  y,x,-z               
8  -y,-x,-z             
9  x+1/2,y+1/2,z+1/2    
10 -y+1,x+1/2,z+5/4     
11 y+1,-x+1/2,z+5/4     
12 x+1,-y+1/2,-z+5/4    
13 -x+1,y+1/2,-z+5/4    
14 -x+1/2,-y+1/2,z+1/2  
15 y+1/2,x+1/2,-z+1/2   
16 -y+1/2,-x+1/2,-z+1/2 
# 
loop_
_software.citation_id 
_software.classification 
_software.compiler_name 
_software.compiler_version 
_software.contact_author 
_software.contact_author_email 
_software.date 
_software.description 
_software.dependencies 
_software.hardware 
_software.language 
_software.location 
_software.mods 
_software.name 
_software.os 
_software.os_version 
_software.type 
_software.version 
_software.pdbx_ordinal 
? refinement        ? ? ? ? ? ? ? ? ? ? ? PHENIX      ? ? ? 1.10.1_2155 1 
? 'data extraction' ? ? ? ? ? ? ? ? ? ? ? PDB_EXTRACT ? ? ? .           2 
? 'data reduction'  ? ? ? ? ? ? ? ? ? ? ? HKL-2000    ? ? ? .           3 
? 'data scaling'    ? ? ? ? ? ? ? ? ? ? ? HKL-2000    ? ? ? .           4 
? 'model building'  ? ? ? ? ? ? ? ? ? ? ? Coot        ? ? ? .           5 
? phasing           ? ? ? ? ? ? ? ? ? ? ? PHASER      ? ? ? 7.0.005     6 
# 
_pdbx_entry_details.entry_id                 5YTZ 
_pdbx_entry_details.compound_details         
;THE ECHINOMYCIN IS A BICYCLIC OCTADEPSIPEPTIDE, A MEMBER
OF THE QUINOXALINE CLASS OF ANTIBIOTICS.
HERE, ECHINOMYCIN IS REPRESENTED BY GROUPING TOGETHER THE
SEQUENCE (SEQRES) AND TWO LIGANDS (HET) QUI.
;
_pdbx_entry_details.source_details           ? 
_pdbx_entry_details.nonpolymer_details       ? 
_pdbx_entry_details.sequence_details         ? 
_pdbx_entry_details.has_ligand_of_interest   ? 
# 
loop_
_pdbx_validate_close_contact.id 
_pdbx_validate_close_contact.PDB_model_num 
_pdbx_validate_close_contact.auth_atom_id_1 
_pdbx_validate_close_contact.auth_asym_id_1 
_pdbx_validate_close_contact.auth_comp_id_1 
_pdbx_validate_close_contact.auth_seq_id_1 
_pdbx_validate_close_contact.PDB_ins_code_1 
_pdbx_validate_close_contact.label_alt_id_1 
_pdbx_validate_close_contact.auth_atom_id_2 
_pdbx_validate_close_contact.auth_asym_id_2 
_pdbx_validate_close_contact.auth_comp_id_2 
_pdbx_validate_close_contact.auth_seq_id_2 
_pdbx_validate_close_contact.PDB_ins_code_2 
_pdbx_validate_close_contact.label_alt_id_2 
_pdbx_validate_close_contact.dist 
1 1 O     B HOH 202 ? ? O B HOH 234 ? ? 1.88 
2 1 O     B HOH 208 ? ? O B HOH 239 ? ? 2.03 
3 1 O     A HOH 208 ? ? O A HOH 226 ? ? 2.06 
4 1 OP1   B DG  6   ? ? O B HOH 201 ? ? 2.14 
5 1 O     B HOH 225 ? ? O B HOH 238 ? ? 2.18 
6 1 "O3'" B DA  1   ? ? O B HOH 202 ? ? 2.19 
# 
loop_
_pdbx_validate_symm_contact.id 
_pdbx_validate_symm_contact.PDB_model_num 
_pdbx_validate_symm_contact.auth_atom_id_1 
_pdbx_validate_symm_contact.auth_asym_id_1 
_pdbx_validate_symm_contact.auth_comp_id_1 
_pdbx_validate_symm_contact.auth_seq_id_1 
_pdbx_validate_symm_contact.PDB_ins_code_1 
_pdbx_validate_symm_contact.label_alt_id_1 
_pdbx_validate_symm_contact.site_symmetry_1 
_pdbx_validate_symm_contact.auth_atom_id_2 
_pdbx_validate_symm_contact.auth_asym_id_2 
_pdbx_validate_symm_contact.auth_comp_id_2 
_pdbx_validate_symm_contact.auth_seq_id_2 
_pdbx_validate_symm_contact.PDB_ins_code_2 
_pdbx_validate_symm_contact.label_alt_id_2 
_pdbx_validate_symm_contact.site_symmetry_2 
_pdbx_validate_symm_contact.dist 
1 1 O A HOH 219 ? ? 1_555 O A HOH 219 ? ? 10_565 2.03 
2 1 O A HOH 219 ? ? 1_555 O A HOH 233 ? ? 10_565 2.05 
# 
loop_
_pdbx_distant_solvent_atoms.id 
_pdbx_distant_solvent_atoms.PDB_model_num 
_pdbx_distant_solvent_atoms.auth_atom_id 
_pdbx_distant_solvent_atoms.label_alt_id 
_pdbx_distant_solvent_atoms.auth_asym_id 
_pdbx_distant_solvent_atoms.auth_comp_id 
_pdbx_distant_solvent_atoms.auth_seq_id 
_pdbx_distant_solvent_atoms.PDB_ins_code 
_pdbx_distant_solvent_atoms.neighbor_macromolecule_distance 
_pdbx_distant_solvent_atoms.neighbor_ligand_distance 
1 1 O ? B HOH 242 ? 6.35 .    
2 1 O ? B HOH 243 ? 6.92 .    
3 1 O ? D HOH 211 ? .    7.18 
# 
loop_
_chem_comp_atom.comp_id 
_chem_comp_atom.atom_id 
_chem_comp_atom.type_symbol 
_chem_comp_atom.pdbx_aromatic_flag 
_chem_comp_atom.pdbx_stereo_config 
_chem_comp_atom.pdbx_ordinal 
ALA N      N  N N 1   
ALA CA     C  N S 2   
ALA C      C  N N 3   
ALA O      O  N N 4   
ALA CB     C  N N 5   
ALA OXT    O  N N 6   
ALA H      H  N N 7   
ALA H2     H  N N 8   
ALA HA     H  N N 9   
ALA HB1    H  N N 10  
ALA HB2    H  N N 11  
ALA HB3    H  N N 12  
ALA HXT    H  N N 13  
BRU N1     N  N N 14  
BRU C2     C  N N 15  
BRU N3     N  N N 16  
BRU C4     C  N N 17  
BRU C5     C  N N 18  
BRU C6     C  N N 19  
BRU O2     O  N N 20  
BRU O4     O  N N 21  
BRU BR     BR N N 22  
BRU "C1'"  C  N R 23  
BRU "C2'"  C  N N 24  
BRU "C3'"  C  N S 25  
BRU "C4'"  C  N R 26  
BRU "O3'"  O  N N 27  
BRU "O4'"  O  N N 28  
BRU "C5'"  C  N N 29  
BRU "O5'"  O  N N 30  
BRU P      P  N N 31  
BRU OP1    O  N N 32  
BRU OP2    O  N N 33  
BRU OP3    O  N N 34  
BRU HN3    H  N N 35  
BRU H6     H  N N 36  
BRU "H1'"  H  N N 37  
BRU "H2'"  H  N N 38  
BRU "H2''" H  N N 39  
BRU "H3'"  H  N N 40  
BRU "H4'"  H  N N 41  
BRU "HO3'" H  N N 42  
BRU "H5'"  H  N N 43  
BRU "H5''" H  N N 44  
BRU HOP2   H  N N 45  
BRU HOP3   H  N N 46  
DA  OP3    O  N N 47  
DA  P      P  N N 48  
DA  OP1    O  N N 49  
DA  OP2    O  N N 50  
DA  "O5'"  O  N N 51  
DA  "C5'"  C  N N 52  
DA  "C4'"  C  N R 53  
DA  "O4'"  O  N N 54  
DA  "C3'"  C  N S 55  
DA  "O3'"  O  N N 56  
DA  "C2'"  C  N N 57  
DA  "C1'"  C  N R 58  
DA  N9     N  Y N 59  
DA  C8     C  Y N 60  
DA  N7     N  Y N 61  
DA  C5     C  Y N 62  
DA  C6     C  Y N 63  
DA  N6     N  N N 64  
DA  N1     N  Y N 65  
DA  C2     C  Y N 66  
DA  N3     N  Y N 67  
DA  C4     C  Y N 68  
DA  HOP3   H  N N 69  
DA  HOP2   H  N N 70  
DA  "H5'"  H  N N 71  
DA  "H5''" H  N N 72  
DA  "H4'"  H  N N 73  
DA  "H3'"  H  N N 74  
DA  "HO3'" H  N N 75  
DA  "H2'"  H  N N 76  
DA  "H2''" H  N N 77  
DA  "H1'"  H  N N 78  
DA  H8     H  N N 79  
DA  H61    H  N N 80  
DA  H62    H  N N 81  
DA  H2     H  N N 82  
DC  OP3    O  N N 83  
DC  P      P  N N 84  
DC  OP1    O  N N 85  
DC  OP2    O  N N 86  
DC  "O5'"  O  N N 87  
DC  "C5'"  C  N N 88  
DC  "C4'"  C  N R 89  
DC  "O4'"  O  N N 90  
DC  "C3'"  C  N S 91  
DC  "O3'"  O  N N 92  
DC  "C2'"  C  N N 93  
DC  "C1'"  C  N R 94  
DC  N1     N  N N 95  
DC  C2     C  N N 96  
DC  O2     O  N N 97  
DC  N3     N  N N 98  
DC  C4     C  N N 99  
DC  N4     N  N N 100 
DC  C5     C  N N 101 
DC  C6     C  N N 102 
DC  HOP3   H  N N 103 
DC  HOP2   H  N N 104 
DC  "H5'"  H  N N 105 
DC  "H5''" H  N N 106 
DC  "H4'"  H  N N 107 
DC  "H3'"  H  N N 108 
DC  "HO3'" H  N N 109 
DC  "H2'"  H  N N 110 
DC  "H2''" H  N N 111 
DC  "H1'"  H  N N 112 
DC  H41    H  N N 113 
DC  H42    H  N N 114 
DC  H5     H  N N 115 
DC  H6     H  N N 116 
DG  OP3    O  N N 117 
DG  P      P  N N 118 
DG  OP1    O  N N 119 
DG  OP2    O  N N 120 
DG  "O5'"  O  N N 121 
DG  "C5'"  C  N N 122 
DG  "C4'"  C  N R 123 
DG  "O4'"  O  N N 124 
DG  "C3'"  C  N S 125 
DG  "O3'"  O  N N 126 
DG  "C2'"  C  N N 127 
DG  "C1'"  C  N R 128 
DG  N9     N  Y N 129 
DG  C8     C  Y N 130 
DG  N7     N  Y N 131 
DG  C5     C  Y N 132 
DG  C6     C  N N 133 
DG  O6     O  N N 134 
DG  N1     N  N N 135 
DG  C2     C  N N 136 
DG  N2     N  N N 137 
DG  N3     N  N N 138 
DG  C4     C  Y N 139 
DG  HOP3   H  N N 140 
DG  HOP2   H  N N 141 
DG  "H5'"  H  N N 142 
DG  "H5''" H  N N 143 
DG  "H4'"  H  N N 144 
DG  "H3'"  H  N N 145 
DG  "HO3'" H  N N 146 
DG  "H2'"  H  N N 147 
DG  "H2''" H  N N 148 
DG  "H1'"  H  N N 149 
DG  H8     H  N N 150 
DG  H1     H  N N 151 
DG  H21    H  N N 152 
DG  H22    H  N N 153 
DSN N      N  N N 154 
DSN CA     C  N R 155 
DSN C      C  N N 156 
DSN O      O  N N 157 
DSN OXT    O  N N 158 
DSN CB     C  N N 159 
DSN OG     O  N N 160 
DSN H      H  N N 161 
DSN H2     H  N N 162 
DSN HA     H  N N 163 
DSN HXT    H  N N 164 
DSN HB2    H  N N 165 
DSN HB3    H  N N 166 
DSN HG     H  N N 167 
DT  OP3    O  N N 168 
DT  P      P  N N 169 
DT  OP1    O  N N 170 
DT  OP2    O  N N 171 
DT  "O5'"  O  N N 172 
DT  "C5'"  C  N N 173 
DT  "C4'"  C  N R 174 
DT  "O4'"  O  N N 175 
DT  "C3'"  C  N S 176 
DT  "O3'"  O  N N 177 
DT  "C2'"  C  N N 178 
DT  "C1'"  C  N R 179 
DT  N1     N  N N 180 
DT  C2     C  N N 181 
DT  O2     O  N N 182 
DT  N3     N  N N 183 
DT  C4     C  N N 184 
DT  O4     O  N N 185 
DT  C5     C  N N 186 
DT  C7     C  N N 187 
DT  C6     C  N N 188 
DT  HOP3   H  N N 189 
DT  HOP2   H  N N 190 
DT  "H5'"  H  N N 191 
DT  "H5''" H  N N 192 
DT  "H4'"  H  N N 193 
DT  "H3'"  H  N N 194 
DT  "HO3'" H  N N 195 
DT  "H2'"  H  N N 196 
DT  "H2''" H  N N 197 
DT  "H1'"  H  N N 198 
DT  H3     H  N N 199 
DT  H71    H  N N 200 
DT  H72    H  N N 201 
DT  H73    H  N N 202 
DT  H6     H  N N 203 
HOH O      O  N N 204 
HOH H1     H  N N 205 
HOH H2     H  N N 206 
K   K      K  N N 207 
MN  MN     MN N N 208 
MVA N      N  N N 209 
MVA CN     C  N N 210 
MVA CA     C  N S 211 
MVA CB     C  N N 212 
MVA CG1    C  N N 213 
MVA CG2    C  N N 214 
MVA C      C  N N 215 
MVA O      O  N N 216 
MVA OXT    O  N N 217 
MVA H      H  N N 218 
MVA HN1    H  N N 219 
MVA HN2    H  N N 220 
MVA HN3    H  N N 221 
MVA HA     H  N N 222 
MVA HB     H  N N 223 
MVA HG11   H  N N 224 
MVA HG12   H  N N 225 
MVA HG13   H  N N 226 
MVA HG21   H  N N 227 
MVA HG22   H  N N 228 
MVA HG23   H  N N 229 
MVA HXT    H  N N 230 
N2C N      N  N N 231 
N2C CA     C  N R 232 
N2C CB     C  N N 233 
N2C SG     S  N N 234 
N2C CD     C  N N 235 
N2C CN     C  N N 236 
N2C C      C  N N 237 
N2C O      O  N N 238 
N2C OXT    O  N N 239 
N2C H      H  N N 240 
N2C HA     H  N N 241 
N2C HB2    H  N N 242 
N2C HB3    H  N N 243 
N2C HD1    H  N N 244 
N2C HD2    H  N N 245 
N2C HD3    H  N N 246 
N2C HN1    H  N N 247 
N2C HN2    H  N N 248 
N2C HN3    H  N N 249 
N2C HXT    H  N N 250 
NCY N      N  N N 251 
NCY CA     C  N R 252 
NCY CB     C  N N 253 
NCY SG     S  N N 254 
NCY CN     C  N N 255 
NCY C      C  N N 256 
NCY O      O  N N 257 
NCY OXT    O  N N 258 
NCY H      H  N N 259 
NCY HA     H  N N 260 
NCY HB2    H  N N 261 
NCY HB3    H  N N 262 
NCY HG     H  N N 263 
NCY HCN1   H  N N 264 
NCY HCN2   H  N N 265 
NCY HCN3   H  N N 266 
NCY HXT    H  N N 267 
QUI N1     N  Y N 268 
QUI C2     C  Y N 269 
QUI C3     C  Y N 270 
QUI N4     N  Y N 271 
QUI C5     C  Y N 272 
QUI C6     C  Y N 273 
QUI C7     C  Y N 274 
QUI C8     C  Y N 275 
QUI C9     C  Y N 276 
QUI C10    C  Y N 277 
QUI C      C  N N 278 
QUI O1     O  N N 279 
QUI O2     O  N N 280 
QUI H3     H  N N 281 
QUI H5     H  N N 282 
QUI H6     H  N N 283 
QUI H7     H  N N 284 
QUI H8     H  N N 285 
QUI HO2    H  N N 286 
# 
loop_
_chem_comp_bond.comp_id 
_chem_comp_bond.atom_id_1 
_chem_comp_bond.atom_id_2 
_chem_comp_bond.value_order 
_chem_comp_bond.pdbx_aromatic_flag 
_chem_comp_bond.pdbx_stereo_config 
_chem_comp_bond.pdbx_ordinal 
ALA N     CA     sing N N 1   
ALA N     H      sing N N 2   
ALA N     H2     sing N N 3   
ALA CA    C      sing N N 4   
ALA CA    CB     sing N N 5   
ALA CA    HA     sing N N 6   
ALA C     O      doub N N 7   
ALA C     OXT    sing N N 8   
ALA CB    HB1    sing N N 9   
ALA CB    HB2    sing N N 10  
ALA CB    HB3    sing N N 11  
ALA OXT   HXT    sing N N 12  
BRU N1    C2     sing N N 13  
BRU N1    C6     sing N N 14  
BRU N1    "C1'"  sing N N 15  
BRU C2    N3     sing N N 16  
BRU C2    O2     doub N N 17  
BRU N3    C4     sing N N 18  
BRU N3    HN3    sing N N 19  
BRU C4    C5     sing N N 20  
BRU C4    O4     doub N N 21  
BRU C5    C6     doub N N 22  
BRU C5    BR     sing N N 23  
BRU C6    H6     sing N N 24  
BRU "C1'" "C2'"  sing N N 25  
BRU "C1'" "O4'"  sing N N 26  
BRU "C1'" "H1'"  sing N N 27  
BRU "C2'" "C3'"  sing N N 28  
BRU "C2'" "H2'"  sing N N 29  
BRU "C2'" "H2''" sing N N 30  
BRU "C3'" "C4'"  sing N N 31  
BRU "C3'" "O3'"  sing N N 32  
BRU "C3'" "H3'"  sing N N 33  
BRU "C4'" "O4'"  sing N N 34  
BRU "C4'" "C5'"  sing N N 35  
BRU "C4'" "H4'"  sing N N 36  
BRU "O3'" "HO3'" sing N N 37  
BRU "C5'" "O5'"  sing N N 38  
BRU "C5'" "H5'"  sing N N 39  
BRU "C5'" "H5''" sing N N 40  
BRU "O5'" P      sing N N 41  
BRU P     OP1    doub N N 42  
BRU P     OP2    sing N N 43  
BRU P     OP3    sing N N 44  
BRU OP2   HOP2   sing N N 45  
BRU OP3   HOP3   sing N N 46  
DA  OP3   P      sing N N 47  
DA  OP3   HOP3   sing N N 48  
DA  P     OP1    doub N N 49  
DA  P     OP2    sing N N 50  
DA  P     "O5'"  sing N N 51  
DA  OP2   HOP2   sing N N 52  
DA  "O5'" "C5'"  sing N N 53  
DA  "C5'" "C4'"  sing N N 54  
DA  "C5'" "H5'"  sing N N 55  
DA  "C5'" "H5''" sing N N 56  
DA  "C4'" "O4'"  sing N N 57  
DA  "C4'" "C3'"  sing N N 58  
DA  "C4'" "H4'"  sing N N 59  
DA  "O4'" "C1'"  sing N N 60  
DA  "C3'" "O3'"  sing N N 61  
DA  "C3'" "C2'"  sing N N 62  
DA  "C3'" "H3'"  sing N N 63  
DA  "O3'" "HO3'" sing N N 64  
DA  "C2'" "C1'"  sing N N 65  
DA  "C2'" "H2'"  sing N N 66  
DA  "C2'" "H2''" sing N N 67  
DA  "C1'" N9     sing N N 68  
DA  "C1'" "H1'"  sing N N 69  
DA  N9    C8     sing Y N 70  
DA  N9    C4     sing Y N 71  
DA  C8    N7     doub Y N 72  
DA  C8    H8     sing N N 73  
DA  N7    C5     sing Y N 74  
DA  C5    C6     sing Y N 75  
DA  C5    C4     doub Y N 76  
DA  C6    N6     sing N N 77  
DA  C6    N1     doub Y N 78  
DA  N6    H61    sing N N 79  
DA  N6    H62    sing N N 80  
DA  N1    C2     sing Y N 81  
DA  C2    N3     doub Y N 82  
DA  C2    H2     sing N N 83  
DA  N3    C4     sing Y N 84  
DC  OP3   P      sing N N 85  
DC  OP3   HOP3   sing N N 86  
DC  P     OP1    doub N N 87  
DC  P     OP2    sing N N 88  
DC  P     "O5'"  sing N N 89  
DC  OP2   HOP2   sing N N 90  
DC  "O5'" "C5'"  sing N N 91  
DC  "C5'" "C4'"  sing N N 92  
DC  "C5'" "H5'"  sing N N 93  
DC  "C5'" "H5''" sing N N 94  
DC  "C4'" "O4'"  sing N N 95  
DC  "C4'" "C3'"  sing N N 96  
DC  "C4'" "H4'"  sing N N 97  
DC  "O4'" "C1'"  sing N N 98  
DC  "C3'" "O3'"  sing N N 99  
DC  "C3'" "C2'"  sing N N 100 
DC  "C3'" "H3'"  sing N N 101 
DC  "O3'" "HO3'" sing N N 102 
DC  "C2'" "C1'"  sing N N 103 
DC  "C2'" "H2'"  sing N N 104 
DC  "C2'" "H2''" sing N N 105 
DC  "C1'" N1     sing N N 106 
DC  "C1'" "H1'"  sing N N 107 
DC  N1    C2     sing N N 108 
DC  N1    C6     sing N N 109 
DC  C2    O2     doub N N 110 
DC  C2    N3     sing N N 111 
DC  N3    C4     doub N N 112 
DC  C4    N4     sing N N 113 
DC  C4    C5     sing N N 114 
DC  N4    H41    sing N N 115 
DC  N4    H42    sing N N 116 
DC  C5    C6     doub N N 117 
DC  C5    H5     sing N N 118 
DC  C6    H6     sing N N 119 
DG  OP3   P      sing N N 120 
DG  OP3   HOP3   sing N N 121 
DG  P     OP1    doub N N 122 
DG  P     OP2    sing N N 123 
DG  P     "O5'"  sing N N 124 
DG  OP2   HOP2   sing N N 125 
DG  "O5'" "C5'"  sing N N 126 
DG  "C5'" "C4'"  sing N N 127 
DG  "C5'" "H5'"  sing N N 128 
DG  "C5'" "H5''" sing N N 129 
DG  "C4'" "O4'"  sing N N 130 
DG  "C4'" "C3'"  sing N N 131 
DG  "C4'" "H4'"  sing N N 132 
DG  "O4'" "C1'"  sing N N 133 
DG  "C3'" "O3'"  sing N N 134 
DG  "C3'" "C2'"  sing N N 135 
DG  "C3'" "H3'"  sing N N 136 
DG  "O3'" "HO3'" sing N N 137 
DG  "C2'" "C1'"  sing N N 138 
DG  "C2'" "H2'"  sing N N 139 
DG  "C2'" "H2''" sing N N 140 
DG  "C1'" N9     sing N N 141 
DG  "C1'" "H1'"  sing N N 142 
DG  N9    C8     sing Y N 143 
DG  N9    C4     sing Y N 144 
DG  C8    N7     doub Y N 145 
DG  C8    H8     sing N N 146 
DG  N7    C5     sing Y N 147 
DG  C5    C6     sing N N 148 
DG  C5    C4     doub Y N 149 
DG  C6    O6     doub N N 150 
DG  C6    N1     sing N N 151 
DG  N1    C2     sing N N 152 
DG  N1    H1     sing N N 153 
DG  C2    N2     sing N N 154 
DG  C2    N3     doub N N 155 
DG  N2    H21    sing N N 156 
DG  N2    H22    sing N N 157 
DG  N3    C4     sing N N 158 
DSN N     CA     sing N N 159 
DSN N     H      sing N N 160 
DSN N     H2     sing N N 161 
DSN CA    C      sing N N 162 
DSN CA    CB     sing N N 163 
DSN CA    HA     sing N N 164 
DSN C     O      doub N N 165 
DSN C     OXT    sing N N 166 
DSN OXT   HXT    sing N N 167 
DSN CB    OG     sing N N 168 
DSN CB    HB2    sing N N 169 
DSN CB    HB3    sing N N 170 
DSN OG    HG     sing N N 171 
DT  OP3   P      sing N N 172 
DT  OP3   HOP3   sing N N 173 
DT  P     OP1    doub N N 174 
DT  P     OP2    sing N N 175 
DT  P     "O5'"  sing N N 176 
DT  OP2   HOP2   sing N N 177 
DT  "O5'" "C5'"  sing N N 178 
DT  "C5'" "C4'"  sing N N 179 
DT  "C5'" "H5'"  sing N N 180 
DT  "C5'" "H5''" sing N N 181 
DT  "C4'" "O4'"  sing N N 182 
DT  "C4'" "C3'"  sing N N 183 
DT  "C4'" "H4'"  sing N N 184 
DT  "O4'" "C1'"  sing N N 185 
DT  "C3'" "O3'"  sing N N 186 
DT  "C3'" "C2'"  sing N N 187 
DT  "C3'" "H3'"  sing N N 188 
DT  "O3'" "HO3'" sing N N 189 
DT  "C2'" "C1'"  sing N N 190 
DT  "C2'" "H2'"  sing N N 191 
DT  "C2'" "H2''" sing N N 192 
DT  "C1'" N1     sing N N 193 
DT  "C1'" "H1'"  sing N N 194 
DT  N1    C2     sing N N 195 
DT  N1    C6     sing N N 196 
DT  C2    O2     doub N N 197 
DT  C2    N3     sing N N 198 
DT  N3    C4     sing N N 199 
DT  N3    H3     sing N N 200 
DT  C4    O4     doub N N 201 
DT  C4    C5     sing N N 202 
DT  C5    C7     sing N N 203 
DT  C5    C6     doub N N 204 
DT  C7    H71    sing N N 205 
DT  C7    H72    sing N N 206 
DT  C7    H73    sing N N 207 
DT  C6    H6     sing N N 208 
HOH O     H1     sing N N 209 
HOH O     H2     sing N N 210 
MVA N     CN     sing N N 211 
MVA N     CA     sing N N 212 
MVA N     H      sing N N 213 
MVA CN    HN1    sing N N 214 
MVA CN    HN2    sing N N 215 
MVA CN    HN3    sing N N 216 
MVA CA    CB     sing N N 217 
MVA CA    C      sing N N 218 
MVA CA    HA     sing N N 219 
MVA CB    CG1    sing N N 220 
MVA CB    CG2    sing N N 221 
MVA CB    HB     sing N N 222 
MVA CG1   HG11   sing N N 223 
MVA CG1   HG12   sing N N 224 
MVA CG1   HG13   sing N N 225 
MVA CG2   HG21   sing N N 226 
MVA CG2   HG22   sing N N 227 
MVA CG2   HG23   sing N N 228 
MVA C     O      doub N N 229 
MVA C     OXT    sing N N 230 
MVA OXT   HXT    sing N N 231 
N2C N     CA     sing N N 232 
N2C N     CN     sing N N 233 
N2C N     H      sing N N 234 
N2C CA    CB     sing N N 235 
N2C CA    C      sing N N 236 
N2C CA    HA     sing N N 237 
N2C CB    SG     sing N N 238 
N2C CB    HB2    sing N N 239 
N2C CB    HB3    sing N N 240 
N2C SG    CD     sing N N 241 
N2C CD    HD1    sing N N 242 
N2C CD    HD2    sing N N 243 
N2C CD    HD3    sing N N 244 
N2C CN    HN1    sing N N 245 
N2C CN    HN2    sing N N 246 
N2C CN    HN3    sing N N 247 
N2C C     O      doub N N 248 
N2C C     OXT    sing N N 249 
N2C OXT   HXT    sing N N 250 
NCY N     CA     sing N N 251 
NCY N     CN     sing N N 252 
NCY N     H      sing N N 253 
NCY CA    CB     sing N N 254 
NCY CA    C      sing N N 255 
NCY CA    HA     sing N N 256 
NCY CB    SG     sing N N 257 
NCY CB    HB2    sing N N 258 
NCY CB    HB3    sing N N 259 
NCY SG    HG     sing N N 260 
NCY CN    HCN1   sing N N 261 
NCY CN    HCN2   sing N N 262 
NCY CN    HCN3   sing N N 263 
NCY C     O      doub N N 264 
NCY C     OXT    sing N N 265 
NCY OXT   HXT    sing N N 266 
QUI N1    C2     doub Y N 267 
QUI N1    C9     sing Y N 268 
QUI C2    C3     sing Y N 269 
QUI C2    C      sing N N 270 
QUI C3    N4     doub Y N 271 
QUI C3    H3     sing N N 272 
QUI N4    C10    sing Y N 273 
QUI C5    C6     doub Y N 274 
QUI C5    C10    sing Y N 275 
QUI C5    H5     sing N N 276 
QUI C6    C7     sing Y N 277 
QUI C6    H6     sing N N 278 
QUI C7    C8     doub Y N 279 
QUI C7    H7     sing N N 280 
QUI C8    C9     sing Y N 281 
QUI C8    H8     sing N N 282 
QUI C9    C10    doub Y N 283 
QUI C     O1     doub N N 284 
QUI C     O2     sing N N 285 
QUI O2    HO2    sing N N 286 
# 
_ndb_struct_conf_na.entry_id   5YTZ 
_ndb_struct_conf_na.feature    'double helix' 
# 
loop_
_ndb_struct_na_base_pair.model_number 
_ndb_struct_na_base_pair.i_label_asym_id 
_ndb_struct_na_base_pair.i_label_comp_id 
_ndb_struct_na_base_pair.i_label_seq_id 
_ndb_struct_na_base_pair.i_symmetry 
_ndb_struct_na_base_pair.j_label_asym_id 
_ndb_struct_na_base_pair.j_label_comp_id 
_ndb_struct_na_base_pair.j_label_seq_id 
_ndb_struct_na_base_pair.j_symmetry 
_ndb_struct_na_base_pair.shear 
_ndb_struct_na_base_pair.stretch 
_ndb_struct_na_base_pair.stagger 
_ndb_struct_na_base_pair.buckle 
_ndb_struct_na_base_pair.propeller 
_ndb_struct_na_base_pair.opening 
_ndb_struct_na_base_pair.pair_number 
_ndb_struct_na_base_pair.pair_name 
_ndb_struct_na_base_pair.i_auth_asym_id 
_ndb_struct_na_base_pair.i_auth_seq_id 
_ndb_struct_na_base_pair.i_PDB_ins_code 
_ndb_struct_na_base_pair.j_auth_asym_id 
_ndb_struct_na_base_pair.j_auth_seq_id 
_ndb_struct_na_base_pair.j_PDB_ins_code 
_ndb_struct_na_base_pair.hbond_type_28 
_ndb_struct_na_base_pair.hbond_type_12 
1 A DA  1 1_555 B BRU 7 1_555 -0.012 -0.112 0.316 11.102  2.708 3.743  1 A_DA1:BRU7_B A 1 ? B 7 ? 20 1 
1 A DC  2 1_555 B DG  6 1_555 0.171  -0.178 0.265 -19.429 2.939 -2.177 2 A_DC2:DG6_B  A 2 ? B 6 ? 19 1 
1 A DG  3 1_555 B DC  5 1_555 -0.278 -0.090 0.177 19.521  4.079 0.071  3 A_DG3:DC5_B  A 3 ? B 5 ? 19 1 
1 A DT  4 1_555 B DT  4 1_555 -2.374 -1.820 0.211 -5.922  5.071 14.868 4 A_DT4:DT4_B  A 4 ? B 4 ? 16 1 
1 A DC  5 1_555 B DG  3 1_555 0.304  -0.189 0.251 -22.297 0.072 -2.039 5 A_DC5:DG3_B  A 5 ? B 3 ? 19 1 
1 A DG  6 1_555 B DC  2 1_555 -0.305 -0.098 0.167 21.013  3.500 -2.070 6 A_DG6:DC2_B  A 6 ? B 2 ? 19 1 
1 A BRU 7 1_555 B DA  1 1_555 0.498  -0.307 0.408 -8.872  6.989 -3.577 7 A_BRU7:DA1_B A 7 ? B 1 ? 20 1 
# 
loop_
_ndb_struct_na_base_pair_step.model_number 
_ndb_struct_na_base_pair_step.i_label_asym_id_1 
_ndb_struct_na_base_pair_step.i_label_comp_id_1 
_ndb_struct_na_base_pair_step.i_label_seq_id_1 
_ndb_struct_na_base_pair_step.i_symmetry_1 
_ndb_struct_na_base_pair_step.j_label_asym_id_1 
_ndb_struct_na_base_pair_step.j_label_comp_id_1 
_ndb_struct_na_base_pair_step.j_label_seq_id_1 
_ndb_struct_na_base_pair_step.j_symmetry_1 
_ndb_struct_na_base_pair_step.i_label_asym_id_2 
_ndb_struct_na_base_pair_step.i_label_comp_id_2 
_ndb_struct_na_base_pair_step.i_label_seq_id_2 
_ndb_struct_na_base_pair_step.i_symmetry_2 
_ndb_struct_na_base_pair_step.j_label_asym_id_2 
_ndb_struct_na_base_pair_step.j_label_comp_id_2 
_ndb_struct_na_base_pair_step.j_label_seq_id_2 
_ndb_struct_na_base_pair_step.j_symmetry_2 
_ndb_struct_na_base_pair_step.shift 
_ndb_struct_na_base_pair_step.slide 
_ndb_struct_na_base_pair_step.rise 
_ndb_struct_na_base_pair_step.tilt 
_ndb_struct_na_base_pair_step.roll 
_ndb_struct_na_base_pair_step.twist 
_ndb_struct_na_base_pair_step.x_displacement 
_ndb_struct_na_base_pair_step.y_displacement 
_ndb_struct_na_base_pair_step.helical_rise 
_ndb_struct_na_base_pair_step.inclination 
_ndb_struct_na_base_pair_step.tip 
_ndb_struct_na_base_pair_step.helical_twist 
_ndb_struct_na_base_pair_step.step_number 
_ndb_struct_na_base_pair_step.step_name 
_ndb_struct_na_base_pair_step.i_auth_asym_id_1 
_ndb_struct_na_base_pair_step.i_auth_seq_id_1 
_ndb_struct_na_base_pair_step.i_PDB_ins_code_1 
_ndb_struct_na_base_pair_step.j_auth_asym_id_1 
_ndb_struct_na_base_pair_step.j_auth_seq_id_1 
_ndb_struct_na_base_pair_step.j_PDB_ins_code_1 
_ndb_struct_na_base_pair_step.i_auth_asym_id_2 
_ndb_struct_na_base_pair_step.i_auth_seq_id_2 
_ndb_struct_na_base_pair_step.i_PDB_ins_code_2 
_ndb_struct_na_base_pair_step.j_auth_asym_id_2 
_ndb_struct_na_base_pair_step.j_auth_seq_id_2 
_ndb_struct_na_base_pair_step.j_PDB_ins_code_2 
1 A DC 2 1_555 B DG 6 1_555 A DG  3 1_555 B DC 5 1_555 0.142  2.821 2.505 1.260  1.286  12.826 11.344 0.510   2.774 5.720  -5.605  
12.951  1 AA_DC2DG3:DC5DG6_BB  A 2 ? B 6 ? A 3 ? B 5 ? 
1 A DG 3 1_555 B DC 5 1_555 A DT  4 1_555 B DT 4 1_555 -0.875 1.017 7.051 -8.570 -3.085 -5.518 5.104  -34.110 3.249 19.937 -55.377 
-10.646 2 AA_DG3DT4:DT4DC5_BB  A 3 ? B 5 ? A 4 ? B 4 ? 
1 A DT 4 1_555 B DT 4 1_555 A DC  5 1_555 B DG 3 1_555 0.598  2.966 6.852 11.873 -5.127 43.461 4.802  1.418   6.423 -6.748 -15.626 
45.255  3 AA_DT4DC5:DG3DT4_BB  A 4 ? B 4 ? A 5 ? B 3 ? 
1 A DC 5 1_555 B DG 3 1_555 A DG  6 1_555 B DC 2 1_555 -0.039 1.920 2.517 -0.361 1.806  3.372  7.609  -3.622  3.115 28.096 5.610   
3.843   4 AA_DC5DG6:DC2DG3_BB  A 5 ? B 3 ? A 6 ? B 2 ? 
1 A DG 6 1_555 B DC 2 1_555 A BRU 7 1_555 B DA 1 1_555 -1.110 1.024 7.285 -9.192 -2.518 34.250 2.513  -1.222  7.242 -4.177 15.246  
35.513  5 AA_DG6BRU7:DA1DC2_BB A 6 ? B 2 ? A 7 ? B 1 ? 
# 
loop_
_pdbx_entity_nonpoly.entity_id 
_pdbx_entity_nonpoly.name 
_pdbx_entity_nonpoly.comp_id 
3 'MANGANESE (II) ION' MN  
4 2-CARBOXYQUINOXALINE QUI 
5 'POTASSIUM ION'      K   
6 water                HOH 
# 
_pdbx_initial_refinement_model.id               1 
_pdbx_initial_refinement_model.entity_id_list   ? 
_pdbx_initial_refinement_model.type             'experimental model' 
_pdbx_initial_refinement_model.source_name      PDB 
_pdbx_initial_refinement_model.accession_code   3GO3 
_pdbx_initial_refinement_model.details          ? 
# 
_pdbx_struct_assembly_auth_evidence.id                     1 
_pdbx_struct_assembly_auth_evidence.assembly_id            1 
_pdbx_struct_assembly_auth_evidence.experimental_support   none 
_pdbx_struct_assembly_auth_evidence.details                ? 
# 
_space_group.name_H-M_alt     'I 41 2 2' 
_space_group.name_Hall        'I 4bw 2bw' 
_space_group.IT_number        98 
_space_group.crystal_system   tetragonal 
_space_group.id               1 
# 
